data_5QHS
# 
_entry.id   5QHS 
# 
_audit_conform.dict_name       mmcif_pdbx.dic 
_audit_conform.dict_version    5.397 
_audit_conform.dict_location   http://mmcif.pdb.org/dictionaries/ascii/mmcif_pdbx.dic 
# 
loop_
_database_2.database_id 
_database_2.database_code 
_database_2.pdbx_database_accession 
_database_2.pdbx_DOI 
PDB   5QHS         pdb_00005qhs 10.2210/pdb5qhs/pdb 
WWPDB D_1001401965 ?            ?                   
# 
loop_
_pdbx_audit_revision_history.ordinal 
_pdbx_audit_revision_history.data_content_type 
_pdbx_audit_revision_history.major_revision 
_pdbx_audit_revision_history.minor_revision 
_pdbx_audit_revision_history.revision_date 
1 'Structure model' 1 0 2018-12-19 
2 'Structure model' 1 1 2024-10-30 
# 
_pdbx_audit_revision_details.ordinal             1 
_pdbx_audit_revision_details.revision_ordinal    1 
_pdbx_audit_revision_details.data_content_type   'Structure model' 
_pdbx_audit_revision_details.provider            repository 
_pdbx_audit_revision_details.type                'Initial release' 
_pdbx_audit_revision_details.description         ? 
_pdbx_audit_revision_details.details             ? 
# 
loop_
_pdbx_audit_revision_group.ordinal 
_pdbx_audit_revision_group.revision_ordinal 
_pdbx_audit_revision_group.data_content_type 
_pdbx_audit_revision_group.group 
1 2 'Structure model' 'Data collection'     
2 2 'Structure model' 'Database references' 
3 2 'Structure model' 'Structure summary'   
# 
loop_
_pdbx_audit_revision_category.ordinal 
_pdbx_audit_revision_category.revision_ordinal 
_pdbx_audit_revision_category.data_content_type 
_pdbx_audit_revision_category.category 
1 2 'Structure model' chem_comp_atom            
2 2 'Structure model' chem_comp_bond            
3 2 'Structure model' database_2                
4 2 'Structure model' pdbx_entry_details        
5 2 'Structure model' pdbx_modification_feature 
# 
loop_
_pdbx_audit_revision_item.ordinal 
_pdbx_audit_revision_item.revision_ordinal 
_pdbx_audit_revision_item.data_content_type 
_pdbx_audit_revision_item.item 
1 2 'Structure model' '_database_2.pdbx_DOI'                
2 2 'Structure model' '_database_2.pdbx_database_accession' 
# 
_pdbx_database_status.entry_id                        5QHS 
_pdbx_database_status.status_code                     REL 
_pdbx_database_status.status_code_sf                  REL 
_pdbx_database_status.status_code_mr                  ? 
_pdbx_database_status.status_code_cs                  ? 
_pdbx_database_status.recvd_initial_deposition_date   2018-05-18 
_pdbx_database_status.deposit_site                    RCSB 
_pdbx_database_status.process_site                    RCSB 
_pdbx_database_status.SG_entry                        ? 
_pdbx_database_status.pdb_format_compatible           Y 
_pdbx_database_status.methods_development_category    ? 
_pdbx_database_status.status_code_nmr_data            ? 
# 
loop_
_audit_author.name 
_audit_author.pdbx_ordinal 
_audit_author.identifier_ORCID 
'Pinkas, D.M.'     1  ? 
'Bufton, J.C.'     2  ? 
'Fox, A.E.'        3  ? 
'Talon, R.'        4  ? 
'Krojer, T.'       5  ? 
'Douangamath, A.'  6  ? 
'Collins, P.'      7  ? 
'Zhang, R.'        8  ? 
'von Delft, F.'    9  ? 
'Bountra, C.'      10 ? 
'Arrowsmith, C.H.' 11 ? 
'Edwards, A.'      12 ? 
'Bullock, A.N.'    13 ? 
# 
_citation.id                        primary 
_citation.title                     'PanDDA analysis group deposition of models with modelled events (e.g. bound ligands)' 
_citation.journal_abbrev            'To Be Published' 
_citation.journal_volume            ? 
_citation.page_first                ? 
_citation.page_last                 ? 
_citation.year                      ? 
_citation.journal_id_ASTM           ? 
_citation.country                   ? 
_citation.journal_id_ISSN           ? 
_citation.journal_id_CSD            0353 
_citation.book_publisher            ? 
_citation.pdbx_database_id_PubMed   ? 
_citation.pdbx_database_id_DOI      ? 
# 
loop_
_citation_author.citation_id 
_citation_author.name 
_citation_author.ordinal 
_citation_author.identifier_ORCID 
primary 'Pinkas, D.M.'     1  ? 
primary 'Bufton, J.C.'     2  ? 
primary 'Fox, A.E.'        3  ? 
primary 'Talon, R.'        4  ? 
primary 'Krojer, T.'       5  ? 
primary 'Douangamath, A.'  6  ? 
primary 'Collins, P.'      7  ? 
primary 'Zhang, R.'        8  ? 
primary 'von Delft, F.'    9  ? 
primary 'Bountra, C.'      10 ? 
primary 'Arrowsmith, C.H.' 11 ? 
primary 'Edwards, A.'      12 ? 
primary 'Bullock, A.N.'    13 ? 
# 
loop_
_entity.id 
_entity.type 
_entity.src_method 
_entity.pdbx_description 
_entity.formula_weight 
_entity.pdbx_number_of_molecules 
_entity.pdbx_ec 
_entity.pdbx_mutation 
_entity.pdbx_fragment 
_entity.details 
1 polymer     man 'Protein FAM83B'                  20783.109 1  ? ? ? ? 
2 non-polymer syn 1,2-ETHANEDIOL                    62.068    2  ? ? ? ? 
3 non-polymer syn 1-methyl-3-oxidanyl-pyridin-2-one 125.125   1  ? ? ? ? 
4 water       nat water                             18.015    91 ? ? ? ? 
# 
_entity_poly.entity_id                      1 
_entity_poly.type                           'polypeptide(L)' 
_entity_poly.nstd_linkage                   no 
_entity_poly.nstd_monomer                   no 
_entity_poly.pdbx_seq_one_letter_code       
;SMGGTHIDLLFHPPRAHLLTIKETIRKMIKEARKVIALVMDIFTDVDIFKEIVEASTRGVSVYILLDESNFNHFLNMTEK
QGCSVQRLRNIRVRTVKGQDYLSKTGAKFHGKMEQKFLLVDCQKVMYGSYSYMWSFEKAHLSMVQIITGQLVESFDEEFR
TLYARSCVPSSFAQEESARV
;
_entity_poly.pdbx_seq_one_letter_code_can   
;SMGGTHIDLLFHPPRAHLLTIKETIRKMIKEARKVIALVMDIFTDVDIFKEIVEASTRGVSVYILLDESNFNHFLNMTEK
QGCSVQRLRNIRVRTVKGQDYLSKTGAKFHGKMEQKFLLVDCQKVMYGSYSYMWSFEKAHLSMVQIITGQLVESFDEEFR
TLYARSCVPSSFAQEESARV
;
_entity_poly.pdbx_strand_id                 A 
_entity_poly.pdbx_target_identifier         ? 
# 
loop_
_pdbx_entity_nonpoly.entity_id 
_pdbx_entity_nonpoly.name 
_pdbx_entity_nonpoly.comp_id 
2 1,2-ETHANEDIOL                    EDO 
3 1-methyl-3-oxidanyl-pyridin-2-one GQV 
4 water                             HOH 
# 
loop_
_entity_poly_seq.entity_id 
_entity_poly_seq.num 
_entity_poly_seq.mon_id 
_entity_poly_seq.hetero 
1 1   SER n 
1 2   MET n 
1 3   GLY n 
1 4   GLY n 
1 5   THR n 
1 6   HIS n 
1 7   ILE n 
1 8   ASP n 
1 9   LEU n 
1 10  LEU n 
1 11  PHE n 
1 12  HIS n 
1 13  PRO n 
1 14  PRO n 
1 15  ARG n 
1 16  ALA n 
1 17  HIS n 
1 18  LEU n 
1 19  LEU n 
1 20  THR n 
1 21  ILE n 
1 22  LYS n 
1 23  GLU n 
1 24  THR n 
1 25  ILE n 
1 26  ARG n 
1 27  LYS n 
1 28  MET n 
1 29  ILE n 
1 30  LYS n 
1 31  GLU n 
1 32  ALA n 
1 33  ARG n 
1 34  LYS n 
1 35  VAL n 
1 36  ILE n 
1 37  ALA n 
1 38  LEU n 
1 39  VAL n 
1 40  MET n 
1 41  ASP n 
1 42  ILE n 
1 43  PHE n 
1 44  THR n 
1 45  ASP n 
1 46  VAL n 
1 47  ASP n 
1 48  ILE n 
1 49  PHE n 
1 50  LYS n 
1 51  GLU n 
1 52  ILE n 
1 53  VAL n 
1 54  GLU n 
1 55  ALA n 
1 56  SER n 
1 57  THR n 
1 58  ARG n 
1 59  GLY n 
1 60  VAL n 
1 61  SER n 
1 62  VAL n 
1 63  TYR n 
1 64  ILE n 
1 65  LEU n 
1 66  LEU n 
1 67  ASP n 
1 68  GLU n 
1 69  SER n 
1 70  ASN n 
1 71  PHE n 
1 72  ASN n 
1 73  HIS n 
1 74  PHE n 
1 75  LEU n 
1 76  ASN n 
1 77  MET n 
1 78  THR n 
1 79  GLU n 
1 80  LYS n 
1 81  GLN n 
1 82  GLY n 
1 83  CYS n 
1 84  SER n 
1 85  VAL n 
1 86  GLN n 
1 87  ARG n 
1 88  LEU n 
1 89  ARG n 
1 90  ASN n 
1 91  ILE n 
1 92  ARG n 
1 93  VAL n 
1 94  ARG n 
1 95  THR n 
1 96  VAL n 
1 97  LYS n 
1 98  GLY n 
1 99  GLN n 
1 100 ASP n 
1 101 TYR n 
1 102 LEU n 
1 103 SER n 
1 104 LYS n 
1 105 THR n 
1 106 GLY n 
1 107 ALA n 
1 108 LYS n 
1 109 PHE n 
1 110 HIS n 
1 111 GLY n 
1 112 LYS n 
1 113 MET n 
1 114 GLU n 
1 115 GLN n 
1 116 LYS n 
1 117 PHE n 
1 118 LEU n 
1 119 LEU n 
1 120 VAL n 
1 121 ASP n 
1 122 CYS n 
1 123 GLN n 
1 124 LYS n 
1 125 VAL n 
1 126 MET n 
1 127 TYR n 
1 128 GLY n 
1 129 SER n 
1 130 TYR n 
1 131 SER n 
1 132 TYR n 
1 133 MET n 
1 134 TRP n 
1 135 SER n 
1 136 PHE n 
1 137 GLU n 
1 138 LYS n 
1 139 ALA n 
1 140 HIS n 
1 141 LEU n 
1 142 SER n 
1 143 MET n 
1 144 VAL n 
1 145 GLN n 
1 146 ILE n 
1 147 ILE n 
1 148 THR n 
1 149 GLY n 
1 150 GLN n 
1 151 LEU n 
1 152 VAL n 
1 153 GLU n 
1 154 SER n 
1 155 PHE n 
1 156 ASP n 
1 157 GLU n 
1 158 GLU n 
1 159 PHE n 
1 160 ARG n 
1 161 THR n 
1 162 LEU n 
1 163 TYR n 
1 164 ALA n 
1 165 ARG n 
1 166 SER n 
1 167 CYS n 
1 168 VAL n 
1 169 PRO n 
1 170 SER n 
1 171 SER n 
1 172 PHE n 
1 173 ALA n 
1 174 GLN n 
1 175 GLU n 
1 176 GLU n 
1 177 SER n 
1 178 ALA n 
1 179 ARG n 
1 180 VAL n 
# 
_entity_src_gen.entity_id                          1 
_entity_src_gen.pdbx_src_id                        1 
_entity_src_gen.pdbx_alt_source_flag               sample 
_entity_src_gen.pdbx_seq_type                      'Biological sequence' 
_entity_src_gen.pdbx_beg_seq_num                   1 
_entity_src_gen.pdbx_end_seq_num                   180 
_entity_src_gen.gene_src_common_name               Human 
_entity_src_gen.gene_src_genus                     ? 
_entity_src_gen.pdbx_gene_src_gene                 'FAM83B, C6orf143' 
_entity_src_gen.gene_src_species                   ? 
_entity_src_gen.gene_src_strain                    ? 
_entity_src_gen.gene_src_tissue                    ? 
_entity_src_gen.gene_src_tissue_fraction           ? 
_entity_src_gen.gene_src_details                   ? 
_entity_src_gen.pdbx_gene_src_fragment             ? 
_entity_src_gen.pdbx_gene_src_scientific_name      'Homo sapiens' 
_entity_src_gen.pdbx_gene_src_ncbi_taxonomy_id     9606 
_entity_src_gen.pdbx_gene_src_variant              ? 
_entity_src_gen.pdbx_gene_src_cell_line            ? 
_entity_src_gen.pdbx_gene_src_atcc                 ? 
_entity_src_gen.pdbx_gene_src_organ                ? 
_entity_src_gen.pdbx_gene_src_organelle            ? 
_entity_src_gen.pdbx_gene_src_cell                 ? 
_entity_src_gen.pdbx_gene_src_cellular_location    ? 
_entity_src_gen.host_org_common_name               ? 
_entity_src_gen.pdbx_host_org_scientific_name      'Escherichia coli' 
_entity_src_gen.pdbx_host_org_ncbi_taxonomy_id     562 
_entity_src_gen.host_org_genus                     ? 
_entity_src_gen.pdbx_host_org_gene                 ? 
_entity_src_gen.pdbx_host_org_organ                ? 
_entity_src_gen.host_org_species                   ? 
_entity_src_gen.pdbx_host_org_tissue               ? 
_entity_src_gen.pdbx_host_org_tissue_fraction      ? 
_entity_src_gen.pdbx_host_org_strain               ? 
_entity_src_gen.pdbx_host_org_variant              ? 
_entity_src_gen.pdbx_host_org_cell_line            ? 
_entity_src_gen.pdbx_host_org_atcc                 ? 
_entity_src_gen.pdbx_host_org_culture_collection   ? 
_entity_src_gen.pdbx_host_org_cell                 ? 
_entity_src_gen.pdbx_host_org_organelle            ? 
_entity_src_gen.pdbx_host_org_cellular_location    ? 
_entity_src_gen.pdbx_host_org_vector_type          ? 
_entity_src_gen.pdbx_host_org_vector               ? 
_entity_src_gen.host_org_details                   ? 
_entity_src_gen.expression_system_id               ? 
_entity_src_gen.plasmid_name                       ? 
_entity_src_gen.plasmid_details                    ? 
_entity_src_gen.pdbx_description                   ? 
# 
loop_
_chem_comp.id 
_chem_comp.type 
_chem_comp.mon_nstd_flag 
_chem_comp.name 
_chem_comp.pdbx_synonyms 
_chem_comp.formula 
_chem_comp.formula_weight 
ALA 'L-peptide linking' y ALANINE                           ?                 'C3 H7 N O2'     89.093  
ARG 'L-peptide linking' y ARGININE                          ?                 'C6 H15 N4 O2 1' 175.209 
ASN 'L-peptide linking' y ASPARAGINE                        ?                 'C4 H8 N2 O3'    132.118 
ASP 'L-peptide linking' y 'ASPARTIC ACID'                   ?                 'C4 H7 N O4'     133.103 
CYS 'L-peptide linking' y CYSTEINE                          ?                 'C3 H7 N O2 S'   121.158 
EDO non-polymer         . 1,2-ETHANEDIOL                    'ETHYLENE GLYCOL' 'C2 H6 O2'       62.068  
GLN 'L-peptide linking' y GLUTAMINE                         ?                 'C5 H10 N2 O3'   146.144 
GLU 'L-peptide linking' y 'GLUTAMIC ACID'                   ?                 'C5 H9 N O4'     147.129 
GLY 'peptide linking'   y GLYCINE                           ?                 'C2 H5 N O2'     75.067  
GQV non-polymer         . 1-methyl-3-oxidanyl-pyridin-2-one ?                 'C6 H7 N O2'     125.125 
HIS 'L-peptide linking' y HISTIDINE                         ?                 'C6 H10 N3 O2 1' 156.162 
HOH non-polymer         . WATER                             ?                 'H2 O'           18.015  
ILE 'L-peptide linking' y ISOLEUCINE                        ?                 'C6 H13 N O2'    131.173 
LEU 'L-peptide linking' y LEUCINE                           ?                 'C6 H13 N O2'    131.173 
LYS 'L-peptide linking' y LYSINE                            ?                 'C6 H15 N2 O2 1' 147.195 
MET 'L-peptide linking' y METHIONINE                        ?                 'C5 H11 N O2 S'  149.211 
PHE 'L-peptide linking' y PHENYLALANINE                     ?                 'C9 H11 N O2'    165.189 
PRO 'L-peptide linking' y PROLINE                           ?                 'C5 H9 N O2'     115.130 
SER 'L-peptide linking' y SERINE                            ?                 'C3 H7 N O3'     105.093 
THR 'L-peptide linking' y THREONINE                         ?                 'C4 H9 N O3'     119.119 
TRP 'L-peptide linking' y TRYPTOPHAN                        ?                 'C11 H12 N2 O2'  204.225 
TYR 'L-peptide linking' y TYROSINE                          ?                 'C9 H11 N O3'    181.189 
VAL 'L-peptide linking' y VALINE                            ?                 'C5 H11 N O2'    117.146 
# 
loop_
_pdbx_poly_seq_scheme.asym_id 
_pdbx_poly_seq_scheme.entity_id 
_pdbx_poly_seq_scheme.seq_id 
_pdbx_poly_seq_scheme.mon_id 
_pdbx_poly_seq_scheme.ndb_seq_num 
_pdbx_poly_seq_scheme.pdb_seq_num 
_pdbx_poly_seq_scheme.auth_seq_num 
_pdbx_poly_seq_scheme.pdb_mon_id 
_pdbx_poly_seq_scheme.auth_mon_id 
_pdbx_poly_seq_scheme.pdb_strand_id 
_pdbx_poly_seq_scheme.pdb_ins_code 
_pdbx_poly_seq_scheme.hetero 
A 1 1   SER 1   1   ?   ?   ?   A . n 
A 1 2   MET 2   2   ?   ?   ?   A . n 
A 1 3   GLY 3   3   3   GLY GLY A . n 
A 1 4   GLY 4   4   4   GLY GLY A . n 
A 1 5   THR 5   5   5   THR THR A . n 
A 1 6   HIS 6   6   6   HIS HIS A . n 
A 1 7   ILE 7   7   7   ILE ILE A . n 
A 1 8   ASP 8   8   8   ASP ASP A . n 
A 1 9   LEU 9   9   9   LEU LEU A . n 
A 1 10  LEU 10  10  10  LEU LEU A . n 
A 1 11  PHE 11  11  11  PHE PHE A . n 
A 1 12  HIS 12  12  12  HIS HIS A . n 
A 1 13  PRO 13  13  13  PRO PRO A . n 
A 1 14  PRO 14  14  14  PRO PRO A . n 
A 1 15  ARG 15  15  15  ARG ARG A . n 
A 1 16  ALA 16  16  16  ALA ALA A . n 
A 1 17  HIS 17  17  17  HIS HIS A . n 
A 1 18  LEU 18  18  18  LEU LEU A . n 
A 1 19  LEU 19  19  19  LEU LEU A . n 
A 1 20  THR 20  20  20  THR THR A . n 
A 1 21  ILE 21  21  21  ILE ILE A . n 
A 1 22  LYS 22  22  22  LYS LYS A . n 
A 1 23  GLU 23  23  23  GLU GLU A . n 
A 1 24  THR 24  24  24  THR THR A . n 
A 1 25  ILE 25  25  25  ILE ILE A . n 
A 1 26  ARG 26  26  26  ARG ARG A . n 
A 1 27  LYS 27  27  27  LYS LYS A . n 
A 1 28  MET 28  28  28  MET MET A . n 
A 1 29  ILE 29  29  29  ILE ILE A . n 
A 1 30  LYS 30  30  30  LYS LYS A . n 
A 1 31  GLU 31  31  31  GLU GLU A . n 
A 1 32  ALA 32  32  32  ALA ALA A . n 
A 1 33  ARG 33  33  33  ARG ARG A . n 
A 1 34  LYS 34  34  34  LYS LYS A . n 
A 1 35  VAL 35  35  35  VAL VAL A . n 
A 1 36  ILE 36  36  36  ILE ILE A . n 
A 1 37  ALA 37  37  37  ALA ALA A . n 
A 1 38  LEU 38  38  38  LEU LEU A . n 
A 1 39  VAL 39  39  39  VAL VAL A . n 
A 1 40  MET 40  40  40  MET MET A . n 
A 1 41  ASP 41  41  41  ASP ASP A . n 
A 1 42  ILE 42  42  42  ILE ILE A . n 
A 1 43  PHE 43  43  43  PHE PHE A . n 
A 1 44  THR 44  44  44  THR THR A . n 
A 1 45  ASP 45  45  45  ASP ASP A . n 
A 1 46  VAL 46  46  46  VAL VAL A . n 
A 1 47  ASP 47  47  47  ASP ASP A . n 
A 1 48  ILE 48  48  48  ILE ILE A . n 
A 1 49  PHE 49  49  49  PHE PHE A . n 
A 1 50  LYS 50  50  50  LYS LYS A . n 
A 1 51  GLU 51  51  51  GLU GLU A . n 
A 1 52  ILE 52  52  52  ILE ILE A . n 
A 1 53  VAL 53  53  53  VAL VAL A . n 
A 1 54  GLU 54  54  54  GLU GLU A . n 
A 1 55  ALA 55  55  55  ALA ALA A . n 
A 1 56  SER 56  56  56  SER SER A . n 
A 1 57  THR 57  57  57  THR THR A . n 
A 1 58  ARG 58  58  58  ARG ARG A . n 
A 1 59  GLY 59  59  59  GLY GLY A . n 
A 1 60  VAL 60  60  60  VAL VAL A . n 
A 1 61  SER 61  61  61  SER SER A . n 
A 1 62  VAL 62  62  62  VAL VAL A . n 
A 1 63  TYR 63  63  63  TYR TYR A . n 
A 1 64  ILE 64  64  64  ILE ILE A . n 
A 1 65  LEU 65  65  65  LEU LEU A . n 
A 1 66  LEU 66  66  66  LEU LEU A . n 
A 1 67  ASP 67  67  67  ASP ASP A . n 
A 1 68  GLU 68  68  68  GLU GLU A . n 
A 1 69  SER 69  69  69  SER SER A . n 
A 1 70  ASN 70  70  70  ASN ASN A . n 
A 1 71  PHE 71  71  71  PHE PHE A . n 
A 1 72  ASN 72  72  72  ASN ASN A . n 
A 1 73  HIS 73  73  73  HIS HIS A . n 
A 1 74  PHE 74  74  74  PHE PHE A . n 
A 1 75  LEU 75  75  75  LEU LEU A . n 
A 1 76  ASN 76  76  76  ASN ASN A . n 
A 1 77  MET 77  77  77  MET MET A . n 
A 1 78  THR 78  78  78  THR THR A . n 
A 1 79  GLU 79  79  79  GLU GLU A . n 
A 1 80  LYS 80  80  80  LYS LYS A . n 
A 1 81  GLN 81  81  81  GLN GLN A . n 
A 1 82  GLY 82  82  82  GLY GLY A . n 
A 1 83  CYS 83  83  83  CYS CYS A . n 
A 1 84  SER 84  84  84  SER SER A . n 
A 1 85  VAL 85  85  85  VAL VAL A . n 
A 1 86  GLN 86  86  86  GLN GLN A . n 
A 1 87  ARG 87  87  87  ARG ARG A . n 
A 1 88  LEU 88  88  88  LEU LEU A . n 
A 1 89  ARG 89  89  89  ARG ARG A . n 
A 1 90  ASN 90  90  90  ASN ASN A . n 
A 1 91  ILE 91  91  91  ILE ILE A . n 
A 1 92  ARG 92  92  92  ARG ARG A . n 
A 1 93  VAL 93  93  93  VAL VAL A . n 
A 1 94  ARG 94  94  94  ARG ARG A . n 
A 1 95  THR 95  95  95  THR THR A . n 
A 1 96  VAL 96  96  96  VAL VAL A . n 
A 1 97  LYS 97  97  97  LYS LYS A . n 
A 1 98  GLY 98  98  98  GLY GLY A . n 
A 1 99  GLN 99  99  99  GLN GLN A . n 
A 1 100 ASP 100 100 100 ASP ASP A . n 
A 1 101 TYR 101 101 101 TYR TYR A . n 
A 1 102 LEU 102 102 ?   ?   ?   A . n 
A 1 103 SER 103 103 ?   ?   ?   A . n 
A 1 104 LYS 104 104 ?   ?   ?   A . n 
A 1 105 THR 105 105 ?   ?   ?   A . n 
A 1 106 GLY 106 106 ?   ?   ?   A . n 
A 1 107 ALA 107 107 ?   ?   ?   A . n 
A 1 108 LYS 108 108 ?   ?   ?   A . n 
A 1 109 PHE 109 109 109 PHE PHE A . n 
A 1 110 HIS 110 110 110 HIS HIS A . n 
A 1 111 GLY 111 111 111 GLY GLY A . n 
A 1 112 LYS 112 112 112 LYS LYS A . n 
A 1 113 MET 113 113 113 MET MET A . n 
A 1 114 GLU 114 114 114 GLU GLU A . n 
A 1 115 GLN 115 115 115 GLN GLN A . n 
A 1 116 LYS 116 116 116 LYS LYS A . n 
A 1 117 PHE 117 117 117 PHE PHE A . n 
A 1 118 LEU 118 118 118 LEU LEU A . n 
A 1 119 LEU 119 119 119 LEU LEU A . n 
A 1 120 VAL 120 120 120 VAL VAL A . n 
A 1 121 ASP 121 121 121 ASP ASP A . n 
A 1 122 CYS 122 122 122 CYS CYS A . n 
A 1 123 GLN 123 123 123 GLN GLN A . n 
A 1 124 LYS 124 124 124 LYS LYS A . n 
A 1 125 VAL 125 125 125 VAL VAL A . n 
A 1 126 MET 126 126 126 MET MET A . n 
A 1 127 TYR 127 127 127 TYR TYR A . n 
A 1 128 GLY 128 128 128 GLY GLY A . n 
A 1 129 SER 129 129 129 SER SER A . n 
A 1 130 TYR 130 130 130 TYR TYR A . n 
A 1 131 SER 131 131 131 SER SER A . n 
A 1 132 TYR 132 132 132 TYR TYR A . n 
A 1 133 MET 133 133 133 MET MET A . n 
A 1 134 TRP 134 134 134 TRP TRP A . n 
A 1 135 SER 135 135 135 SER SER A . n 
A 1 136 PHE 136 136 136 PHE PHE A . n 
A 1 137 GLU 137 137 137 GLU GLU A . n 
A 1 138 LYS 138 138 138 LYS LYS A . n 
A 1 139 ALA 139 139 139 ALA ALA A . n 
A 1 140 HIS 140 140 140 HIS HIS A . n 
A 1 141 LEU 141 141 141 LEU LEU A . n 
A 1 142 SER 142 142 142 SER SER A . n 
A 1 143 MET 143 143 143 MET MET A . n 
A 1 144 VAL 144 144 144 VAL VAL A . n 
A 1 145 GLN 145 145 145 GLN GLN A . n 
A 1 146 ILE 146 146 146 ILE ILE A . n 
A 1 147 ILE 147 147 147 ILE ILE A . n 
A 1 148 THR 148 148 148 THR THR A . n 
A 1 149 GLY 149 149 149 GLY GLY A . n 
A 1 150 GLN 150 150 150 GLN GLN A . n 
A 1 151 LEU 151 151 151 LEU LEU A . n 
A 1 152 VAL 152 152 152 VAL VAL A . n 
A 1 153 GLU 153 153 153 GLU GLU A . n 
A 1 154 SER 154 154 154 SER SER A . n 
A 1 155 PHE 155 155 155 PHE PHE A . n 
A 1 156 ASP 156 156 156 ASP ASP A . n 
A 1 157 GLU 157 157 157 GLU GLU A . n 
A 1 158 GLU 158 158 158 GLU GLU A . n 
A 1 159 PHE 159 159 159 PHE PHE A . n 
A 1 160 ARG 160 160 160 ARG ARG A . n 
A 1 161 THR 161 161 161 THR THR A . n 
A 1 162 LEU 162 162 162 LEU LEU A . n 
A 1 163 TYR 163 163 163 TYR TYR A . n 
A 1 164 ALA 164 164 164 ALA ALA A . n 
A 1 165 ARG 165 165 165 ARG ARG A . n 
A 1 166 SER 166 166 166 SER SER A . n 
A 1 167 CYS 167 167 167 CYS CYS A . n 
A 1 168 VAL 168 168 168 VAL VAL A . n 
A 1 169 PRO 169 169 169 PRO PRO A . n 
A 1 170 SER 170 170 170 SER SER A . n 
A 1 171 SER 171 171 171 SER SER A . n 
A 1 172 PHE 172 172 172 PHE PHE A . n 
A 1 173 ALA 173 173 173 ALA ALA A . n 
A 1 174 GLN 174 174 ?   ?   ?   A . n 
A 1 175 GLU 175 175 ?   ?   ?   A . n 
A 1 176 GLU 176 176 ?   ?   ?   A . n 
A 1 177 SER 177 177 ?   ?   ?   A . n 
A 1 178 ALA 178 178 ?   ?   ?   A . n 
A 1 179 ARG 179 179 ?   ?   ?   A . n 
A 1 180 VAL 180 180 ?   ?   ?   A . n 
# 
loop_
_pdbx_nonpoly_scheme.asym_id 
_pdbx_nonpoly_scheme.entity_id 
_pdbx_nonpoly_scheme.mon_id 
_pdbx_nonpoly_scheme.ndb_seq_num 
_pdbx_nonpoly_scheme.pdb_seq_num 
_pdbx_nonpoly_scheme.auth_seq_num 
_pdbx_nonpoly_scheme.pdb_mon_id 
_pdbx_nonpoly_scheme.auth_mon_id 
_pdbx_nonpoly_scheme.pdb_strand_id 
_pdbx_nonpoly_scheme.pdb_ins_code 
B 2 EDO 1  201 1  EDO EDO A . 
C 2 EDO 1  202 2  EDO EDO A . 
D 3 GQV 1  203 1  GQV LIG A . 
E 4 HOH 1  301 56 HOH HOH A . 
E 4 HOH 2  302 83 HOH HOH A . 
E 4 HOH 3  303 86 HOH HOH A . 
E 4 HOH 4  304 12 HOH HOH A . 
E 4 HOH 5  305 79 HOH HOH A . 
E 4 HOH 6  306 96 HOH HOH A . 
E 4 HOH 7  307 30 HOH HOH A . 
E 4 HOH 8  308 19 HOH HOH A . 
E 4 HOH 9  309 21 HOH HOH A . 
E 4 HOH 10 310 87 HOH HOH A . 
E 4 HOH 11 311 42 HOH HOH A . 
E 4 HOH 12 312 13 HOH HOH A . 
E 4 HOH 13 313 49 HOH HOH A . 
E 4 HOH 14 314 88 HOH HOH A . 
E 4 HOH 15 315 64 HOH HOH A . 
E 4 HOH 16 316 2  HOH HOH A . 
E 4 HOH 17 317 46 HOH HOH A . 
E 4 HOH 18 318 55 HOH HOH A . 
E 4 HOH 19 319 34 HOH HOH A . 
E 4 HOH 20 320 37 HOH HOH A . 
E 4 HOH 21 321 94 HOH HOH A . 
E 4 HOH 22 322 1  HOH HOH A . 
E 4 HOH 23 323 61 HOH HOH A . 
E 4 HOH 24 324 17 HOH HOH A . 
E 4 HOH 25 325 51 HOH HOH A . 
E 4 HOH 26 326 68 HOH HOH A . 
E 4 HOH 27 327 10 HOH HOH A . 
E 4 HOH 28 328 66 HOH HOH A . 
E 4 HOH 29 329 26 HOH HOH A . 
E 4 HOH 30 330 22 HOH HOH A . 
E 4 HOH 31 331 48 HOH HOH A . 
E 4 HOH 32 332 36 HOH HOH A . 
E 4 HOH 33 333 39 HOH HOH A . 
E 4 HOH 34 334 97 HOH HOH A . 
E 4 HOH 35 335 3  HOH HOH A . 
E 4 HOH 36 336 4  HOH HOH A . 
E 4 HOH 37 337 23 HOH HOH A . 
E 4 HOH 38 338 44 HOH HOH A . 
E 4 HOH 39 339 6  HOH HOH A . 
E 4 HOH 40 340 29 HOH HOH A . 
E 4 HOH 41 341 7  HOH HOH A . 
E 4 HOH 42 342 58 HOH HOH A . 
E 4 HOH 43 343 53 HOH HOH A . 
E 4 HOH 44 344 67 HOH HOH A . 
E 4 HOH 45 345 28 HOH HOH A . 
E 4 HOH 46 346 91 HOH HOH A . 
E 4 HOH 47 347 95 HOH HOH A . 
E 4 HOH 48 348 25 HOH HOH A . 
E 4 HOH 49 349 9  HOH HOH A . 
E 4 HOH 50 350 82 HOH HOH A . 
E 4 HOH 51 351 8  HOH HOH A . 
E 4 HOH 52 352 70 HOH HOH A . 
E 4 HOH 53 353 93 HOH HOH A . 
E 4 HOH 54 354 40 HOH HOH A . 
E 4 HOH 55 355 59 HOH HOH A . 
E 4 HOH 56 356 11 HOH HOH A . 
E 4 HOH 57 357 31 HOH HOH A . 
E 4 HOH 58 358 45 HOH HOH A . 
E 4 HOH 59 359 77 HOH HOH A . 
E 4 HOH 60 360 5  HOH HOH A . 
E 4 HOH 61 361 84 HOH HOH A . 
E 4 HOH 62 362 15 HOH HOH A . 
E 4 HOH 63 363 81 HOH HOH A . 
E 4 HOH 64 364 62 HOH HOH A . 
E 4 HOH 65 365 73 HOH HOH A . 
E 4 HOH 66 366 63 HOH HOH A . 
E 4 HOH 67 367 24 HOH HOH A . 
E 4 HOH 68 368 72 HOH HOH A . 
E 4 HOH 69 369 20 HOH HOH A . 
E 4 HOH 70 370 33 HOH HOH A . 
E 4 HOH 71 371 90 HOH HOH A . 
E 4 HOH 72 372 16 HOH HOH A . 
E 4 HOH 73 373 41 HOH HOH A . 
E 4 HOH 74 374 14 HOH HOH A . 
E 4 HOH 75 375 50 HOH HOH A . 
E 4 HOH 76 376 80 HOH HOH A . 
E 4 HOH 77 377 18 HOH HOH A . 
E 4 HOH 78 378 74 HOH HOH A . 
E 4 HOH 79 379 60 HOH HOH A . 
E 4 HOH 80 380 78 HOH HOH A . 
E 4 HOH 81 381 71 HOH HOH A . 
E 4 HOH 82 382 65 HOH HOH A . 
E 4 HOH 83 383 35 HOH HOH A . 
E 4 HOH 84 384 38 HOH HOH A . 
E 4 HOH 85 385 32 HOH HOH A . 
E 4 HOH 86 386 52 HOH HOH A . 
E 4 HOH 87 387 89 HOH HOH A . 
E 4 HOH 88 388 69 HOH HOH A . 
E 4 HOH 89 389 85 HOH HOH A . 
E 4 HOH 90 390 92 HOH HOH A . 
E 4 HOH 91 391 76 HOH HOH A . 
# 
loop_
_pdbx_unobs_or_zero_occ_atoms.id 
_pdbx_unobs_or_zero_occ_atoms.PDB_model_num 
_pdbx_unobs_or_zero_occ_atoms.polymer_flag 
_pdbx_unobs_or_zero_occ_atoms.occupancy_flag 
_pdbx_unobs_or_zero_occ_atoms.auth_asym_id 
_pdbx_unobs_or_zero_occ_atoms.auth_comp_id 
_pdbx_unobs_or_zero_occ_atoms.auth_seq_id 
_pdbx_unobs_or_zero_occ_atoms.PDB_ins_code 
_pdbx_unobs_or_zero_occ_atoms.auth_atom_id 
_pdbx_unobs_or_zero_occ_atoms.label_alt_id 
_pdbx_unobs_or_zero_occ_atoms.label_asym_id 
_pdbx_unobs_or_zero_occ_atoms.label_comp_id 
_pdbx_unobs_or_zero_occ_atoms.label_seq_id 
_pdbx_unobs_or_zero_occ_atoms.label_atom_id 
1 1 Y 1 A ARG 89 ? CG  ? A ARG 89 CG  
2 1 Y 1 A ARG 89 ? CD  ? A ARG 89 CD  
3 1 Y 1 A ARG 89 ? NE  ? A ARG 89 NE  
4 1 Y 1 A ARG 89 ? CZ  ? A ARG 89 CZ  
5 1 Y 1 A ARG 89 ? NH1 ? A ARG 89 NH1 
6 1 Y 1 A ARG 89 ? NH2 ? A ARG 89 NH2 
# 
loop_
_software.pdbx_ordinal 
_software.name 
_software.version 
_software.date 
_software.type 
_software.contact_author 
_software.contact_author_email 
_software.classification 
_software.location 
_software.language 
_software.citation_id 
1 REFMAC      5.8.0189 ?               program 'Garib N. Murshudov' garib@ysbl.york.ac.uk    refinement        
http://www.ccp4.ac.uk/dist/html/refmac5.html        Fortran_77 ? 
2 Aimless     0.5.32   29/03/17        program 'Phil Evans'         ?                        'data scaling'    
http://www.mrc-lmb.cam.ac.uk/harry/pre/aimless.html ?          ? 
3 PDB_EXTRACT 3.23     'SEP. 23, 2016' package PDB                  deposit@deposit.rcsb.org 'data extraction' 
http://sw-tools.pdb.org/apps/PDB_EXTRACT/           C++        ? 
4 XDS         .        ?               program ?                    ?                        'data reduction'  ? ?          ? 
5 REFMAC      .        ?               program ?                    ?                        phasing           ? ?          ? 
# 
_cell.entry_id           5QHS 
_cell.length_a           50.774 
_cell.length_b           50.774 
_cell.length_c           154.078 
_cell.angle_alpha        90.000 
_cell.angle_beta         90.000 
_cell.angle_gamma        90.000 
_cell.Z_PDB              8 
_cell.pdbx_unique_axis   ? 
# 
_symmetry.entry_id                         5QHS 
_symmetry.Int_Tables_number                91 
_symmetry.space_group_name_H-M             'P 41 2 2' 
_symmetry.pdbx_full_space_group_name_H-M   ? 
_symmetry.cell_setting                     ? 
# 
_exptl.crystals_number   1 
_exptl.entry_id          5QHS 
_exptl.method            'X-RAY DIFFRACTION' 
# 
_exptl_crystal.id                    1 
_exptl_crystal.pdbx_mosaicity        0.000 
_exptl_crystal.pdbx_mosaicity_esd    ? 
_exptl_crystal.density_Matthews      2.39 
_exptl_crystal.density_diffrn        ? 
_exptl_crystal.density_meas          ? 
_exptl_crystal.density_meas_temp     ? 
_exptl_crystal.density_percent_sol   48.51 
_exptl_crystal.size_max              ? 
_exptl_crystal.size_mid              ? 
_exptl_crystal.size_min              ? 
_exptl_crystal.size_rad              ? 
_exptl_crystal.description           ? 
# 
_exptl_crystal_grow.crystal_id      1 
_exptl_crystal_grow.method          'VAPOR DIFFUSION, SITTING DROP' 
_exptl_crystal_grow.pH              7.0 
_exptl_crystal_grow.temp            293 
_exptl_crystal_grow.pdbx_details    '27.3% Tacsimate pH 7.0, 0.15 M NaCl' 
_exptl_crystal_grow.temp_details    ? 
_exptl_crystal_grow.pdbx_pH_range   ? 
# 
_diffrn.id                     1 
_diffrn.ambient_temp           100 
_diffrn.crystal_id             1 
_diffrn.ambient_temp_details   ? 
# 
_diffrn_detector.detector               PIXEL 
_diffrn_detector.type                   'DECTRIS PILATUS 6M' 
_diffrn_detector.pdbx_collection_date   2017-08-03 
_diffrn_detector.diffrn_id              1 
_diffrn_detector.details                ? 
# 
_diffrn_radiation.diffrn_id                        1 
_diffrn_radiation.wavelength_id                    1 
_diffrn_radiation.pdbx_diffrn_protocol             'SINGLE WAVELENGTH' 
_diffrn_radiation.pdbx_monochromatic_or_laue_m_l   ? 
_diffrn_radiation.monochromator                    ? 
_diffrn_radiation.pdbx_scattering_type             x-ray 
# 
_diffrn_radiation_wavelength.id           1 
_diffrn_radiation_wavelength.wavelength   0.97625 
_diffrn_radiation_wavelength.wt           1.0 
# 
_diffrn_source.diffrn_id                   1 
_diffrn_source.source                      SYNCHROTRON 
_diffrn_source.type                        'DIAMOND BEAMLINE I04-1' 
_diffrn_source.pdbx_wavelength_list        0.97625 
_diffrn_source.pdbx_synchrotron_site       Diamond 
_diffrn_source.pdbx_synchrotron_beamline   I04-1 
_diffrn_source.pdbx_wavelength             ? 
# 
_reflns.entry_id                     5QHS 
_reflns.pdbx_diffrn_id               1 
_reflns.pdbx_ordinal                 1 
_reflns.observed_criterion_sigma_I   ? 
_reflns.observed_criterion_sigma_F   ? 
_reflns.d_resolution_low             51.410 
_reflns.d_resolution_high            1.950 
_reflns.number_obs                   15563 
_reflns.number_all                   ? 
_reflns.percent_possible_obs         100.000 
_reflns.pdbx_Rmerge_I_obs            0.111 
_reflns.pdbx_Rsym_value              ? 
_reflns.pdbx_netI_over_sigmaI        14.000 
_reflns.B_iso_Wilson_estimate        ? 
_reflns.pdbx_redundancy              12.100 
_reflns.pdbx_Rrim_I_all              0.116 
_reflns.pdbx_Rpim_I_all              0.033 
_reflns.pdbx_CC_half                 0.999 
_reflns.pdbx_netI_over_av_sigmaI     ? 
_reflns.pdbx_number_measured_all     188277 
_reflns.pdbx_scaling_rejects         82 
_reflns.pdbx_chi_squared             ? 
_reflns.Rmerge_F_all                 ? 
_reflns.Rmerge_F_obs                 ? 
_reflns.observed_criterion_F_max     ? 
_reflns.observed_criterion_F_min     ? 
_reflns.observed_criterion_I_max     ? 
_reflns.observed_criterion_I_min     ? 
_reflns.pdbx_d_res_high_opt          ? 
_reflns.pdbx_d_res_low_opt           ? 
_reflns.details                      ? 
# 
loop_
_reflns_shell.pdbx_diffrn_id 
_reflns_shell.pdbx_ordinal 
_reflns_shell.d_res_high 
_reflns_shell.d_res_low 
_reflns_shell.number_measured_obs 
_reflns_shell.number_measured_all 
_reflns_shell.number_unique_obs 
_reflns_shell.pdbx_rejects 
_reflns_shell.Rmerge_I_obs 
_reflns_shell.meanI_over_sigI_obs 
_reflns_shell.pdbx_Rsym_value 
_reflns_shell.pdbx_chi_squared 
_reflns_shell.pdbx_redundancy 
_reflns_shell.percent_possible_obs 
_reflns_shell.pdbx_netI_over_sigmaI_obs 
_reflns_shell.number_possible 
_reflns_shell.number_unique_all 
_reflns_shell.Rmerge_F_all 
_reflns_shell.Rmerge_F_obs 
_reflns_shell.Rmerge_I_all 
_reflns_shell.meanI_over_sigI_all 
_reflns_shell.percent_possible_all 
_reflns_shell.pdbx_Rrim_I_all 
_reflns_shell.pdbx_Rpim_I_all 
_reflns_shell.pdbx_CC_half 
1 1 1.950 2.000  ? 12881 ? ? 1.169 ? ? ? 11.600 ? 2.300  ? 1106 ? ? ? ? 100.000 1.223 0.356 0.509 
1 2 8.720 51.410 ? 2093  ? ? 0.030 ? ? ? 8.800  ? 43.500 ? 238  ? ? ? ? 99.900  0.032 0.010 0.999 
# 
_refine.entry_id                                 5QHS 
_refine.pdbx_refine_id                           'X-RAY DIFFRACTION' 
_refine.ls_d_res_high                            1.9500 
_refine.ls_d_res_low                             50.7700 
_refine.pdbx_ls_sigma_F                          0.000 
_refine.pdbx_data_cutoff_high_absF               ? 
_refine.pdbx_data_cutoff_low_absF                ? 
_refine.ls_percent_reflns_obs                    97.4400 
_refine.ls_number_reflns_obs                     14351 
_refine.ls_number_reflns_all                     ? 
_refine.pdbx_ls_cross_valid_method               THROUGHOUT 
_refine.ls_matrix_type                           ? 
_refine.pdbx_R_Free_selection_details            RANDOM 
_refine.details                                  
'HYDROGENS HAVE BEEN ADDED IN THE RIDING POSITIONS U VALUES      : REFINED INDIVIDUALLY' 
_refine.ls_R_factor_all                          ? 
_refine.ls_R_factor_obs                          0.2056 
_refine.ls_R_factor_R_work                       0.2030 
_refine.ls_wR_factor_R_work                      ? 
_refine.ls_R_factor_R_free                       0.2537 
_refine.ls_wR_factor_R_free                      ? 
_refine.ls_percent_reflns_R_free                 5.3000 
_refine.ls_number_reflns_R_free                  810 
_refine.ls_number_reflns_R_work                  ? 
_refine.ls_R_factor_R_free_error                 ? 
_refine.B_iso_mean                               34.5510 
_refine.solvent_model_param_bsol                 ? 
_refine.solvent_model_param_ksol                 ? 
_refine.pdbx_isotropic_thermal_model             ? 
_refine.aniso_B[1][1]                            0.6100 
_refine.aniso_B[2][2]                            0.6100 
_refine.aniso_B[3][3]                            -1.2300 
_refine.aniso_B[1][2]                            -0.0000 
_refine.aniso_B[1][3]                            -0.0000 
_refine.aniso_B[2][3]                            -0.0000 
_refine.correlation_coeff_Fo_to_Fc               0.9570 
_refine.correlation_coeff_Fo_to_Fc_free          0.9270 
_refine.overall_SU_R_Cruickshank_DPI             ? 
_refine.pdbx_overall_SU_R_free_Cruickshank_DPI   ? 
_refine.pdbx_overall_SU_R_Blow_DPI               ? 
_refine.pdbx_overall_SU_R_free_Blow_DPI          ? 
_refine.overall_SU_R_free                        ? 
_refine.pdbx_overall_ESU_R                       0.1670 
_refine.pdbx_overall_ESU_R_Free                  0.1610 
_refine.overall_SU_ML                            0.1210 
_refine.overall_SU_B                             4.4860 
_refine.solvent_model_details                    MASK 
_refine.pdbx_solvent_vdw_probe_radii             1.2000 
_refine.pdbx_solvent_ion_probe_radii             0.8000 
_refine.pdbx_solvent_shrinkage_radii             0.8000 
_refine.ls_number_parameters                     ? 
_refine.ls_number_restraints                     ? 
_refine.pdbx_starting_model                      5LZK 
_refine.pdbx_method_to_determine_struct          'FOURIER SYNTHESIS' 
_refine.pdbx_stereochemistry_target_values       'MAXIMUM LIKELIHOOD' 
_refine.pdbx_stereochem_target_val_spec_case     ? 
_refine.overall_FOM_work_R_set                   ? 
_refine.B_iso_max                                94.320 
_refine.B_iso_min                                7.230 
_refine.pdbx_overall_phase_error                 ? 
_refine.occupancy_max                            ? 
_refine.occupancy_min                            ? 
_refine.pdbx_diffrn_id                           1 
_refine.pdbx_TLS_residual_ADP_flag               ? 
_refine.pdbx_ls_sigma_I                          ? 
_refine.pdbx_data_cutoff_high_rms_absF           ? 
_refine.ls_R_factor_R_free_error_details         ? 
# 
_refine_hist.cycle_id                         final 
_refine_hist.pdbx_refine_id                   'X-RAY DIFFRACTION' 
_refine_hist.d_res_high                       1.9500 
_refine_hist.d_res_low                        50.7700 
_refine_hist.pdbx_number_atoms_ligand         17 
_refine_hist.number_atoms_solvent             92 
_refine_hist.number_atoms_total               1440 
_refine_hist.pdbx_number_residues_total       164 
_refine_hist.pdbx_B_iso_mean_ligand           45.63 
_refine_hist.pdbx_B_iso_mean_solvent          44.43 
_refine_hist.pdbx_number_atoms_protein        1331 
_refine_hist.pdbx_number_atoms_nucleic_acid   0 
# 
loop_
_refine_ls_restr.pdbx_refine_id 
_refine_ls_restr.type 
_refine_ls_restr.number 
_refine_ls_restr.dev_ideal 
_refine_ls_restr.dev_ideal_target 
_refine_ls_restr.weight 
_refine_ls_restr.pdbx_restraint_function 
'X-RAY DIFFRACTION' r_bond_refined_d       1382 0.018  0.019  ? ? 
'X-RAY DIFFRACTION' r_bond_other_d         1306 0.002  0.020  ? ? 
'X-RAY DIFFRACTION' r_angle_refined_deg    1854 1.828  1.953  ? ? 
'X-RAY DIFFRACTION' r_angle_other_deg      3018 0.993  3.000  ? ? 
'X-RAY DIFFRACTION' r_dihedral_angle_1_deg 164  6.874  5.000  ? ? 
'X-RAY DIFFRACTION' r_dihedral_angle_2_deg 64   42.441 23.438 ? ? 
'X-RAY DIFFRACTION' r_dihedral_angle_3_deg 256  14.958 15.000 ? ? 
'X-RAY DIFFRACTION' r_dihedral_angle_4_deg 9    16.124 15.000 ? ? 
'X-RAY DIFFRACTION' r_chiral_restr         206  0.113  0.200  ? ? 
'X-RAY DIFFRACTION' r_gen_planes_refined   1532 0.009  0.020  ? ? 
'X-RAY DIFFRACTION' r_gen_planes_other     298  0.002  0.020  ? ? 
'X-RAY DIFFRACTION' r_mcbond_it            660  2.964  3.149  ? ? 
'X-RAY DIFFRACTION' r_mcbond_other         661  2.962  3.150  ? ? 
'X-RAY DIFFRACTION' r_mcangle_it           822  4.158  4.683  ? ? 
# 
_refine_ls_shell.d_res_high                       1.9480 
_refine_ls_shell.d_res_low                        1.9990 
_refine_ls_shell.pdbx_total_number_of_bins_used   20 
_refine_ls_shell.percent_reflns_obs               91.8600 
_refine_ls_shell.number_reflns_R_work             946 
_refine_ls_shell.R_factor_all                     ? 
_refine_ls_shell.R_factor_R_work                  0.3530 
_refine_ls_shell.R_factor_R_free                  0.3800 
_refine_ls_shell.percent_reflns_R_free            ? 
_refine_ls_shell.number_reflns_R_free             69 
_refine_ls_shell.R_factor_R_free_error            ? 
_refine_ls_shell.number_reflns_all                1015 
_refine_ls_shell.number_reflns_obs                ? 
_refine_ls_shell.pdbx_refine_id                   'X-RAY DIFFRACTION' 
_refine_ls_shell.R_factor_obs                     ? 
# 
_struct.entry_id                  5QHS 
_struct.title                     
;PanDDA analysis group deposition of models with modelled events (e.g. bound ligands) -- Crystal Structure of human FAM83B in complex with FF000014a
;
_struct.pdbx_model_details        ? 
_struct.pdbx_CASP_flag            ? 
_struct.pdbx_model_type_details   ? 
# 
_struct_keywords.entry_id        5QHS 
_struct_keywords.text            'PanDDA, SGC - Diamond I04-1 fragment screening, DUF1669 domain, XChemExplorer, PROTEIN BINDING' 
_struct_keywords.pdbx_keywords   'PROTEIN BINDING' 
# 
loop_
_struct_asym.id 
_struct_asym.pdbx_blank_PDB_chainid_flag 
_struct_asym.pdbx_modified 
_struct_asym.entity_id 
_struct_asym.details 
A N N 1 ? 
B N N 2 ? 
C N N 2 ? 
D N N 3 ? 
E N N 4 ? 
# 
_struct_ref.id                         1 
_struct_ref.db_name                    UNP 
_struct_ref.db_code                    FA83B_HUMAN 
_struct_ref.pdbx_db_accession          Q5T0W9 
_struct_ref.pdbx_db_isoform            ? 
_struct_ref.entity_id                  1 
_struct_ref.pdbx_seq_one_letter_code   
;GGTHIDLLFHPPRAHLLTIKETIRKMIKEARKVIALVMDIFTDVDIFKEIVEASTRGVSVYILLDESNFNHFLNMTEKQG
CSVQRLRNIRVRTVKGQDYLSKTGAKFHGKMEQKFLLVDCQKVMYGSYSYMWSFEKAHLSMVQIITGQLVESFDEEFRTL
YARSCVPSSFAQEESARV
;
_struct_ref.pdbx_align_begin           117 
# 
_struct_ref_seq.align_id                      1 
_struct_ref_seq.ref_id                        1 
_struct_ref_seq.pdbx_PDB_id_code              5QHS 
_struct_ref_seq.pdbx_strand_id                A 
_struct_ref_seq.seq_align_beg                 3 
_struct_ref_seq.pdbx_seq_align_beg_ins_code   ? 
_struct_ref_seq.seq_align_end                 180 
_struct_ref_seq.pdbx_seq_align_end_ins_code   ? 
_struct_ref_seq.pdbx_db_accession             Q5T0W9 
_struct_ref_seq.db_align_beg                  117 
_struct_ref_seq.pdbx_db_align_beg_ins_code    ? 
_struct_ref_seq.db_align_end                  294 
_struct_ref_seq.pdbx_db_align_end_ins_code    ? 
_struct_ref_seq.pdbx_auth_seq_align_beg       3 
_struct_ref_seq.pdbx_auth_seq_align_end       180 
# 
loop_
_struct_ref_seq_dif.align_id 
_struct_ref_seq_dif.pdbx_pdb_id_code 
_struct_ref_seq_dif.mon_id 
_struct_ref_seq_dif.pdbx_pdb_strand_id 
_struct_ref_seq_dif.seq_num 
_struct_ref_seq_dif.pdbx_pdb_ins_code 
_struct_ref_seq_dif.pdbx_seq_db_name 
_struct_ref_seq_dif.pdbx_seq_db_accession_code 
_struct_ref_seq_dif.db_mon_id 
_struct_ref_seq_dif.pdbx_seq_db_seq_num 
_struct_ref_seq_dif.details 
_struct_ref_seq_dif.pdbx_auth_seq_num 
_struct_ref_seq_dif.pdbx_ordinal 
1 5QHS SER A 1 ? UNP Q5T0W9 ? ? 'expression tag' 1 1 
1 5QHS MET A 2 ? UNP Q5T0W9 ? ? 'expression tag' 2 2 
# 
_pdbx_struct_assembly.id                   1 
_pdbx_struct_assembly.details              author_and_software_defined_assembly 
_pdbx_struct_assembly.method_details       PISA 
_pdbx_struct_assembly.oligomeric_details   dimeric 
_pdbx_struct_assembly.oligomeric_count     2 
# 
loop_
_pdbx_struct_assembly_prop.biol_id 
_pdbx_struct_assembly_prop.type 
_pdbx_struct_assembly_prop.value 
_pdbx_struct_assembly_prop.details 
1 'ABSA (A^2)' 3860  ? 
1 MORE         -5    ? 
1 'SSA (A^2)'  14870 ? 
# 
_pdbx_struct_assembly_gen.assembly_id       1 
_pdbx_struct_assembly_gen.oper_expression   1,2 
_pdbx_struct_assembly_gen.asym_id_list      A,B,C,D,E 
# 
loop_
_pdbx_struct_oper_list.id 
_pdbx_struct_oper_list.type 
_pdbx_struct_oper_list.name 
_pdbx_struct_oper_list.symmetry_operation 
_pdbx_struct_oper_list.matrix[1][1] 
_pdbx_struct_oper_list.matrix[1][2] 
_pdbx_struct_oper_list.matrix[1][3] 
_pdbx_struct_oper_list.vector[1] 
_pdbx_struct_oper_list.matrix[2][1] 
_pdbx_struct_oper_list.matrix[2][2] 
_pdbx_struct_oper_list.matrix[2][3] 
_pdbx_struct_oper_list.vector[2] 
_pdbx_struct_oper_list.matrix[3][1] 
_pdbx_struct_oper_list.matrix[3][2] 
_pdbx_struct_oper_list.matrix[3][3] 
_pdbx_struct_oper_list.vector[3] 
1 'identity operation'         1_555 x,y,z          1.0000000000  0.0000000000 0.0000000000 0.0000000000   0.0000000000 1.0000000000  0.0000000000 0.0000000000  0.0000000000 0.0000000000 1.0000000000 0.0000000000  
2 'crystal symmetry operation' 7_465 y-1,x+1,-z+3/4 -0.8595839057 0.2842373490 0.4246464865 -19.8307797836 0.2842373490 -0.4246324043 0.8595908624 15.2190734972 0.4246464865 0.8595908624 0.2842163099 -3.6295330595 
# 
loop_
_struct_conf.conf_type_id 
_struct_conf.id 
_struct_conf.pdbx_PDB_helix_id 
_struct_conf.beg_label_comp_id 
_struct_conf.beg_label_asym_id 
_struct_conf.beg_label_seq_id 
_struct_conf.pdbx_beg_PDB_ins_code 
_struct_conf.end_label_comp_id 
_struct_conf.end_label_asym_id 
_struct_conf.end_label_seq_id 
_struct_conf.pdbx_end_PDB_ins_code 
_struct_conf.beg_auth_comp_id 
_struct_conf.beg_auth_asym_id 
_struct_conf.beg_auth_seq_id 
_struct_conf.end_auth_comp_id 
_struct_conf.end_auth_asym_id 
_struct_conf.end_auth_seq_id 
_struct_conf.pdbx_PDB_helix_class 
_struct_conf.details 
_struct_conf.pdbx_PDB_helix_length 
HELX_P HELX_P1 AA1 THR A 20  ? GLU A 31  ? THR A 20  GLU A 31  1 ? 12 
HELX_P HELX_P2 AA2 ASP A 45  ? ARG A 58  ? ASP A 45  ARG A 58  1 ? 14 
HELX_P HELX_P3 AA3 ASN A 70  ? GLN A 81  ? ASN A 70  GLN A 81  1 ? 12 
HELX_P HELX_P4 AA4 SER A 84  ? LEU A 88  ? SER A 84  LEU A 88  5 ? 5  
HELX_P HELX_P5 AA5 MET A 133 ? ALA A 139 ? MET A 133 ALA A 139 1 ? 7  
HELX_P HELX_P6 AA6 GLN A 150 ? ARG A 165 ? GLN A 150 ARG A 165 1 ? 16 
# 
_struct_conf_type.id          HELX_P 
_struct_conf_type.criteria    ? 
_struct_conf_type.reference   ? 
# 
_struct_conn.id                            disulf1 
_struct_conn.conn_type_id                  disulf 
_struct_conn.pdbx_leaving_atom_flag        ? 
_struct_conn.pdbx_PDB_id                   ? 
_struct_conn.ptnr1_label_asym_id           A 
_struct_conn.ptnr1_label_comp_id           CYS 
_struct_conn.ptnr1_label_seq_id            167 
_struct_conn.ptnr1_label_atom_id           SG 
_struct_conn.pdbx_ptnr1_label_alt_id       ? 
_struct_conn.pdbx_ptnr1_PDB_ins_code       ? 
_struct_conn.pdbx_ptnr1_standard_comp_id   ? 
_struct_conn.ptnr1_symmetry                1_555 
_struct_conn.ptnr2_label_asym_id           A 
_struct_conn.ptnr2_label_comp_id           CYS 
_struct_conn.ptnr2_label_seq_id            167 
_struct_conn.ptnr2_label_atom_id           SG 
_struct_conn.pdbx_ptnr2_label_alt_id       ? 
_struct_conn.pdbx_ptnr2_PDB_ins_code       ? 
_struct_conn.ptnr1_auth_asym_id            A 
_struct_conn.ptnr1_auth_comp_id            CYS 
_struct_conn.ptnr1_auth_seq_id             167 
_struct_conn.ptnr2_auth_asym_id            A 
_struct_conn.ptnr2_auth_comp_id            CYS 
_struct_conn.ptnr2_auth_seq_id             167 
_struct_conn.ptnr2_symmetry                5_556 
_struct_conn.pdbx_ptnr3_label_atom_id      ? 
_struct_conn.pdbx_ptnr3_label_seq_id       ? 
_struct_conn.pdbx_ptnr3_label_comp_id      ? 
_struct_conn.pdbx_ptnr3_label_asym_id      ? 
_struct_conn.pdbx_ptnr3_label_alt_id       ? 
_struct_conn.pdbx_ptnr3_PDB_ins_code       ? 
_struct_conn.details                       ? 
_struct_conn.pdbx_dist_value               2.067 
_struct_conn.pdbx_value_order              ? 
_struct_conn.pdbx_role                     ? 
# 
_struct_conn_type.id          disulf 
_struct_conn_type.criteria    ? 
_struct_conn_type.reference   ? 
# 
_pdbx_modification_feature.ordinal                            1 
_pdbx_modification_feature.label_comp_id                      CYS 
_pdbx_modification_feature.label_asym_id                      A 
_pdbx_modification_feature.label_seq_id                       167 
_pdbx_modification_feature.label_alt_id                       ? 
_pdbx_modification_feature.modified_residue_label_comp_id     CYS 
_pdbx_modification_feature.modified_residue_label_asym_id     A 
_pdbx_modification_feature.modified_residue_label_seq_id      167 
_pdbx_modification_feature.modified_residue_label_alt_id      ? 
_pdbx_modification_feature.auth_comp_id                       CYS 
_pdbx_modification_feature.auth_asym_id                       A 
_pdbx_modification_feature.auth_seq_id                        167 
_pdbx_modification_feature.PDB_ins_code                       ? 
_pdbx_modification_feature.symmetry                           1_555 
_pdbx_modification_feature.modified_residue_auth_comp_id      CYS 
_pdbx_modification_feature.modified_residue_auth_asym_id      A 
_pdbx_modification_feature.modified_residue_auth_seq_id       167 
_pdbx_modification_feature.modified_residue_PDB_ins_code      ? 
_pdbx_modification_feature.modified_residue_symmetry          5_556 
_pdbx_modification_feature.comp_id_linking_atom               SG 
_pdbx_modification_feature.modified_residue_id_linking_atom   SG 
_pdbx_modification_feature.modified_residue_id                . 
_pdbx_modification_feature.ref_pcm_id                         . 
_pdbx_modification_feature.ref_comp_id                        . 
_pdbx_modification_feature.type                               None 
_pdbx_modification_feature.category                           'Disulfide bridge' 
# 
_struct_mon_prot_cis.pdbx_id                1 
_struct_mon_prot_cis.label_comp_id          HIS 
_struct_mon_prot_cis.label_seq_id           12 
_struct_mon_prot_cis.label_asym_id          A 
_struct_mon_prot_cis.label_alt_id           . 
_struct_mon_prot_cis.pdbx_PDB_ins_code      ? 
_struct_mon_prot_cis.auth_comp_id           HIS 
_struct_mon_prot_cis.auth_seq_id            12 
_struct_mon_prot_cis.auth_asym_id           A 
_struct_mon_prot_cis.pdbx_label_comp_id_2   PRO 
_struct_mon_prot_cis.pdbx_label_seq_id_2    13 
_struct_mon_prot_cis.pdbx_label_asym_id_2   A 
_struct_mon_prot_cis.pdbx_PDB_ins_code_2    ? 
_struct_mon_prot_cis.pdbx_auth_comp_id_2    PRO 
_struct_mon_prot_cis.pdbx_auth_seq_id_2     13 
_struct_mon_prot_cis.pdbx_auth_asym_id_2    A 
_struct_mon_prot_cis.pdbx_PDB_model_num     1 
_struct_mon_prot_cis.pdbx_omega_angle       -3.36 
# 
_struct_sheet.id               AA1 
_struct_sheet.type             ? 
_struct_sheet.number_strands   7 
_struct_sheet.details          ? 
# 
loop_
_struct_sheet_order.sheet_id 
_struct_sheet_order.range_id_1 
_struct_sheet_order.range_id_2 
_struct_sheet_order.offset 
_struct_sheet_order.sense 
AA1 1 2 ? anti-parallel 
AA1 2 3 ? anti-parallel 
AA1 3 4 ? anti-parallel 
AA1 4 5 ? anti-parallel 
AA1 5 6 ? parallel      
AA1 6 7 ? parallel      
# 
loop_
_struct_sheet_range.sheet_id 
_struct_sheet_range.id 
_struct_sheet_range.beg_label_comp_id 
_struct_sheet_range.beg_label_asym_id 
_struct_sheet_range.beg_label_seq_id 
_struct_sheet_range.pdbx_beg_PDB_ins_code 
_struct_sheet_range.end_label_comp_id 
_struct_sheet_range.end_label_asym_id 
_struct_sheet_range.end_label_seq_id 
_struct_sheet_range.pdbx_end_PDB_ins_code 
_struct_sheet_range.beg_auth_comp_id 
_struct_sheet_range.beg_auth_asym_id 
_struct_sheet_range.beg_auth_seq_id 
_struct_sheet_range.end_auth_comp_id 
_struct_sheet_range.end_auth_asym_id 
_struct_sheet_range.end_auth_seq_id 
AA1 1 THR A 5   ? HIS A 12  ? THR A 5   HIS A 12  
AA1 2 SER A 142 ? GLY A 149 ? SER A 142 GLY A 149 
AA1 3 LYS A 124 ? GLY A 128 ? LYS A 124 GLY A 128 
AA1 4 PHE A 117 ? VAL A 120 ? PHE A 117 VAL A 120 
AA1 5 VAL A 35  ? MET A 40  ? VAL A 35  MET A 40  
AA1 6 SER A 61  ? ASP A 67  ? SER A 61  ASP A 67  
AA1 7 ILE A 91  ? VAL A 96  ? ILE A 91  VAL A 96  
# 
loop_
_pdbx_struct_sheet_hbond.sheet_id 
_pdbx_struct_sheet_hbond.range_id_1 
_pdbx_struct_sheet_hbond.range_id_2 
_pdbx_struct_sheet_hbond.range_1_label_atom_id 
_pdbx_struct_sheet_hbond.range_1_label_comp_id 
_pdbx_struct_sheet_hbond.range_1_label_asym_id 
_pdbx_struct_sheet_hbond.range_1_label_seq_id 
_pdbx_struct_sheet_hbond.range_1_PDB_ins_code 
_pdbx_struct_sheet_hbond.range_1_auth_atom_id 
_pdbx_struct_sheet_hbond.range_1_auth_comp_id 
_pdbx_struct_sheet_hbond.range_1_auth_asym_id 
_pdbx_struct_sheet_hbond.range_1_auth_seq_id 
_pdbx_struct_sheet_hbond.range_2_label_atom_id 
_pdbx_struct_sheet_hbond.range_2_label_comp_id 
_pdbx_struct_sheet_hbond.range_2_label_asym_id 
_pdbx_struct_sheet_hbond.range_2_label_seq_id 
_pdbx_struct_sheet_hbond.range_2_PDB_ins_code 
_pdbx_struct_sheet_hbond.range_2_auth_atom_id 
_pdbx_struct_sheet_hbond.range_2_auth_comp_id 
_pdbx_struct_sheet_hbond.range_2_auth_asym_id 
_pdbx_struct_sheet_hbond.range_2_auth_seq_id 
AA1 1 2 N HIS A 6   ? N HIS A 6   O THR A 148 ? O THR A 148 
AA1 2 3 O ILE A 147 ? O ILE A 147 N VAL A 125 ? N VAL A 125 
AA1 3 4 O LYS A 124 ? O LYS A 124 N VAL A 120 ? N VAL A 120 
AA1 4 5 O LEU A 119 ? O LEU A 119 N ALA A 37  ? N ALA A 37  
AA1 5 6 N LEU A 38  ? N LEU A 38  O LEU A 65  ? O LEU A 65  
AA1 6 7 N ILE A 64  ? N ILE A 64  O ARG A 92  ? O ARG A 92  
# 
loop_
_struct_site.id 
_struct_site.pdbx_evidence_code 
_struct_site.pdbx_auth_asym_id 
_struct_site.pdbx_auth_comp_id 
_struct_site.pdbx_auth_seq_id 
_struct_site.pdbx_auth_ins_code 
_struct_site.pdbx_num_residues 
_struct_site.details 
AC1 Software A EDO 201 ? 3  'binding site for residue EDO A 201' 
AC2 Software A EDO 202 ? 4  'binding site for residue EDO A 202' 
AC3 Software A GQV 203 ? 14 'binding site for residue GQV A 203' 
# 
loop_
_struct_site_gen.id 
_struct_site_gen.site_id 
_struct_site_gen.pdbx_num_res 
_struct_site_gen.label_comp_id 
_struct_site_gen.label_asym_id 
_struct_site_gen.label_seq_id 
_struct_site_gen.pdbx_auth_ins_code 
_struct_site_gen.auth_comp_id 
_struct_site_gen.auth_asym_id 
_struct_site_gen.auth_seq_id 
_struct_site_gen.label_atom_id 
_struct_site_gen.label_alt_id 
_struct_site_gen.symmetry 
_struct_site_gen.details 
1  AC1 3  ILE A 7   ? ILE A 7   . ? 1_555 ? 
2  AC1 3  ASP A 8   ? ASP A 8   . ? 1_555 ? 
3  AC1 3  LEU A 9   ? LEU A 9   . ? 1_555 ? 
4  AC2 4  LYS A 27  ? LYS A 27  . ? 1_555 ? 
5  AC2 4  LYS A 124 ? LYS A 124 . ? 1_555 ? 
6  AC2 4  HOH E .   ? HOH A 313 . ? 1_555 ? 
7  AC2 4  HOH E .   ? HOH A 331 . ? 1_555 ? 
8  AC3 14 LYS A 116 ? LYS A 116 . ? 7_465 ? 
9  AC3 14 LYS A 116 ? LYS A 116 . ? 1_555 ? 
10 AC3 14 TYR A 127 ? TYR A 127 . ? 1_555 ? 
11 AC3 14 TYR A 127 ? TYR A 127 . ? 7_465 ? 
12 AC3 14 GLY A 128 ? GLY A 128 . ? 1_555 ? 
13 AC3 14 GLY A 128 ? GLY A 128 . ? 7_465 ? 
14 AC3 14 SER A 129 ? SER A 129 . ? 1_555 ? 
15 AC3 14 SER A 129 ? SER A 129 . ? 7_465 ? 
16 AC3 14 HOH E .   ? HOH A 334 . ? 1_555 ? 
17 AC3 14 HOH E .   ? HOH A 334 . ? 7_465 ? 
18 AC3 14 HOH E .   ? HOH A 348 . ? 7_465 ? 
19 AC3 14 HOH E .   ? HOH A 348 . ? 1_555 ? 
20 AC3 14 HOH E .   ? HOH A 378 . ? 7_465 ? 
21 AC3 14 HOH E .   ? HOH A 378 . ? 1_555 ? 
# 
_pdbx_entry_details.entry_id                   5QHS 
_pdbx_entry_details.compound_details           ? 
_pdbx_entry_details.source_details             ? 
_pdbx_entry_details.nonpolymer_details         ? 
_pdbx_entry_details.sequence_details           ? 
_pdbx_entry_details.has_ligand_of_interest     ? 
_pdbx_entry_details.has_protein_modification   Y 
# 
loop_
_pdbx_validate_close_contact.id 
_pdbx_validate_close_contact.PDB_model_num 
_pdbx_validate_close_contact.auth_atom_id_1 
_pdbx_validate_close_contact.auth_asym_id_1 
_pdbx_validate_close_contact.auth_comp_id_1 
_pdbx_validate_close_contact.auth_seq_id_1 
_pdbx_validate_close_contact.PDB_ins_code_1 
_pdbx_validate_close_contact.label_alt_id_1 
_pdbx_validate_close_contact.auth_atom_id_2 
_pdbx_validate_close_contact.auth_asym_id_2 
_pdbx_validate_close_contact.auth_comp_id_2 
_pdbx_validate_close_contact.auth_seq_id_2 
_pdbx_validate_close_contact.PDB_ins_code_2 
_pdbx_validate_close_contact.label_alt_id_2 
_pdbx_validate_close_contact.dist 
1 1 O A HOH 352 ? ? O A HOH 388 ? ? 2.08 
2 1 O A HOH 365 ? ? O A HOH 373 ? ? 2.16 
# 
_pdbx_validate_symm_contact.id                1 
_pdbx_validate_symm_contact.PDB_model_num     1 
_pdbx_validate_symm_contact.auth_atom_id_1    NH2 
_pdbx_validate_symm_contact.auth_asym_id_1    A 
_pdbx_validate_symm_contact.auth_comp_id_1    ARG 
_pdbx_validate_symm_contact.auth_seq_id_1     15 
_pdbx_validate_symm_contact.PDB_ins_code_1    ? 
_pdbx_validate_symm_contact.label_alt_id_1    ? 
_pdbx_validate_symm_contact.site_symmetry_1   1_555 
_pdbx_validate_symm_contact.auth_atom_id_2    OE1 
_pdbx_validate_symm_contact.auth_asym_id_2    A 
_pdbx_validate_symm_contact.auth_comp_id_2    GLU 
_pdbx_validate_symm_contact.auth_seq_id_2     158 
_pdbx_validate_symm_contact.PDB_ins_code_2    ? 
_pdbx_validate_symm_contact.label_alt_id_2    ? 
_pdbx_validate_symm_contact.site_symmetry_2   7_465 
_pdbx_validate_symm_contact.dist              2.17 
# 
loop_
_pdbx_validate_rmsd_angle.id 
_pdbx_validate_rmsd_angle.PDB_model_num 
_pdbx_validate_rmsd_angle.auth_atom_id_1 
_pdbx_validate_rmsd_angle.auth_asym_id_1 
_pdbx_validate_rmsd_angle.auth_comp_id_1 
_pdbx_validate_rmsd_angle.auth_seq_id_1 
_pdbx_validate_rmsd_angle.PDB_ins_code_1 
_pdbx_validate_rmsd_angle.label_alt_id_1 
_pdbx_validate_rmsd_angle.auth_atom_id_2 
_pdbx_validate_rmsd_angle.auth_asym_id_2 
_pdbx_validate_rmsd_angle.auth_comp_id_2 
_pdbx_validate_rmsd_angle.auth_seq_id_2 
_pdbx_validate_rmsd_angle.PDB_ins_code_2 
_pdbx_validate_rmsd_angle.label_alt_id_2 
_pdbx_validate_rmsd_angle.auth_atom_id_3 
_pdbx_validate_rmsd_angle.auth_asym_id_3 
_pdbx_validate_rmsd_angle.auth_comp_id_3 
_pdbx_validate_rmsd_angle.auth_seq_id_3 
_pdbx_validate_rmsd_angle.PDB_ins_code_3 
_pdbx_validate_rmsd_angle.label_alt_id_3 
_pdbx_validate_rmsd_angle.angle_value 
_pdbx_validate_rmsd_angle.angle_target_value 
_pdbx_validate_rmsd_angle.angle_deviation 
_pdbx_validate_rmsd_angle.angle_standard_deviation 
_pdbx_validate_rmsd_angle.linker_flag 
1 1 NE A ARG 15  ? ? CZ A ARG 15  ? ? NH1 A ARG 15  ? ? 123.84 120.30 3.54  0.50 N 
2 1 NE A ARG 15  ? ? CZ A ARG 15  ? ? NH2 A ARG 15  ? ? 117.04 120.30 -3.26 0.50 N 
3 1 CB A ASP 41  ? ? CG A ASP 41  ? ? OD1 A ASP 41  ? ? 123.88 118.30 5.58  0.90 N 
4 1 NE A ARG 165 ? ? CZ A ARG 165 ? ? NH2 A ARG 165 ? ? 116.52 120.30 -3.78 0.50 N 
# 
loop_
_pdbx_validate_torsion.id 
_pdbx_validate_torsion.PDB_model_num 
_pdbx_validate_torsion.auth_comp_id 
_pdbx_validate_torsion.auth_asym_id 
_pdbx_validate_torsion.auth_seq_id 
_pdbx_validate_torsion.PDB_ins_code 
_pdbx_validate_torsion.label_alt_id 
_pdbx_validate_torsion.phi 
_pdbx_validate_torsion.psi 
1 1 LYS A 34  ? ? -132.87 -55.10 
2 1 CYS A 83  ? ? -159.75 60.53  
3 1 GLN A 123 ? ? -132.13 -37.92 
# 
_phasing.method   MR 
# 
loop_
_pdbx_unobs_or_zero_occ_residues.id 
_pdbx_unobs_or_zero_occ_residues.PDB_model_num 
_pdbx_unobs_or_zero_occ_residues.polymer_flag 
_pdbx_unobs_or_zero_occ_residues.occupancy_flag 
_pdbx_unobs_or_zero_occ_residues.auth_asym_id 
_pdbx_unobs_or_zero_occ_residues.auth_comp_id 
_pdbx_unobs_or_zero_occ_residues.auth_seq_id 
_pdbx_unobs_or_zero_occ_residues.PDB_ins_code 
_pdbx_unobs_or_zero_occ_residues.label_asym_id 
_pdbx_unobs_or_zero_occ_residues.label_comp_id 
_pdbx_unobs_or_zero_occ_residues.label_seq_id 
1  1 Y 1 A SER 1   ? A SER 1   
2  1 Y 1 A MET 2   ? A MET 2   
3  1 Y 1 A LEU 102 ? A LEU 102 
4  1 Y 1 A SER 103 ? A SER 103 
5  1 Y 1 A LYS 104 ? A LYS 104 
6  1 Y 1 A THR 105 ? A THR 105 
7  1 Y 1 A GLY 106 ? A GLY 106 
8  1 Y 1 A ALA 107 ? A ALA 107 
9  1 Y 1 A LYS 108 ? A LYS 108 
10 1 Y 1 A GLN 174 ? A GLN 174 
11 1 Y 1 A GLU 175 ? A GLU 175 
12 1 Y 1 A GLU 176 ? A GLU 176 
13 1 Y 1 A SER 177 ? A SER 177 
14 1 Y 1 A ALA 178 ? A ALA 178 
15 1 Y 1 A ARG 179 ? A ARG 179 
16 1 Y 1 A VAL 180 ? A VAL 180 
# 
loop_
_chem_comp_atom.comp_id 
_chem_comp_atom.atom_id 
_chem_comp_atom.type_symbol 
_chem_comp_atom.pdbx_aromatic_flag 
_chem_comp_atom.pdbx_stereo_config 
_chem_comp_atom.pdbx_ordinal 
ALA N    N N N 1   
ALA CA   C N S 2   
ALA C    C N N 3   
ALA O    O N N 4   
ALA CB   C N N 5   
ALA OXT  O N N 6   
ALA H    H N N 7   
ALA H2   H N N 8   
ALA HA   H N N 9   
ALA HB1  H N N 10  
ALA HB2  H N N 11  
ALA HB3  H N N 12  
ALA HXT  H N N 13  
ARG N    N N N 14  
ARG CA   C N S 15  
ARG C    C N N 16  
ARG O    O N N 17  
ARG CB   C N N 18  
ARG CG   C N N 19  
ARG CD   C N N 20  
ARG NE   N N N 21  
ARG CZ   C N N 22  
ARG NH1  N N N 23  
ARG NH2  N N N 24  
ARG OXT  O N N 25  
ARG H    H N N 26  
ARG H2   H N N 27  
ARG HA   H N N 28  
ARG HB2  H N N 29  
ARG HB3  H N N 30  
ARG HG2  H N N 31  
ARG HG3  H N N 32  
ARG HD2  H N N 33  
ARG HD3  H N N 34  
ARG HE   H N N 35  
ARG HH11 H N N 36  
ARG HH12 H N N 37  
ARG HH21 H N N 38  
ARG HH22 H N N 39  
ARG HXT  H N N 40  
ASN N    N N N 41  
ASN CA   C N S 42  
ASN C    C N N 43  
ASN O    O N N 44  
ASN CB   C N N 45  
ASN CG   C N N 46  
ASN OD1  O N N 47  
ASN ND2  N N N 48  
ASN OXT  O N N 49  
ASN H    H N N 50  
ASN H2   H N N 51  
ASN HA   H N N 52  
ASN HB2  H N N 53  
ASN HB3  H N N 54  
ASN HD21 H N N 55  
ASN HD22 H N N 56  
ASN HXT  H N N 57  
ASP N    N N N 58  
ASP CA   C N S 59  
ASP C    C N N 60  
ASP O    O N N 61  
ASP CB   C N N 62  
ASP CG   C N N 63  
ASP OD1  O N N 64  
ASP OD2  O N N 65  
ASP OXT  O N N 66  
ASP H    H N N 67  
ASP H2   H N N 68  
ASP HA   H N N 69  
ASP HB2  H N N 70  
ASP HB3  H N N 71  
ASP HD2  H N N 72  
ASP HXT  H N N 73  
CYS N    N N N 74  
CYS CA   C N R 75  
CYS C    C N N 76  
CYS O    O N N 77  
CYS CB   C N N 78  
CYS SG   S N N 79  
CYS OXT  O N N 80  
CYS H    H N N 81  
CYS H2   H N N 82  
CYS HA   H N N 83  
CYS HB2  H N N 84  
CYS HB3  H N N 85  
CYS HG   H N N 86  
CYS HXT  H N N 87  
EDO C1   C N N 88  
EDO O1   O N N 89  
EDO C2   C N N 90  
EDO O2   O N N 91  
EDO H11  H N N 92  
EDO H12  H N N 93  
EDO HO1  H N N 94  
EDO H21  H N N 95  
EDO H22  H N N 96  
EDO HO2  H N N 97  
GLN N    N N N 98  
GLN CA   C N S 99  
GLN C    C N N 100 
GLN O    O N N 101 
GLN CB   C N N 102 
GLN CG   C N N 103 
GLN CD   C N N 104 
GLN OE1  O N N 105 
GLN NE2  N N N 106 
GLN OXT  O N N 107 
GLN H    H N N 108 
GLN H2   H N N 109 
GLN HA   H N N 110 
GLN HB2  H N N 111 
GLN HB3  H N N 112 
GLN HG2  H N N 113 
GLN HG3  H N N 114 
GLN HE21 H N N 115 
GLN HE22 H N N 116 
GLN HXT  H N N 117 
GLU N    N N N 118 
GLU CA   C N S 119 
GLU C    C N N 120 
GLU O    O N N 121 
GLU CB   C N N 122 
GLU CG   C N N 123 
GLU CD   C N N 124 
GLU OE1  O N N 125 
GLU OE2  O N N 126 
GLU OXT  O N N 127 
GLU H    H N N 128 
GLU H2   H N N 129 
GLU HA   H N N 130 
GLU HB2  H N N 131 
GLU HB3  H N N 132 
GLU HG2  H N N 133 
GLU HG3  H N N 134 
GLU HE2  H N N 135 
GLU HXT  H N N 136 
GLY N    N N N 137 
GLY CA   C N N 138 
GLY C    C N N 139 
GLY O    O N N 140 
GLY OXT  O N N 141 
GLY H    H N N 142 
GLY H2   H N N 143 
GLY HA2  H N N 144 
GLY HA3  H N N 145 
GLY HXT  H N N 146 
GQV C4   C N N 147 
GQV C5   C N N 148 
GQV O1   O N N 149 
GQV N    N N N 150 
GQV C    C N N 151 
GQV O    O N N 152 
GQV C3   C N N 153 
GQV C2   C N N 154 
GQV C1   C N N 155 
GQV H1   H N N 156 
GQV H2   H N N 157 
GQV H3   H N N 158 
GQV H4   H N N 159 
GQV H5   H N N 160 
GQV H6   H N N 161 
GQV H7   H N N 162 
HIS N    N N N 163 
HIS CA   C N S 164 
HIS C    C N N 165 
HIS O    O N N 166 
HIS CB   C N N 167 
HIS CG   C Y N 168 
HIS ND1  N Y N 169 
HIS CD2  C Y N 170 
HIS CE1  C Y N 171 
HIS NE2  N Y N 172 
HIS OXT  O N N 173 
HIS H    H N N 174 
HIS H2   H N N 175 
HIS HA   H N N 176 
HIS HB2  H N N 177 
HIS HB3  H N N 178 
HIS HD1  H N N 179 
HIS HD2  H N N 180 
HIS HE1  H N N 181 
HIS HE2  H N N 182 
HIS HXT  H N N 183 
HOH O    O N N 184 
HOH H1   H N N 185 
HOH H2   H N N 186 
ILE N    N N N 187 
ILE CA   C N S 188 
ILE C    C N N 189 
ILE O    O N N 190 
ILE CB   C N S 191 
ILE CG1  C N N 192 
ILE CG2  C N N 193 
ILE CD1  C N N 194 
ILE OXT  O N N 195 
ILE H    H N N 196 
ILE H2   H N N 197 
ILE HA   H N N 198 
ILE HB   H N N 199 
ILE HG12 H N N 200 
ILE HG13 H N N 201 
ILE HG21 H N N 202 
ILE HG22 H N N 203 
ILE HG23 H N N 204 
ILE HD11 H N N 205 
ILE HD12 H N N 206 
ILE HD13 H N N 207 
ILE HXT  H N N 208 
LEU N    N N N 209 
LEU CA   C N S 210 
LEU C    C N N 211 
LEU O    O N N 212 
LEU CB   C N N 213 
LEU CG   C N N 214 
LEU CD1  C N N 215 
LEU CD2  C N N 216 
LEU OXT  O N N 217 
LEU H    H N N 218 
LEU H2   H N N 219 
LEU HA   H N N 220 
LEU HB2  H N N 221 
LEU HB3  H N N 222 
LEU HG   H N N 223 
LEU HD11 H N N 224 
LEU HD12 H N N 225 
LEU HD13 H N N 226 
LEU HD21 H N N 227 
LEU HD22 H N N 228 
LEU HD23 H N N 229 
LEU HXT  H N N 230 
LYS N    N N N 231 
LYS CA   C N S 232 
LYS C    C N N 233 
LYS O    O N N 234 
LYS CB   C N N 235 
LYS CG   C N N 236 
LYS CD   C N N 237 
LYS CE   C N N 238 
LYS NZ   N N N 239 
LYS OXT  O N N 240 
LYS H    H N N 241 
LYS H2   H N N 242 
LYS HA   H N N 243 
LYS HB2  H N N 244 
LYS HB3  H N N 245 
LYS HG2  H N N 246 
LYS HG3  H N N 247 
LYS HD2  H N N 248 
LYS HD3  H N N 249 
LYS HE2  H N N 250 
LYS HE3  H N N 251 
LYS HZ1  H N N 252 
LYS HZ2  H N N 253 
LYS HZ3  H N N 254 
LYS HXT  H N N 255 
MET N    N N N 256 
MET CA   C N S 257 
MET C    C N N 258 
MET O    O N N 259 
MET CB   C N N 260 
MET CG   C N N 261 
MET SD   S N N 262 
MET CE   C N N 263 
MET OXT  O N N 264 
MET H    H N N 265 
MET H2   H N N 266 
MET HA   H N N 267 
MET HB2  H N N 268 
MET HB3  H N N 269 
MET HG2  H N N 270 
MET HG3  H N N 271 
MET HE1  H N N 272 
MET HE2  H N N 273 
MET HE3  H N N 274 
MET HXT  H N N 275 
PHE N    N N N 276 
PHE CA   C N S 277 
PHE C    C N N 278 
PHE O    O N N 279 
PHE CB   C N N 280 
PHE CG   C Y N 281 
PHE CD1  C Y N 282 
PHE CD2  C Y N 283 
PHE CE1  C Y N 284 
PHE CE2  C Y N 285 
PHE CZ   C Y N 286 
PHE OXT  O N N 287 
PHE H    H N N 288 
PHE H2   H N N 289 
PHE HA   H N N 290 
PHE HB2  H N N 291 
PHE HB3  H N N 292 
PHE HD1  H N N 293 
PHE HD2  H N N 294 
PHE HE1  H N N 295 
PHE HE2  H N N 296 
PHE HZ   H N N 297 
PHE HXT  H N N 298 
PRO N    N N N 299 
PRO CA   C N S 300 
PRO C    C N N 301 
PRO O    O N N 302 
PRO CB   C N N 303 
PRO CG   C N N 304 
PRO CD   C N N 305 
PRO OXT  O N N 306 
PRO H    H N N 307 
PRO HA   H N N 308 
PRO HB2  H N N 309 
PRO HB3  H N N 310 
PRO HG2  H N N 311 
PRO HG3  H N N 312 
PRO HD2  H N N 313 
PRO HD3  H N N 314 
PRO HXT  H N N 315 
SER N    N N N 316 
SER CA   C N S 317 
SER C    C N N 318 
SER O    O N N 319 
SER CB   C N N 320 
SER OG   O N N 321 
SER OXT  O N N 322 
SER H    H N N 323 
SER H2   H N N 324 
SER HA   H N N 325 
SER HB2  H N N 326 
SER HB3  H N N 327 
SER HG   H N N 328 
SER HXT  H N N 329 
THR N    N N N 330 
THR CA   C N S 331 
THR C    C N N 332 
THR O    O N N 333 
THR CB   C N R 334 
THR OG1  O N N 335 
THR CG2  C N N 336 
THR OXT  O N N 337 
THR H    H N N 338 
THR H2   H N N 339 
THR HA   H N N 340 
THR HB   H N N 341 
THR HG1  H N N 342 
THR HG21 H N N 343 
THR HG22 H N N 344 
THR HG23 H N N 345 
THR HXT  H N N 346 
TRP N    N N N 347 
TRP CA   C N S 348 
TRP C    C N N 349 
TRP O    O N N 350 
TRP CB   C N N 351 
TRP CG   C Y N 352 
TRP CD1  C Y N 353 
TRP CD2  C Y N 354 
TRP NE1  N Y N 355 
TRP CE2  C Y N 356 
TRP CE3  C Y N 357 
TRP CZ2  C Y N 358 
TRP CZ3  C Y N 359 
TRP CH2  C Y N 360 
TRP OXT  O N N 361 
TRP H    H N N 362 
TRP H2   H N N 363 
TRP HA   H N N 364 
TRP HB2  H N N 365 
TRP HB3  H N N 366 
TRP HD1  H N N 367 
TRP HE1  H N N 368 
TRP HE3  H N N 369 
TRP HZ2  H N N 370 
TRP HZ3  H N N 371 
TRP HH2  H N N 372 
TRP HXT  H N N 373 
TYR N    N N N 374 
TYR CA   C N S 375 
TYR C    C N N 376 
TYR O    O N N 377 
TYR CB   C N N 378 
TYR CG   C Y N 379 
TYR CD1  C Y N 380 
TYR CD2  C Y N 381 
TYR CE1  C Y N 382 
TYR CE2  C Y N 383 
TYR CZ   C Y N 384 
TYR OH   O N N 385 
TYR OXT  O N N 386 
TYR H    H N N 387 
TYR H2   H N N 388 
TYR HA   H N N 389 
TYR HB2  H N N 390 
TYR HB3  H N N 391 
TYR HD1  H N N 392 
TYR HD2  H N N 393 
TYR HE1  H N N 394 
TYR HE2  H N N 395 
TYR HH   H N N 396 
TYR HXT  H N N 397 
VAL N    N N N 398 
VAL CA   C N S 399 
VAL C    C N N 400 
VAL O    O N N 401 
VAL CB   C N N 402 
VAL CG1  C N N 403 
VAL CG2  C N N 404 
VAL OXT  O N N 405 
VAL H    H N N 406 
VAL H2   H N N 407 
VAL HA   H N N 408 
VAL HB   H N N 409 
VAL HG11 H N N 410 
VAL HG12 H N N 411 
VAL HG13 H N N 412 
VAL HG21 H N N 413 
VAL HG22 H N N 414 
VAL HG23 H N N 415 
VAL HXT  H N N 416 
# 
loop_
_chem_comp_bond.comp_id 
_chem_comp_bond.atom_id_1 
_chem_comp_bond.atom_id_2 
_chem_comp_bond.value_order 
_chem_comp_bond.pdbx_aromatic_flag 
_chem_comp_bond.pdbx_stereo_config 
_chem_comp_bond.pdbx_ordinal 
ALA N   CA   sing N N 1   
ALA N   H    sing N N 2   
ALA N   H2   sing N N 3   
ALA CA  C    sing N N 4   
ALA CA  CB   sing N N 5   
ALA CA  HA   sing N N 6   
ALA C   O    doub N N 7   
ALA C   OXT  sing N N 8   
ALA CB  HB1  sing N N 9   
ALA CB  HB2  sing N N 10  
ALA CB  HB3  sing N N 11  
ALA OXT HXT  sing N N 12  
ARG N   CA   sing N N 13  
ARG N   H    sing N N 14  
ARG N   H2   sing N N 15  
ARG CA  C    sing N N 16  
ARG CA  CB   sing N N 17  
ARG CA  HA   sing N N 18  
ARG C   O    doub N N 19  
ARG C   OXT  sing N N 20  
ARG CB  CG   sing N N 21  
ARG CB  HB2  sing N N 22  
ARG CB  HB3  sing N N 23  
ARG CG  CD   sing N N 24  
ARG CG  HG2  sing N N 25  
ARG CG  HG3  sing N N 26  
ARG CD  NE   sing N N 27  
ARG CD  HD2  sing N N 28  
ARG CD  HD3  sing N N 29  
ARG NE  CZ   sing N N 30  
ARG NE  HE   sing N N 31  
ARG CZ  NH1  sing N N 32  
ARG CZ  NH2  doub N N 33  
ARG NH1 HH11 sing N N 34  
ARG NH1 HH12 sing N N 35  
ARG NH2 HH21 sing N N 36  
ARG NH2 HH22 sing N N 37  
ARG OXT HXT  sing N N 38  
ASN N   CA   sing N N 39  
ASN N   H    sing N N 40  
ASN N   H2   sing N N 41  
ASN CA  C    sing N N 42  
ASN CA  CB   sing N N 43  
ASN CA  HA   sing N N 44  
ASN C   O    doub N N 45  
ASN C   OXT  sing N N 46  
ASN CB  CG   sing N N 47  
ASN CB  HB2  sing N N 48  
ASN CB  HB3  sing N N 49  
ASN CG  OD1  doub N N 50  
ASN CG  ND2  sing N N 51  
ASN ND2 HD21 sing N N 52  
ASN ND2 HD22 sing N N 53  
ASN OXT HXT  sing N N 54  
ASP N   CA   sing N N 55  
ASP N   H    sing N N 56  
ASP N   H2   sing N N 57  
ASP CA  C    sing N N 58  
ASP CA  CB   sing N N 59  
ASP CA  HA   sing N N 60  
ASP C   O    doub N N 61  
ASP C   OXT  sing N N 62  
ASP CB  CG   sing N N 63  
ASP CB  HB2  sing N N 64  
ASP CB  HB3  sing N N 65  
ASP CG  OD1  doub N N 66  
ASP CG  OD2  sing N N 67  
ASP OD2 HD2  sing N N 68  
ASP OXT HXT  sing N N 69  
CYS N   CA   sing N N 70  
CYS N   H    sing N N 71  
CYS N   H2   sing N N 72  
CYS CA  C    sing N N 73  
CYS CA  CB   sing N N 74  
CYS CA  HA   sing N N 75  
CYS C   O    doub N N 76  
CYS C   OXT  sing N N 77  
CYS CB  SG   sing N N 78  
CYS CB  HB2  sing N N 79  
CYS CB  HB3  sing N N 80  
CYS SG  HG   sing N N 81  
CYS OXT HXT  sing N N 82  
EDO C1  O1   sing N N 83  
EDO C1  C2   sing N N 84  
EDO C1  H11  sing N N 85  
EDO C1  H12  sing N N 86  
EDO O1  HO1  sing N N 87  
EDO C2  O2   sing N N 88  
EDO C2  H21  sing N N 89  
EDO C2  H22  sing N N 90  
EDO O2  HO2  sing N N 91  
GLN N   CA   sing N N 92  
GLN N   H    sing N N 93  
GLN N   H2   sing N N 94  
GLN CA  C    sing N N 95  
GLN CA  CB   sing N N 96  
GLN CA  HA   sing N N 97  
GLN C   O    doub N N 98  
GLN C   OXT  sing N N 99  
GLN CB  CG   sing N N 100 
GLN CB  HB2  sing N N 101 
GLN CB  HB3  sing N N 102 
GLN CG  CD   sing N N 103 
GLN CG  HG2  sing N N 104 
GLN CG  HG3  sing N N 105 
GLN CD  OE1  doub N N 106 
GLN CD  NE2  sing N N 107 
GLN NE2 HE21 sing N N 108 
GLN NE2 HE22 sing N N 109 
GLN OXT HXT  sing N N 110 
GLU N   CA   sing N N 111 
GLU N   H    sing N N 112 
GLU N   H2   sing N N 113 
GLU CA  C    sing N N 114 
GLU CA  CB   sing N N 115 
GLU CA  HA   sing N N 116 
GLU C   O    doub N N 117 
GLU C   OXT  sing N N 118 
GLU CB  CG   sing N N 119 
GLU CB  HB2  sing N N 120 
GLU CB  HB3  sing N N 121 
GLU CG  CD   sing N N 122 
GLU CG  HG2  sing N N 123 
GLU CG  HG3  sing N N 124 
GLU CD  OE1  doub N N 125 
GLU CD  OE2  sing N N 126 
GLU OE2 HE2  sing N N 127 
GLU OXT HXT  sing N N 128 
GLY N   CA   sing N N 129 
GLY N   H    sing N N 130 
GLY N   H2   sing N N 131 
GLY CA  C    sing N N 132 
GLY CA  HA2  sing N N 133 
GLY CA  HA3  sing N N 134 
GLY C   O    doub N N 135 
GLY C   OXT  sing N N 136 
GLY OXT HXT  sing N N 137 
GQV C   N    sing N N 138 
GQV O1  C5   doub N N 139 
GQV N   C5   sing N N 140 
GQV N   C1   sing N N 141 
GQV C5  C4   sing N N 142 
GQV C1  C2   doub N N 143 
GQV C2  C3   sing N N 144 
GQV C4  O    sing N N 145 
GQV C4  C3   doub N N 146 
GQV C   H1   sing N N 147 
GQV C   H2   sing N N 148 
GQV C   H3   sing N N 149 
GQV O   H4   sing N N 150 
GQV C3  H5   sing N N 151 
GQV C2  H6   sing N N 152 
GQV C1  H7   sing N N 153 
HIS N   CA   sing N N 154 
HIS N   H    sing N N 155 
HIS N   H2   sing N N 156 
HIS CA  C    sing N N 157 
HIS CA  CB   sing N N 158 
HIS CA  HA   sing N N 159 
HIS C   O    doub N N 160 
HIS C   OXT  sing N N 161 
HIS CB  CG   sing N N 162 
HIS CB  HB2  sing N N 163 
HIS CB  HB3  sing N N 164 
HIS CG  ND1  sing Y N 165 
HIS CG  CD2  doub Y N 166 
HIS ND1 CE1  doub Y N 167 
HIS ND1 HD1  sing N N 168 
HIS CD2 NE2  sing Y N 169 
HIS CD2 HD2  sing N N 170 
HIS CE1 NE2  sing Y N 171 
HIS CE1 HE1  sing N N 172 
HIS NE2 HE2  sing N N 173 
HIS OXT HXT  sing N N 174 
HOH O   H1   sing N N 175 
HOH O   H2   sing N N 176 
ILE N   CA   sing N N 177 
ILE N   H    sing N N 178 
ILE N   H2   sing N N 179 
ILE CA  C    sing N N 180 
ILE CA  CB   sing N N 181 
ILE CA  HA   sing N N 182 
ILE C   O    doub N N 183 
ILE C   OXT  sing N N 184 
ILE CB  CG1  sing N N 185 
ILE CB  CG2  sing N N 186 
ILE CB  HB   sing N N 187 
ILE CG1 CD1  sing N N 188 
ILE CG1 HG12 sing N N 189 
ILE CG1 HG13 sing N N 190 
ILE CG2 HG21 sing N N 191 
ILE CG2 HG22 sing N N 192 
ILE CG2 HG23 sing N N 193 
ILE CD1 HD11 sing N N 194 
ILE CD1 HD12 sing N N 195 
ILE CD1 HD13 sing N N 196 
ILE OXT HXT  sing N N 197 
LEU N   CA   sing N N 198 
LEU N   H    sing N N 199 
LEU N   H2   sing N N 200 
LEU CA  C    sing N N 201 
LEU CA  CB   sing N N 202 
LEU CA  HA   sing N N 203 
LEU C   O    doub N N 204 
LEU C   OXT  sing N N 205 
LEU CB  CG   sing N N 206 
LEU CB  HB2  sing N N 207 
LEU CB  HB3  sing N N 208 
LEU CG  CD1  sing N N 209 
LEU CG  CD2  sing N N 210 
LEU CG  HG   sing N N 211 
LEU CD1 HD11 sing N N 212 
LEU CD1 HD12 sing N N 213 
LEU CD1 HD13 sing N N 214 
LEU CD2 HD21 sing N N 215 
LEU CD2 HD22 sing N N 216 
LEU CD2 HD23 sing N N 217 
LEU OXT HXT  sing N N 218 
LYS N   CA   sing N N 219 
LYS N   H    sing N N 220 
LYS N   H2   sing N N 221 
LYS CA  C    sing N N 222 
LYS CA  CB   sing N N 223 
LYS CA  HA   sing N N 224 
LYS C   O    doub N N 225 
LYS C   OXT  sing N N 226 
LYS CB  CG   sing N N 227 
LYS CB  HB2  sing N N 228 
LYS CB  HB3  sing N N 229 
LYS CG  CD   sing N N 230 
LYS CG  HG2  sing N N 231 
LYS CG  HG3  sing N N 232 
LYS CD  CE   sing N N 233 
LYS CD  HD2  sing N N 234 
LYS CD  HD3  sing N N 235 
LYS CE  NZ   sing N N 236 
LYS CE  HE2  sing N N 237 
LYS CE  HE3  sing N N 238 
LYS NZ  HZ1  sing N N 239 
LYS NZ  HZ2  sing N N 240 
LYS NZ  HZ3  sing N N 241 
LYS OXT HXT  sing N N 242 
MET N   CA   sing N N 243 
MET N   H    sing N N 244 
MET N   H2   sing N N 245 
MET CA  C    sing N N 246 
MET CA  CB   sing N N 247 
MET CA  HA   sing N N 248 
MET C   O    doub N N 249 
MET C   OXT  sing N N 250 
MET CB  CG   sing N N 251 
MET CB  HB2  sing N N 252 
MET CB  HB3  sing N N 253 
MET CG  SD   sing N N 254 
MET CG  HG2  sing N N 255 
MET CG  HG3  sing N N 256 
MET SD  CE   sing N N 257 
MET CE  HE1  sing N N 258 
MET CE  HE2  sing N N 259 
MET CE  HE3  sing N N 260 
MET OXT HXT  sing N N 261 
PHE N   CA   sing N N 262 
PHE N   H    sing N N 263 
PHE N   H2   sing N N 264 
PHE CA  C    sing N N 265 
PHE CA  CB   sing N N 266 
PHE CA  HA   sing N N 267 
PHE C   O    doub N N 268 
PHE C   OXT  sing N N 269 
PHE CB  CG   sing N N 270 
PHE CB  HB2  sing N N 271 
PHE CB  HB3  sing N N 272 
PHE CG  CD1  doub Y N 273 
PHE CG  CD2  sing Y N 274 
PHE CD1 CE1  sing Y N 275 
PHE CD1 HD1  sing N N 276 
PHE CD2 CE2  doub Y N 277 
PHE CD2 HD2  sing N N 278 
PHE CE1 CZ   doub Y N 279 
PHE CE1 HE1  sing N N 280 
PHE CE2 CZ   sing Y N 281 
PHE CE2 HE2  sing N N 282 
PHE CZ  HZ   sing N N 283 
PHE OXT HXT  sing N N 284 
PRO N   CA   sing N N 285 
PRO N   CD   sing N N 286 
PRO N   H    sing N N 287 
PRO CA  C    sing N N 288 
PRO CA  CB   sing N N 289 
PRO CA  HA   sing N N 290 
PRO C   O    doub N N 291 
PRO C   OXT  sing N N 292 
PRO CB  CG   sing N N 293 
PRO CB  HB2  sing N N 294 
PRO CB  HB3  sing N N 295 
PRO CG  CD   sing N N 296 
PRO CG  HG2  sing N N 297 
PRO CG  HG3  sing N N 298 
PRO CD  HD2  sing N N 299 
PRO CD  HD3  sing N N 300 
PRO OXT HXT  sing N N 301 
SER N   CA   sing N N 302 
SER N   H    sing N N 303 
SER N   H2   sing N N 304 
SER CA  C    sing N N 305 
SER CA  CB   sing N N 306 
SER CA  HA   sing N N 307 
SER C   O    doub N N 308 
SER C   OXT  sing N N 309 
SER CB  OG   sing N N 310 
SER CB  HB2  sing N N 311 
SER CB  HB3  sing N N 312 
SER OG  HG   sing N N 313 
SER OXT HXT  sing N N 314 
THR N   CA   sing N N 315 
THR N   H    sing N N 316 
THR N   H2   sing N N 317 
THR CA  C    sing N N 318 
THR CA  CB   sing N N 319 
THR CA  HA   sing N N 320 
THR C   O    doub N N 321 
THR C   OXT  sing N N 322 
THR CB  OG1  sing N N 323 
THR CB  CG2  sing N N 324 
THR CB  HB   sing N N 325 
THR OG1 HG1  sing N N 326 
THR CG2 HG21 sing N N 327 
THR CG2 HG22 sing N N 328 
THR CG2 HG23 sing N N 329 
THR OXT HXT  sing N N 330 
TRP N   CA   sing N N 331 
TRP N   H    sing N N 332 
TRP N   H2   sing N N 333 
TRP CA  C    sing N N 334 
TRP CA  CB   sing N N 335 
TRP CA  HA   sing N N 336 
TRP C   O    doub N N 337 
TRP C   OXT  sing N N 338 
TRP CB  CG   sing N N 339 
TRP CB  HB2  sing N N 340 
TRP CB  HB3  sing N N 341 
TRP CG  CD1  doub Y N 342 
TRP CG  CD2  sing Y N 343 
TRP CD1 NE1  sing Y N 344 
TRP CD1 HD1  sing N N 345 
TRP CD2 CE2  doub Y N 346 
TRP CD2 CE3  sing Y N 347 
TRP NE1 CE2  sing Y N 348 
TRP NE1 HE1  sing N N 349 
TRP CE2 CZ2  sing Y N 350 
TRP CE3 CZ3  doub Y N 351 
TRP CE3 HE3  sing N N 352 
TRP CZ2 CH2  doub Y N 353 
TRP CZ2 HZ2  sing N N 354 
TRP CZ3 CH2  sing Y N 355 
TRP CZ3 HZ3  sing N N 356 
TRP CH2 HH2  sing N N 357 
TRP OXT HXT  sing N N 358 
TYR N   CA   sing N N 359 
TYR N   H    sing N N 360 
TYR N   H2   sing N N 361 
TYR CA  C    sing N N 362 
TYR CA  CB   sing N N 363 
TYR CA  HA   sing N N 364 
TYR C   O    doub N N 365 
TYR C   OXT  sing N N 366 
TYR CB  CG   sing N N 367 
TYR CB  HB2  sing N N 368 
TYR CB  HB3  sing N N 369 
TYR CG  CD1  doub Y N 370 
TYR CG  CD2  sing Y N 371 
TYR CD1 CE1  sing Y N 372 
TYR CD1 HD1  sing N N 373 
TYR CD2 CE2  doub Y N 374 
TYR CD2 HD2  sing N N 375 
TYR CE1 CZ   doub Y N 376 
TYR CE1 HE1  sing N N 377 
TYR CE2 CZ   sing Y N 378 
TYR CE2 HE2  sing N N 379 
TYR CZ  OH   sing N N 380 
TYR OH  HH   sing N N 381 
TYR OXT HXT  sing N N 382 
VAL N   CA   sing N N 383 
VAL N   H    sing N N 384 
VAL N   H2   sing N N 385 
VAL CA  C    sing N N 386 
VAL CA  CB   sing N N 387 
VAL CA  HA   sing N N 388 
VAL C   O    doub N N 389 
VAL C   OXT  sing N N 390 
VAL CB  CG1  sing N N 391 
VAL CB  CG2  sing N N 392 
VAL CB  HB   sing N N 393 
VAL CG1 HG11 sing N N 394 
VAL CG1 HG12 sing N N 395 
VAL CG1 HG13 sing N N 396 
VAL CG2 HG21 sing N N 397 
VAL CG2 HG22 sing N N 398 
VAL CG2 HG23 sing N N 399 
VAL OXT HXT  sing N N 400 
# 
_pdbx_deposit_group.group_id            G_1002046 
_pdbx_deposit_group.group_description   
;Human FAM83B DUF1669 domain screened against DSPL and OxXChem Libraries by X-ray Crystallography at the XChem facility of Diamond Light Source beamline I04-1
;
_pdbx_deposit_group.group_title         'PanDDA analysis group deposition of models with modelled events (e.g. bound ligands)' 
_pdbx_deposit_group.group_type          'changed state' 
# 
_pdbx_related_exp_data_set.ordinal              1 
_pdbx_related_exp_data_set.data_reference       . 
_pdbx_related_exp_data_set.metadata_reference   10.5281/zenodo.1247291 
_pdbx_related_exp_data_set.data_set_type        'other data' 
_pdbx_related_exp_data_set.details              'Complete PanDDA analysis' 
# 
_atom_sites.entry_id                    5QHS 
_atom_sites.fract_transf_matrix[1][1]   0.00603787 
_atom_sites.fract_transf_matrix[1][2]   -0.01693467 
_atom_sites.fract_transf_matrix[1][3]   -0.00804077 
_atom_sites.fract_transf_matrix[2][1]   -0.01341801 
_atom_sites.fract_transf_matrix[2][2]   0.00199543 
_atom_sites.fract_transf_matrix[2][3]   -0.01427825 
_atom_sites.fract_transf_matrix[3][1]   0.00431407 
_atom_sites.fract_transf_matrix[3][2]   0.00324759 
_atom_sites.fract_transf_matrix[3][3]   -0.00360029 
_atom_sites.fract_transf_vector[1]      0.123826 
_atom_sites.fract_transf_vector[2]      0.775538 
_atom_sites.fract_transf_vector[3]      0.386517 
# 
loop_
_atom_type.symbol 
C 
N 
O 
S 
# 
loop_
_atom_site.group_PDB 
_atom_site.id 
_atom_site.type_symbol 
_atom_site.label_atom_id 
_atom_site.label_alt_id 
_atom_site.label_comp_id 
_atom_site.label_asym_id 
_atom_site.label_entity_id 
_atom_site.label_seq_id 
_atom_site.pdbx_PDB_ins_code 
_atom_site.Cartn_x 
_atom_site.Cartn_y 
_atom_site.Cartn_z 
_atom_site.occupancy 
_atom_site.B_iso_or_equiv 
_atom_site.pdbx_formal_charge 
_atom_site.auth_seq_id 
_atom_site.auth_comp_id 
_atom_site.auth_asym_id 
_atom_site.auth_atom_id 
_atom_site.pdbx_PDB_model_num 
ATOM   1    N N   . GLY A 1 3   ? -9.340  -8.624  -23.982 1.00 55.25 ? 3   GLY A N   1 
ATOM   2    C CA  . GLY A 1 3   ? -9.930  -8.707  -22.599 1.00 52.83 ? 3   GLY A CA  1 
ATOM   3    C C   . GLY A 1 3   ? -10.102 -7.318  -21.969 1.00 51.80 ? 3   GLY A C   1 
ATOM   4    O O   . GLY A 1 3   ? -9.246  -6.450  -22.102 1.00 62.89 ? 3   GLY A O   1 
ATOM   5    N N   . GLY A 1 4   ? -11.224 -7.105  -21.316 1.00 43.38 ? 4   GLY A N   1 
ATOM   6    C CA  . GLY A 1 4   ? -11.467 -5.859  -20.643 1.00 48.37 ? 4   GLY A CA  1 
ATOM   7    C C   . GLY A 1 4   ? -11.000 -5.874  -19.189 1.00 39.76 ? 4   GLY A C   1 
ATOM   8    O O   . GLY A 1 4   ? -9.938  -6.446  -18.842 1.00 40.70 ? 4   GLY A O   1 
ATOM   9    N N   . THR A 1 5   ? -11.822 -5.236  -18.362 1.00 38.61 ? 5   THR A N   1 
ATOM   10   C CA  . THR A 1 5   ? -11.557 -4.982  -16.960 1.00 34.84 ? 5   THR A CA  1 
ATOM   11   C C   . THR A 1 5   ? -12.689 -5.608  -16.130 1.00 33.82 ? 5   THR A C   1 
ATOM   12   O O   . THR A 1 5   ? -13.849 -5.528  -16.478 1.00 29.21 ? 5   THR A O   1 
ATOM   13   C CB  . THR A 1 5   ? -11.479 -3.454  -16.729 1.00 33.84 ? 5   THR A CB  1 
ATOM   14   O OG1 . THR A 1 5   ? -10.293 -2.972  -17.353 1.00 33.88 ? 5   THR A OG1 1 
ATOM   15   C CG2 . THR A 1 5   ? -11.404 -3.073  -15.249 1.00 35.62 ? 5   THR A CG2 1 
ATOM   16   N N   . HIS A 1 6   ? -12.354 -6.234  -15.028 1.00 30.09 ? 6   HIS A N   1 
ATOM   17   C CA  . HIS A 1 6   ? -13.364 -6.657  -14.093 1.00 31.01 ? 6   HIS A CA  1 
ATOM   18   C C   . HIS A 1 6   ? -13.179 -5.867  -12.760 1.00 29.89 ? 6   HIS A C   1 
ATOM   19   O O   . HIS A 1 6   ? -12.025 -5.671  -12.333 1.00 26.39 ? 6   HIS A O   1 
ATOM   20   C CB  . HIS A 1 6   ? -13.287 -8.157  -13.869 1.00 33.32 ? 6   HIS A CB  1 
ATOM   21   C CG  . HIS A 1 6   ? -14.383 -8.670  -12.987 1.00 48.04 ? 6   HIS A CG  1 
ATOM   22   N ND1 . HIS A 1 6   ? -15.708 -8.719  -13.391 1.00 55.83 ? 6   HIS A ND1 1 
ATOM   23   C CD2 . HIS A 1 6   ? -14.368 -9.082  -11.694 1.00 52.37 ? 6   HIS A CD2 1 
ATOM   24   C CE1 . HIS A 1 6   ? -16.453 -9.168  -12.394 1.00 60.76 ? 6   HIS A CE1 1 
ATOM   25   N NE2 . HIS A 1 6   ? -15.663 -9.408  -11.360 1.00 63.14 ? 6   HIS A NE2 1 
ATOM   26   N N   . ILE A 1 7   ? -14.300 -5.434  -12.138 1.00 29.14 ? 7   ILE A N   1 
ATOM   27   C CA  . ILE A 1 7   ? -14.292 -4.721  -10.799 1.00 27.76 ? 7   ILE A CA  1 
ATOM   28   C C   . ILE A 1 7   ? -15.315 -5.327  -9.867  1.00 27.55 ? 7   ILE A C   1 
ATOM   29   O O   . ILE A 1 7   ? -16.437 -5.522  -10.273 1.00 25.29 ? 7   ILE A O   1 
ATOM   30   C CB  . ILE A 1 7   ? -14.552 -3.215  -10.971 1.00 31.16 ? 7   ILE A CB  1 
ATOM   31   C CG1 . ILE A 1 7   ? -13.451 -2.649  -11.835 1.00 34.65 ? 7   ILE A CG1 1 
ATOM   32   C CG2 . ILE A 1 7   ? -14.640 -2.527  -9.590  1.00 29.57 ? 7   ILE A CG2 1 
ATOM   33   C CD1 . ILE A 1 7   ? -13.458 -1.178  -12.125 1.00 39.11 ? 7   ILE A CD1 1 
ATOM   34   N N   . ASP A 1 8   ? -14.916 -5.685  -8.638  1.00 25.00 ? 8   ASP A N   1 
ATOM   35   C CA  . ASP A 1 8   ? -15.783 -6.008  -7.578  1.00 27.07 ? 8   ASP A CA  1 
ATOM   36   C C   . ASP A 1 8   ? -15.626 -4.924  -6.490  1.00 28.16 ? 8   ASP A C   1 
ATOM   37   O O   . ASP A 1 8   ? -14.541 -4.417  -6.285  1.00 27.31 ? 8   ASP A O   1 
ATOM   38   C CB  . ASP A 1 8   ? -15.367 -7.323  -6.955  1.00 32.03 ? 8   ASP A CB  1 
ATOM   39   C CG  . ASP A 1 8   ? -15.703 -8.531  -7.840  1.00 37.94 ? 8   ASP A CG  1 
ATOM   40   O OD1 . ASP A 1 8   ? -16.867 -8.661  -8.316  1.00 41.66 ? 8   ASP A OD1 1 
ATOM   41   O OD2 . ASP A 1 8   ? -14.777 -9.314  -8.082  1.00 42.64 ? 8   ASP A OD2 1 
ATOM   42   N N   . LEU A 1 9   ? -16.697 -4.640  -5.751  1.00 28.33 ? 9   LEU A N   1 
ATOM   43   C CA  . LEU A 1 9   ? -16.652 -3.703  -4.642  1.00 26.07 ? 9   LEU A CA  1 
ATOM   44   C C   . LEU A 1 9   ? -16.632 -4.453  -3.348  1.00 25.64 ? 9   LEU A C   1 
ATOM   45   O O   . LEU A 1 9   ? -17.249 -5.516  -3.202  1.00 23.54 ? 9   LEU A O   1 
ATOM   46   C CB  . LEU A 1 9   ? -17.812 -2.745  -4.685  1.00 28.79 ? 9   LEU A CB  1 
ATOM   47   C CG  . LEU A 1 9   ? -17.953 -1.915  -5.943  1.00 30.31 ? 9   LEU A CG  1 
ATOM   48   C CD1 . LEU A 1 9   ? -19.233 -1.105  -5.802  1.00 32.58 ? 9   LEU A CD1 1 
ATOM   49   C CD2 . LEU A 1 9   ? -16.719 -1.048  -6.224  1.00 28.73 ? 9   LEU A CD2 1 
ATOM   50   N N   . LEU A 1 10  ? -15.813 -3.980  -2.414  1.00 22.11 ? 10  LEU A N   1 
ATOM   51   C CA  . LEU A 1 10  ? -15.885 -4.441  -1.031  1.00 20.18 ? 10  LEU A CA  1 
ATOM   52   C C   . LEU A 1 10  ? -16.119 -3.226  -0.136  1.00 20.67 ? 10  LEU A C   1 
ATOM   53   O O   . LEU A 1 10  ? -15.625 -2.121  -0.421  1.00 21.38 ? 10  LEU A O   1 
ATOM   54   C CB  . LEU A 1 10  ? -14.558 -5.125  -0.662  1.00 22.96 ? 10  LEU A CB  1 
ATOM   55   C CG  . LEU A 1 10  ? -14.137 -6.364  -1.513  1.00 25.50 ? 10  LEU A CG  1 
ATOM   56   C CD1 . LEU A 1 10  ? -12.715 -6.774  -1.148  1.00 26.64 ? 10  LEU A CD1 1 
ATOM   57   C CD2 . LEU A 1 10  ? -15.062 -7.553  -1.306  1.00 24.86 ? 10  LEU A CD2 1 
ATOM   58   N N   . PHE A 1 11  ? -16.796 -3.436  0.980   1.00 23.53 ? 11  PHE A N   1 
ATOM   59   C CA  . PHE A 1 11  ? -17.097 -2.409  1.953   1.00 23.73 ? 11  PHE A CA  1 
ATOM   60   C C   . PHE A 1 11  ? -16.581 -2.791  3.306   1.00 24.03 ? 11  PHE A C   1 
ATOM   61   O O   . PHE A 1 11  ? -16.322 -3.945  3.579   1.00 23.64 ? 11  PHE A O   1 
ATOM   62   C CB  . PHE A 1 11  ? -18.610 -2.154  2.021   1.00 25.63 ? 11  PHE A CB  1 
ATOM   63   C CG  . PHE A 1 11  ? -19.211 -1.881  0.644   1.00 24.88 ? 11  PHE A CG  1 
ATOM   64   C CD1 . PHE A 1 11  ? -19.563 -2.933  -0.183  1.00 22.63 ? 11  PHE A CD1 1 
ATOM   65   C CD2 . PHE A 1 11  ? -19.370 -0.569  0.192   1.00 26.09 ? 11  PHE A CD2 1 
ATOM   66   C CE1 . PHE A 1 11  ? -20.112 -2.681  -1.438  1.00 27.49 ? 11  PHE A CE1 1 
ATOM   67   C CE2 . PHE A 1 11  ? -19.869 -0.307  -1.095  1.00 25.57 ? 11  PHE A CE2 1 
ATOM   68   C CZ  . PHE A 1 11  ? -20.203 -1.367  -1.917  1.00 24.54 ? 11  PHE A CZ  1 
ATOM   69   N N   . HIS A 1 12  ? -16.460 -1.766  4.167   1.00 25.76 ? 12  HIS A N   1 
ATOM   70   C CA  . HIS A 1 12  ? -16.253 -1.974  5.577   1.00 24.54 ? 12  HIS A CA  1 
ATOM   71   C C   . HIS A 1 12  ? -17.217 -1.039  6.266   1.00 25.69 ? 12  HIS A C   1 
ATOM   72   O O   . HIS A 1 12  ? -17.170 0.142   6.002   1.00 26.10 ? 12  HIS A O   1 
ATOM   73   C CB  . HIS A 1 12  ? -14.803 -1.712  6.045   1.00 25.12 ? 12  HIS A CB  1 
ATOM   74   C CG  . HIS A 1 12  ? -14.533 -2.228  7.422   1.00 28.85 ? 12  HIS A CG  1 
ATOM   75   N ND1 . HIS A 1 12  ? -14.449 -3.572  7.706   1.00 34.40 ? 12  HIS A ND1 1 
ATOM   76   C CD2 . HIS A 1 12  ? -14.359 -1.593  8.599   1.00 32.08 ? 12  HIS A CD2 1 
ATOM   77   C CE1 . HIS A 1 12  ? -14.215 -3.748  8.987   1.00 30.51 ? 12  HIS A CE1 1 
ATOM   78   N NE2 . HIS A 1 12  ? -14.093 -2.558  9.537   1.00 34.30 ? 12  HIS A NE2 1 
ATOM   79   N N   . PRO A 1 13  ? -18.152 -1.561  7.103   1.00 27.68 ? 13  PRO A N   1 
ATOM   80   C CA  . PRO A 1 13  ? -18.321 -2.988  7.320   1.00 25.88 ? 13  PRO A CA  1 
ATOM   81   C C   . PRO A 1 13  ? -18.712 -3.748  6.072   1.00 23.49 ? 13  PRO A C   1 
ATOM   82   O O   . PRO A 1 13  ? -19.243 -3.152  5.123   1.00 27.23 ? 13  PRO A O   1 
ATOM   83   C CB  . PRO A 1 13  ? -19.414 -3.084  8.397   1.00 26.61 ? 13  PRO A CB  1 
ATOM   84   C CG  . PRO A 1 13  ? -20.108 -1.845  8.366   1.00 27.87 ? 13  PRO A CG  1 
ATOM   85   C CD  . PRO A 1 13  ? -19.216 -0.794  7.743   1.00 27.61 ? 13  PRO A CD  1 
ATOM   86   N N   . PRO A 1 14  ? -18.417 -5.067  6.044   1.00 26.14 ? 14  PRO A N   1 
ATOM   87   C CA  . PRO A 1 14  ? -18.744 -5.907  4.859   1.00 23.84 ? 14  PRO A CA  1 
ATOM   88   C C   . PRO A 1 14  ? -20.211 -5.865  4.441   1.00 27.04 ? 14  PRO A C   1 
ATOM   89   O O   . PRO A 1 14  ? -21.071 -5.811  5.339   1.00 26.45 ? 14  PRO A O   1 
ATOM   90   C CB  . PRO A 1 14  ? -18.290 -7.317  5.279   1.00 29.02 ? 14  PRO A CB  1 
ATOM   91   C CG  . PRO A 1 14  ? -17.753 -7.236  6.653   1.00 27.15 ? 14  PRO A CG  1 
ATOM   92   C CD  . PRO A 1 14  ? -17.849 -5.839  7.182   1.00 26.55 ? 14  PRO A CD  1 
ATOM   93   N N   . ARG A 1 15  ? -20.505 -5.831  3.130   1.00 25.58 ? 15  ARG A N   1 
ATOM   94   C CA  . ARG A 1 15  ? -21.835 -6.029  2.548   1.00 28.17 ? 15  ARG A CA  1 
ATOM   95   C C   . ARG A 1 15  ? -21.840 -7.025  1.367   1.00 35.96 ? 15  ARG A C   1 
ATOM   96   O O   . ARG A 1 15  ? -21.432 -6.659  0.233   1.00 35.44 ? 15  ARG A O   1 
ATOM   97   C CB  . ARG A 1 15  ? -22.316 -4.765  1.882   1.00 33.75 ? 15  ARG A CB  1 
ATOM   98   C CG  . ARG A 1 15  ? -23.255 -3.947  2.677   1.00 47.65 ? 15  ARG A CG  1 
ATOM   99   C CD  . ARG A 1 15  ? -24.405 -3.392  1.827   1.00 51.42 ? 15  ARG A CD  1 
ATOM   100  N NE  . ARG A 1 15  ? -24.024 -2.541  0.681   1.00 47.71 ? 15  ARG A NE  1 
ATOM   101  C CZ  . ARG A 1 15  ? -23.306 -1.404  0.711   1.00 52.11 ? 15  ARG A CZ  1 
ATOM   102  N NH1 . ARG A 1 15  ? -22.742 -0.892  1.840   1.00 42.28 ? 15  ARG A NH1 1 
ATOM   103  N NH2 . ARG A 1 15  ? -23.106 -0.767  -0.475  1.00 55.23 ? 15  ARG A NH2 1 
ATOM   104  N N   . ALA A 1 16  ? -22.393 -8.200  1.587   1.00 27.89 ? 16  ALA A N   1 
ATOM   105  C CA  . ALA A 1 16  ? -22.538 -9.250  0.585   1.00 27.98 ? 16  ALA A CA  1 
ATOM   106  C C   . ALA A 1 16  ? -21.200 -9.802  0.036   1.00 27.06 ? 16  ALA A C   1 
ATOM   107  O O   . ALA A 1 16  ? -21.096 -10.214 -1.127  1.00 26.98 ? 16  ALA A O   1 
ATOM   108  C CB  . ALA A 1 16  ? -23.508 -8.858  -0.522  1.00 30.84 ? 16  ALA A CB  1 
ATOM   109  N N   . HIS A 1 17  ? -20.221 -9.919  0.916   1.00 27.28 ? 17  HIS A N   1 
ATOM   110  C CA  . HIS A 1 17  ? -18.945 -10.568 0.569   1.00 26.22 ? 17  HIS A CA  1 
ATOM   111  C C   . HIS A 1 17  ? -18.436 -11.197 1.840   1.00 26.92 ? 17  HIS A C   1 
ATOM   112  O O   . HIS A 1 17  ? -18.784 -10.742 2.913   1.00 25.88 ? 17  HIS A O   1 
ATOM   113  C CB  . HIS A 1 17  ? -17.996 -9.561  -0.122  1.00 23.95 ? 17  HIS A CB  1 
ATOM   114  C CG  . HIS A 1 17  ? -17.738 -8.301  0.658   1.00 23.90 ? 17  HIS A CG  1 
ATOM   115  N ND1 . HIS A 1 17  ? -16.782 -8.235  1.651   1.00 22.21 ? 17  HIS A ND1 1 
ATOM   116  C CD2 . HIS A 1 17  ? -18.293 -7.064  0.577   1.00 24.69 ? 17  HIS A CD2 1 
ATOM   117  C CE1 . HIS A 1 17  ? -16.805 -7.009  2.175   1.00 24.05 ? 17  HIS A CE1 1 
ATOM   118  N NE2 . HIS A 1 17  ? -17.682 -6.273  1.518   1.00 22.74 ? 17  HIS A NE2 1 
ATOM   119  N N   . LEU A 1 18  ? -17.647 -12.273 1.735   1.00 27.65 ? 18  LEU A N   1 
ATOM   120  C CA  . LEU A 1 18  ? -17.248 -13.070 2.902   1.00 28.02 ? 18  LEU A CA  1 
ATOM   121  C C   . LEU A 1 18  ? -16.079 -12.545 3.691   1.00 29.18 ? 18  LEU A C   1 
ATOM   122  O O   . LEU A 1 18  ? -16.025 -12.725 4.906   1.00 26.80 ? 18  LEU A O   1 
ATOM   123  C CB  . LEU A 1 18  ? -16.947 -14.513 2.508   1.00 31.68 ? 18  LEU A CB  1 
ATOM   124  C CG  . LEU A 1 18  ? -18.133 -15.279 1.868   1.00 35.30 ? 18  LEU A CG  1 
ATOM   125  C CD1 . LEU A 1 18  ? -17.735 -16.707 1.530   1.00 38.35 ? 18  LEU A CD1 1 
ATOM   126  C CD2 . LEU A 1 18  ? -19.361 -15.256 2.762   1.00 34.41 ? 18  LEU A CD2 1 
ATOM   127  N N   . LEU A 1 19  ? -15.173 -11.851 3.017   1.00 26.48 ? 19  LEU A N   1 
ATOM   128  C CA  . LEU A 1 19  ? -13.971 -11.310 3.679   1.00 28.85 ? 19  LEU A CA  1 
ATOM   129  C C   . LEU A 1 19  ? -14.116 -9.789  3.946   1.00 25.51 ? 19  LEU A C   1 
ATOM   130  O O   . LEU A 1 19  ? -14.772 -9.046  3.228   1.00 25.04 ? 19  LEU A O   1 
ATOM   131  C CB  . LEU A 1 19  ? -12.719 -11.655 2.869   1.00 28.06 ? 19  LEU A CB  1 
ATOM   132  C CG  . LEU A 1 19  ? -12.434 -13.165 2.606   1.00 31.29 ? 19  LEU A CG  1 
ATOM   133  C CD1 . LEU A 1 19  ? -11.138 -13.316 1.843   1.00 32.90 ? 19  LEU A CD1 1 
ATOM   134  C CD2 . LEU A 1 19  ? -12.360 -13.941 3.921   1.00 32.72 ? 19  LEU A CD2 1 
ATOM   135  N N   . THR A 1 20  ? -13.523 -9.351  5.025   1.00 25.79 ? 20  THR A N   1 
ATOM   136  C CA  . THR A 1 20  ? -13.348 -7.930  5.248   1.00 26.62 ? 20  THR A CA  1 
ATOM   137  C C   . THR A 1 20  ? -12.264 -7.414  4.279   1.00 22.60 ? 20  THR A C   1 
ATOM   138  O O   . THR A 1 20  ? -11.485 -8.158  3.664   1.00 22.44 ? 20  THR A O   1 
ATOM   139  C CB  . THR A 1 20  ? -12.891 -7.626  6.696   1.00 28.89 ? 20  THR A CB  1 
ATOM   140  O OG1 . THR A 1 20  ? -11.661 -8.311  6.899   1.00 29.18 ? 20  THR A OG1 1 
ATOM   141  C CG2 . THR A 1 20  ? -13.913 -8.095  7.711   1.00 28.19 ? 20  THR A CG2 1 
ATOM   142  N N   . ILE A 1 21  ? -12.233 -6.110  4.155   1.00 22.10 ? 21  ILE A N   1 
ATOM   143  C CA  . ILE A 1 21  ? -11.172 -5.452  3.417   1.00 21.39 ? 21  ILE A CA  1 
ATOM   144  C C   . ILE A 1 21  ? -9.783  -5.786  3.938   1.00 23.14 ? 21  ILE A C   1 
ATOM   145  O O   . ILE A 1 21  ? -8.894  -6.113  3.125   1.00 23.56 ? 21  ILE A O   1 
ATOM   146  C CB  . ILE A 1 21  ? -11.412 -3.961  3.324   1.00 22.98 ? 21  ILE A CB  1 
ATOM   147  C CG1 . ILE A 1 21  ? -12.748 -3.673  2.565   1.00 21.68 ? 21  ILE A CG1 1 
ATOM   148  C CG2 . ILE A 1 21  ? -10.226 -3.301  2.607   1.00 24.72 ? 21  ILE A CG2 1 
ATOM   149  C CD1 . ILE A 1 21  ? -13.120 -2.202  2.491   1.00 21.73 ? 21  ILE A CD1 1 
ATOM   150  N N   . LYS A 1 22  ? -9.583  -5.742  5.257   1.00 22.26 ? 22  LYS A N   1 
ATOM   151  C CA  . LYS A 1 22  ? -8.274  -6.130  5.818   1.00 21.86 ? 22  LYS A CA  1 
ATOM   152  C C   . LYS A 1 22  ? -7.882  -7.572  5.511   1.00 23.46 ? 22  LYS A C   1 
ATOM   153  O O   . LYS A 1 22  ? -6.734  -7.867  5.133   1.00 26.24 ? 22  LYS A O   1 
ATOM   154  C CB  . LYS A 1 22  ? -8.209  -5.848  7.299   1.00 25.85 ? 22  LYS A CB  1 
ATOM   155  C CG  . LYS A 1 22  ? -6.810  -6.016  7.896   1.00 25.83 ? 22  LYS A CG  1 
ATOM   156  C CD  . LYS A 1 22  ? -6.734  -5.458  9.308   1.00 27.20 ? 22  LYS A CD  1 
ATOM   157  C CE  . LYS A 1 22  ? -5.503  -5.989  10.011  1.00 28.67 ? 22  LYS A CE  1 
ATOM   158  N NZ  . LYS A 1 22  ? -5.214  -5.233  11.240  1.00 29.81 ? 22  LYS A NZ  1 
ATOM   159  N N   . GLU A 1 23  ? -8.812  -8.487  5.641   1.00 22.92 ? 23  GLU A N   1 
ATOM   160  C CA  . GLU A 1 23  ? -8.549  -9.878  5.271   1.00 24.86 ? 23  GLU A CA  1 
ATOM   161  C C   . GLU A 1 23  ? -8.174  -9.991  3.836   1.00 24.88 ? 23  GLU A C   1 
ATOM   162  O O   . GLU A 1 23  ? -7.276  -10.766 3.475   1.00 25.30 ? 23  GLU A O   1 
ATOM   163  C CB  . GLU A 1 23  ? -9.759  -10.745 5.546   1.00 27.53 ? 23  GLU A CB  1 
ATOM   164  C CG  . GLU A 1 23  ? -9.981  -11.012 7.001   1.00 30.17 ? 23  GLU A CG  1 
ATOM   165  C CD  . GLU A 1 23  ? -11.377 -11.514 7.388   1.00 33.17 ? 23  GLU A CD  1 
ATOM   166  O OE1 . GLU A 1 23  ? -12.348 -11.594 6.609   1.00 31.70 ? 23  GLU A OE1 1 
ATOM   167  O OE2 . GLU A 1 23  ? -11.528 -11.788 8.570   1.00 37.91 ? 23  GLU A OE2 1 
ATOM   168  N N   . THR A 1 24  ? -8.868  -9.223  2.987   1.00 24.83 ? 24  THR A N   1 
ATOM   169  C CA  . THR A 1 24  ? -8.580  -9.221  1.565   1.00 23.74 ? 24  THR A CA  1 
ATOM   170  C C   . THR A 1 24  ? -7.179  -8.695  1.242   1.00 23.91 ? 24  THR A C   1 
ATOM   171  O O   . THR A 1 24  ? -6.418  -9.309  0.434   1.00 23.34 ? 24  THR A O   1 
ATOM   172  C CB  . THR A 1 24  ? -9.697  -8.508  0.780   1.00 22.76 ? 24  THR A CB  1 
ATOM   173  O OG1 . THR A 1 24  ? -10.926 -9.171  1.040   1.00 25.93 ? 24  THR A OG1 1 
ATOM   174  C CG2 . THR A 1 24  ? -9.456  -8.584  -0.718  1.00 23.70 ? 24  THR A CG2 1 
ATOM   175  N N   . ILE A 1 25  ? -6.808  -7.608  1.891   1.00 23.27 ? 25  ILE A N   1 
ATOM   176  C CA  . ILE A 1 25  ? -5.456  -7.055  1.761   1.00 25.22 ? 25  ILE A CA  1 
ATOM   177  C C   . ILE A 1 25  ? -4.423  -8.099  2.196   1.00 23.58 ? 25  ILE A C   1 
ATOM   178  O O   . ILE A 1 25  ? -3.428  -8.289  1.496   1.00 25.84 ? 25  ILE A O   1 
ATOM   179  C CB  . ILE A 1 25  ? -5.264  -5.815  2.686   1.00 26.82 ? 25  ILE A CB  1 
ATOM   180  C CG1 . ILE A 1 25  ? -6.072  -4.622  2.186   1.00 22.81 ? 25  ILE A CG1 1 
ATOM   181  C CG2 . ILE A 1 25  ? -3.797  -5.464  2.891   1.00 24.95 ? 25  ILE A CG2 1 
ATOM   182  C CD1 . ILE A 1 25  ? -6.259  -3.550  3.239   1.00 21.78 ? 25  ILE A CD1 1 
ATOM   183  N N   . ARG A 1 26  ? -4.647  -8.770  3.319   1.00 25.03 ? 26  ARG A N   1 
ATOM   184  C CA  . ARG A 1 26  ? -3.671  -9.763  3.817   1.00 26.82 ? 26  ARG A CA  1 
ATOM   185  C C   . ARG A 1 26  ? -3.604  -10.942 2.875   1.00 28.96 ? 26  ARG A C   1 
ATOM   186  O O   . ARG A 1 26  ? -2.543  -11.440 2.595   1.00 26.54 ? 26  ARG A O   1 
ATOM   187  C CB  . ARG A 1 26  ? -3.974  -10.188 5.230   1.00 31.85 ? 26  ARG A CB  1 
ATOM   188  C CG  . ARG A 1 26  ? -3.817  -9.027  6.199   1.00 34.46 ? 26  ARG A CG  1 
ATOM   189  C CD  . ARG A 1 26  ? -3.982  -9.438  7.665   1.00 36.45 ? 26  ARG A CD  1 
ATOM   190  N NE  . ARG A 1 26  ? -2.889  -10.318 8.031   1.00 37.33 ? 26  ARG A NE  1 
ATOM   191  C CZ  . ARG A 1 26  ? -2.680  -10.796 9.264   1.00 46.99 ? 26  ARG A CZ  1 
ATOM   192  N NH1 . ARG A 1 26  ? -3.470  -10.444 10.274  1.00 43.00 ? 26  ARG A NH1 1 
ATOM   193  N NH2 . ARG A 1 26  ? -1.636  -11.593 9.487   1.00 45.83 ? 26  ARG A NH2 1 
ATOM   194  N N   . LYS A 1 27  ? -4.732  -11.309 2.282   1.00 27.94 ? 27  LYS A N   1 
ATOM   195  C CA  . LYS A 1 27  ? -4.754  -12.453 1.370   1.00 29.14 ? 27  LYS A CA  1 
ATOM   196  C C   . LYS A 1 27  ? -4.008  -12.110 0.069   1.00 25.14 ? 27  LYS A C   1 
ATOM   197  O O   . LYS A 1 27  ? -3.243  -12.912 -0.446  1.00 29.84 ? 27  LYS A O   1 
ATOM   198  C CB  . LYS A 1 27  ? -6.215  -12.870 1.098   1.00 32.31 ? 27  LYS A CB  1 
ATOM   199  C CG  . LYS A 1 27  ? -6.497  -13.894 -0.008  1.00 32.63 ? 27  LYS A CG  1 
ATOM   200  C CD  . LYS A 1 27  ? -7.986  -14.255 0.180   1.00 39.76 ? 27  LYS A CD  1 
ATOM   201  C CE  . LYS A 1 27  ? -8.622  -15.260 -0.774  1.00 38.84 ? 27  LYS A CE  1 
ATOM   202  N NZ  . LYS A 1 27  ? -7.657  -16.173 -1.352  1.00 42.61 ? 27  LYS A NZ  1 
ATOM   203  N N   . MET A 1 28  ? -4.251  -10.932 -0.489  1.00 27.80 ? 28  MET A N   1 
ATOM   204  C CA  . MET A 1 28  ? -3.556  -10.490 -1.724  1.00 27.23 ? 28  MET A CA  1 
ATOM   205  C C   . MET A 1 28  ? -2.039  -10.513 -1.548  1.00 29.93 ? 28  MET A C   1 
ATOM   206  O O   . MET A 1 28  ? -1.305  -10.913 -2.463  1.00 28.25 ? 28  MET A O   1 
ATOM   207  C CB  . MET A 1 28  ? -3.987  -9.080  -2.130  1.00 28.01 ? 28  MET A CB  1 
ATOM   208  C CG  . MET A 1 28  ? -5.377  -9.070  -2.739  1.00 32.85 ? 28  MET A CG  1 
ATOM   209  S SD  . MET A 1 28  ? -5.970  -7.429  -3.195  1.00 31.36 ? 28  MET A SD  1 
ATOM   210  C CE  . MET A 1 28  ? -4.815  -6.902  -4.448  1.00 28.66 ? 28  MET A CE  1 
ATOM   211  N N   . ILE A 1 29  ? -1.587  -10.013 -0.389  1.00 26.92 ? 29  ILE A N   1 
ATOM   212  C CA  . ILE A 1 29  ? -0.155  -10.004 -0.085  1.00 25.93 ? 29  ILE A CA  1 
ATOM   213  C C   . ILE A 1 29  ? 0.394   -11.410 0.112   1.00 31.08 ? 29  ILE A C   1 
ATOM   214  O O   . ILE A 1 29  ? 1.470   -11.701 -0.409  1.00 30.74 ? 29  ILE A O   1 
ATOM   215  C CB  . ILE A 1 29  ? 0.137   -9.146  1.156   1.00 26.15 ? 29  ILE A CB  1 
ATOM   216  C CG1 . ILE A 1 29  ? -0.163  -7.669  0.833   1.00 23.36 ? 29  ILE A CG1 1 
ATOM   217  C CG2 . ILE A 1 29  ? 1.596   -9.304  1.639   1.00 26.80 ? 29  ILE A CG2 1 
ATOM   218  C CD1 . ILE A 1 29  ? -0.318  -6.854  2.077   1.00 26.87 ? 29  ILE A CD1 1 
ATOM   219  N N   . LYS A 1 30  ? -0.338  -12.272 0.826   1.00 31.60 ? 30  LYS A N   1 
ATOM   220  C CA  . LYS A 1 30  ? 0.085   -13.660 0.986   1.00 38.00 ? 30  LYS A CA  1 
ATOM   221  C C   . LYS A 1 30  ? 0.242   -14.354 -0.349  1.00 37.60 ? 30  LYS A C   1 
ATOM   222  O O   . LYS A 1 30  ? 1.074   -15.221 -0.469  1.00 38.05 ? 30  LYS A O   1 
ATOM   223  C CB  . LYS A 1 30  ? -0.935  -14.493 1.752   1.00 45.26 ? 30  LYS A CB  1 
ATOM   224  C CG  . LYS A 1 30  ? -0.770  -14.585 3.238   1.00 53.84 ? 30  LYS A CG  1 
ATOM   225  C CD  . LYS A 1 30  ? -1.744  -15.662 3.732   1.00 61.08 ? 30  LYS A CD  1 
ATOM   226  C CE  . LYS A 1 30  ? -2.407  -15.273 5.035   1.00 68.54 ? 30  LYS A CE  1 
ATOM   227  N NZ  . LYS A 1 30  ? -1.422  -15.269 6.150   1.00 80.62 ? 30  LYS A NZ  1 
ATOM   228  N N   . GLU A 1 31  ? -0.584  -14.010 -1.343  1.00 34.54 ? 31  GLU A N   1 
ATOM   229  C CA  . GLU A 1 31  ? -0.586  -14.734 -2.610  1.00 31.21 ? 31  GLU A CA  1 
ATOM   230  C C   . GLU A 1 31  ? 0.341   -14.107 -3.584  1.00 31.58 ? 31  GLU A C   1 
ATOM   231  O O   . GLU A 1 31  ? 0.486   -14.652 -4.632  1.00 33.44 ? 31  GLU A O   1 
ATOM   232  C CB  . GLU A 1 31  ? -2.037  -14.850 -3.163  1.00 35.42 ? 31  GLU A CB  1 
ATOM   233  C CG  . GLU A 1 31  ? -2.953  -15.660 -2.246  1.00 37.55 ? 31  GLU A CG  1 
ATOM   234  C CD  . GLU A 1 31  ? -4.423  -15.769 -2.726  1.00 42.60 ? 31  GLU A CD  1 
ATOM   235  O OE1 . GLU A 1 31  ? -4.897  -15.040 -3.647  1.00 48.01 ? 31  GLU A OE1 1 
ATOM   236  O OE2 . GLU A 1 31  ? -5.114  -16.597 -2.138  1.00 42.21 ? 31  GLU A OE2 1 
ATOM   237  N N   . ALA A 1 32  ? 0.957   -12.959 -3.275  1.00 30.59 ? 32  ALA A N   1 
ATOM   238  C CA  . ALA A 1 32  ? 1.946   -12.351 -4.201  1.00 30.26 ? 32  ALA A CA  1 
ATOM   239  C C   . ALA A 1 32  ? 3.119   -13.314 -4.532  1.00 29.87 ? 32  ALA A C   1 
ATOM   240  O O   . ALA A 1 32  ? 3.658   -13.920 -3.669  1.00 30.62 ? 32  ALA A O   1 
ATOM   241  C CB  . ALA A 1 32  ? 2.515   -11.048 -3.643  1.00 30.25 ? 32  ALA A CB  1 
ATOM   242  N N   . ARG A 1 33  ? 3.465   -13.410 -5.798  1.00 34.91 ? 33  ARG A N   1 
ATOM   243  C CA  . ARG A 1 33  ? 4.488   -14.317 -6.302  1.00 39.34 ? 33  ARG A CA  1 
ATOM   244  C C   . ARG A 1 33  ? 5.754   -13.589 -6.669  1.00 36.79 ? 33  ARG A C   1 
ATOM   245  O O   . ARG A 1 33  ? 6.804   -14.150 -6.508  1.00 41.16 ? 33  ARG A O   1 
ATOM   246  C CB  . ARG A 1 33  ? 3.946   -15.083 -7.517  1.00 38.94 ? 33  ARG A CB  1 
ATOM   247  C CG  . ARG A 1 33  ? 2.910   -16.131 -7.091  1.00 42.78 ? 33  ARG A CG  1 
ATOM   248  C CD  . ARG A 1 33  ? 2.143   -16.713 -8.261  1.00 47.61 ? 33  ARG A CD  1 
ATOM   249  N NE  . ARG A 1 33  ? 2.896   -16.576 -9.510  1.00 56.41 ? 33  ARG A NE  1 
ATOM   250  C CZ  . ARG A 1 33  ? 3.991   -17.289 -9.865  1.00 62.83 ? 33  ARG A CZ  1 
ATOM   251  N NH1 . ARG A 1 33  ? 4.571   -17.033 -11.039 1.00 57.38 ? 33  ARG A NH1 1 
ATOM   252  N NH2 . ARG A 1 33  ? 4.544   -18.223 -9.055  1.00 59.34 ? 33  ARG A NH2 1 
ATOM   253  N N   . LYS A 1 34  ? 5.662   -12.344 -7.107  1.00 33.20 ? 34  LYS A N   1 
ATOM   254  C CA  . LYS A 1 34  ? 6.777   -11.631 -7.685  1.00 37.51 ? 34  LYS A CA  1 
ATOM   255  C C   . LYS A 1 34  ? 6.977   -10.209 -7.144  1.00 38.51 ? 34  LYS A C   1 
ATOM   256  O O   . LYS A 1 34  ? 8.097   -9.860  -6.724  1.00 34.10 ? 34  LYS A O   1 
ATOM   257  C CB  . LYS A 1 34  ? 6.604   -11.535 -9.203  1.00 43.29 ? 34  LYS A CB  1 
ATOM   258  C CG  . LYS A 1 34  ? 6.414   -12.862 -9.955  1.00 51.68 ? 34  LYS A CG  1 
ATOM   259  C CD  . LYS A 1 34  ? 7.453   -13.924 -9.556  1.00 58.49 ? 34  LYS A CD  1 
ATOM   260  C CE  . LYS A 1 34  ? 7.745   -14.952 -10.655 1.00 63.61 ? 34  LYS A CE  1 
ATOM   261  N NZ  . LYS A 1 34  ? 8.062   -16.299 -10.083 1.00 64.14 ? 34  LYS A NZ  1 
ATOM   262  N N   . VAL A 1 35  ? 5.937   -9.374  -7.217  1.00 30.25 ? 35  VAL A N   1 
ATOM   263  C CA  . VAL A 1 35  ? 6.071   -7.934  -6.947  1.00 30.91 ? 35  VAL A CA  1 
ATOM   264  C C   . VAL A 1 35  ? 4.855   -7.459  -6.211  1.00 27.86 ? 35  VAL A C   1 
ATOM   265  O O   . VAL A 1 35  ? 3.729   -7.843  -6.530  1.00 28.66 ? 35  VAL A O   1 
ATOM   266  C CB  . VAL A 1 35  ? 6.130   -7.054  -8.222  1.00 34.53 ? 35  VAL A CB  1 
ATOM   267  C CG1 . VAL A 1 35  ? 6.396   -5.599  -7.873  1.00 35.06 ? 35  VAL A CG1 1 
ATOM   268  C CG2 . VAL A 1 35  ? 7.212   -7.525  -9.157  1.00 41.60 ? 35  VAL A CG2 1 
ATOM   269  N N   . ILE A 1 36  ? 5.093   -6.614  -5.231  1.00 26.48 ? 36  ILE A N   1 
ATOM   270  C CA  . ILE A 1 36  ? 4.051   -5.803  -4.563  1.00 27.48 ? 36  ILE A CA  1 
ATOM   271  C C   . ILE A 1 36  ? 4.463   -4.369  -4.733  1.00 27.37 ? 36  ILE A C   1 
ATOM   272  O O   . ILE A 1 36  ? 5.582   -4.001  -4.373  1.00 25.90 ? 36  ILE A O   1 
ATOM   273  C CB  . ILE A 1 36  ? 3.958   -6.109  -3.078  1.00 27.54 ? 36  ILE A CB  1 
ATOM   274  C CG1 . ILE A 1 36  ? 3.453   -7.541  -2.849  1.00 28.27 ? 36  ILE A CG1 1 
ATOM   275  C CG2 . ILE A 1 36  ? 3.057   -5.105  -2.363  1.00 29.08 ? 36  ILE A CG2 1 
ATOM   276  C CD1 . ILE A 1 36  ? 3.681   -8.041  -1.435  1.00 29.22 ? 36  ILE A CD1 1 
ATOM   277  N N   . ALA A 1 37  ? 3.563   -3.566  -5.280  1.00 24.59 ? 37  ALA A N   1 
ATOM   278  C CA  . ALA A 1 37  ? 3.724   -2.130  -5.365  1.00 24.89 ? 37  ALA A CA  1 
ATOM   279  C C   . ALA A 1 37  ? 2.601   -1.493  -4.549  1.00 25.66 ? 37  ALA A C   1 
ATOM   280  O O   . ALA A 1 37  ? 1.388   -1.713  -4.868  1.00 24.39 ? 37  ALA A O   1 
ATOM   281  C CB  . ALA A 1 37  ? 3.614   -1.684  -6.842  1.00 24.26 ? 37  ALA A CB  1 
ATOM   282  N N   . LEU A 1 38  ? 2.984   -0.666  -3.573  1.00 21.34 ? 38  LEU A N   1 
ATOM   283  C CA  . LEU A 1 38  ? 2.066   -0.094  -2.642  1.00 24.91 ? 38  LEU A CA  1 
ATOM   284  C C   . LEU A 1 38  ? 2.266   1.425   -2.622  1.00 23.37 ? 38  LEU A C   1 
ATOM   285  O O   . LEU A 1 38  ? 3.380   1.927   -2.453  1.00 23.85 ? 38  LEU A O   1 
ATOM   286  C CB  . LEU A 1 38  ? 2.316   -0.657  -1.235  1.00 24.71 ? 38  LEU A CB  1 
ATOM   287  C CG  . LEU A 1 38  ? 1.435   0.038   -0.186  1.00 25.56 ? 38  LEU A CG  1 
ATOM   288  C CD1 . LEU A 1 38  ? -0.064  -0.258  -0.323  1.00 22.05 ? 38  LEU A CD1 1 
ATOM   289  C CD2 . LEU A 1 38  ? 1.910   -0.506  1.163   1.00 28.41 ? 38  LEU A CD2 1 
ATOM   290  N N   . VAL A 1 39  ? 1.173   2.141   -2.748  1.00 23.31 ? 39  VAL A N   1 
ATOM   291  C CA  . VAL A 1 39  ? 1.124   3.554   -2.556  1.00 23.25 ? 39  VAL A CA  1 
ATOM   292  C C   . VAL A 1 39  ? 0.158   3.828   -1.389  1.00 23.20 ? 39  VAL A C   1 
ATOM   293  O O   . VAL A 1 39  ? -0.989  3.362   -1.435  1.00 22.56 ? 39  VAL A O   1 
ATOM   294  C CB  . VAL A 1 39  ? 0.501   4.250   -3.787  1.00 24.08 ? 39  VAL A CB  1 
ATOM   295  C CG1 . VAL A 1 39  ? 0.524   5.735   -3.560  1.00 22.09 ? 39  VAL A CG1 1 
ATOM   296  C CG2 . VAL A 1 39  ? 1.240   3.917   -5.065  1.00 24.26 ? 39  VAL A CG2 1 
ATOM   297  N N   . MET A 1 40  ? 0.592   4.541   -0.349  1.00 21.83 ? 40  MET A N   1 
ATOM   298  C CA  . MET A 1 40  ? -0.229  4.650   0.862   1.00 22.29 ? 40  MET A CA  1 
ATOM   299  C C   . MET A 1 40  ? 0.003   5.993   1.483   1.00 23.55 ? 40  MET A C   1 
ATOM   300  O O   . MET A 1 40  ? 1.151   6.471   1.513   1.00 22.29 ? 40  MET A O   1 
ATOM   301  C CB  . MET A 1 40  ? 0.057   3.460   1.768   1.00 22.78 ? 40  MET A CB  1 
ATOM   302  C CG  . MET A 1 40  ? -0.791  3.333   3.007   1.00 23.48 ? 40  MET A CG  1 
ATOM   303  S SD  . MET A 1 40  ? -2.611  3.440   2.725   1.00 24.38 ? 40  MET A SD  1 
ATOM   304  C CE  . MET A 1 40  ? -2.923  2.106   1.585   1.00 26.02 ? 40  MET A CE  1 
ATOM   305  N N   . ASP A 1 41  ? -1.086  6.628   1.940   1.00 23.68 ? 41  ASP A N   1 
ATOM   306  C CA  . ASP A 1 41  ? -1.033  7.930   2.628   1.00 23.12 ? 41  ASP A CA  1 
ATOM   307  C C   . ASP A 1 41  ? -0.540  7.776   4.074   1.00 27.68 ? 41  ASP A C   1 
ATOM   308  O O   . ASP A 1 41  ? 0.405   8.487   4.467   1.00 24.87 ? 41  ASP A O   1 
ATOM   309  C CB  . ASP A 1 41  ? -2.307  8.695   2.499   1.00 22.11 ? 41  ASP A CB  1 
ATOM   310  C CG  . ASP A 1 41  ? -3.571  7.905   2.997   1.00 27.16 ? 41  ASP A CG  1 
ATOM   311  O OD1 . ASP A 1 41  ? -3.538  6.759   3.398   1.00 24.95 ? 41  ASP A OD1 1 
ATOM   312  O OD2 . ASP A 1 41  ? -4.643  8.477   3.058   1.00 33.66 ? 41  ASP A OD2 1 
ATOM   313  N N   . ILE A 1 42  ? -1.102  6.821   4.837   1.00 26.03 ? 42  ILE A N   1 
ATOM   314  C CA  . ILE A 1 42  ? -0.623  6.502   6.186   1.00 27.29 ? 42  ILE A CA  1 
ATOM   315  C C   . ILE A 1 42  ? -0.574  5.014   6.398   1.00 24.25 ? 42  ILE A C   1 
ATOM   316  O O   . ILE A 1 42  ? -1.592  4.305   6.157   1.00 24.52 ? 42  ILE A O   1 
ATOM   317  C CB  . ILE A 1 42  ? -1.476  7.163   7.317   1.00 32.37 ? 42  ILE A CB  1 
ATOM   318  C CG1 . ILE A 1 42  ? -1.807  8.601   6.974   1.00 34.67 ? 42  ILE A CG1 1 
ATOM   319  C CG2 . ILE A 1 42  ? -0.745  7.098   8.638   1.00 33.27 ? 42  ILE A CG2 1 
ATOM   320  C CD1 . ILE A 1 42  ? -2.400  9.417   8.103   1.00 43.00 ? 42  ILE A CD1 1 
ATOM   321  N N   . PHE A 1 43  ? 0.575   4.527   6.866   1.00 22.28 ? 43  PHE A N   1 
ATOM   322  C CA  . PHE A 1 43  ? 0.838   3.083   7.043   1.00 22.90 ? 43  PHE A CA  1 
ATOM   323  C C   . PHE A 1 43  ? 1.330   2.826   8.489   1.00 26.57 ? 43  PHE A C   1 
ATOM   324  O O   . PHE A 1 43  ? 2.512   2.905   8.753   1.00 26.88 ? 43  PHE A O   1 
ATOM   325  C CB  . PHE A 1 43  ? 1.838   2.592   6.013   1.00 19.68 ? 43  PHE A CB  1 
ATOM   326  C CG  . PHE A 1 43  ? 1.965   1.086   5.905   1.00 18.95 ? 43  PHE A CG  1 
ATOM   327  C CD1 . PHE A 1 43  ? 1.352   0.197   6.820   1.00 22.53 ? 43  PHE A CD1 1 
ATOM   328  C CD2 . PHE A 1 43  ? 2.709   0.544   4.895   1.00 19.69 ? 43  PHE A CD2 1 
ATOM   329  C CE1 . PHE A 1 43  ? 1.453   -1.164  6.697   1.00 20.61 ? 43  PHE A CE1 1 
ATOM   330  C CE2 . PHE A 1 43  ? 2.815   -0.850  4.758   1.00 20.78 ? 43  PHE A CE2 1 
ATOM   331  C CZ  . PHE A 1 43  ? 2.183   -1.703  5.667   1.00 21.36 ? 43  PHE A CZ  1 
ATOM   332  N N   . THR A 1 44  ? 0.403   2.476   9.385   1.00 27.14 ? 44  THR A N   1 
ATOM   333  C CA  . THR A 1 44  ? 0.695   2.046   10.766  1.00 27.89 ? 44  THR A CA  1 
ATOM   334  C C   . THR A 1 44  ? 0.196   0.687   11.147  1.00 29.94 ? 44  THR A C   1 
ATOM   335  O O   . THR A 1 44  ? 0.505   0.194   12.248  1.00 27.23 ? 44  THR A O   1 
ATOM   336  C CB  . THR A 1 44  ? 0.188   3.066   11.811  1.00 28.54 ? 44  THR A CB  1 
ATOM   337  O OG1 . THR A 1 44  ? -1.224  3.263   11.706  1.00 32.19 ? 44  THR A OG1 1 
ATOM   338  C CG2 . THR A 1 44  ? 0.887   4.400   11.578  1.00 27.73 ? 44  THR A CG2 1 
ATOM   339  N N   . ASP A 1 45  ? -0.517  0.004   10.260  1.00 28.82 ? 45  ASP A N   1 
ATOM   340  C CA  . ASP A 1 45  ? -1.104  -1.282  10.647  1.00 25.63 ? 45  ASP A CA  1 
ATOM   341  C C   . ASP A 1 45  ? -0.045  -2.384  10.677  1.00 29.23 ? 45  ASP A C   1 
ATOM   342  O O   . ASP A 1 45  ? 0.570   -2.753  9.656   1.00 25.83 ? 45  ASP A O   1 
ATOM   343  C CB  . ASP A 1 45  ? -2.257  -1.651  9.687   1.00 28.82 ? 45  ASP A CB  1 
ATOM   344  C CG  . ASP A 1 45  ? -2.985  -2.938  10.073  1.00 26.95 ? 45  ASP A CG  1 
ATOM   345  O OD1 . ASP A 1 45  ? -2.372  -4.002  10.163  1.00 27.53 ? 45  ASP A OD1 1 
ATOM   346  O OD2 . ASP A 1 45  ? -4.210  -2.860  10.184  1.00 31.38 ? 45  ASP A OD2 1 
ATOM   347  N N   . VAL A 1 46  ? 0.133   -2.942  11.876  1.00 30.17 ? 46  VAL A N   1 
ATOM   348  C CA  . VAL A 1 46  ? 1.201   -3.921  12.142  1.00 31.75 ? 46  VAL A CA  1 
ATOM   349  C C   . VAL A 1 46  ? 0.994   -5.276  11.459  1.00 30.02 ? 46  VAL A C   1 
ATOM   350  O O   . VAL A 1 46  ? 1.969   -5.927  11.010  1.00 30.49 ? 46  VAL A O   1 
ATOM   351  C CB  . VAL A 1 46  ? 1.410   -4.042  13.697  1.00 31.93 ? 46  VAL A CB  1 
ATOM   352  C CG1 . VAL A 1 46  ? 2.313   -5.226  14.032  1.00 34.91 ? 46  VAL A CG1 1 
ATOM   353  C CG2 . VAL A 1 46  ? 2.061   -2.747  14.225  1.00 32.67 ? 46  VAL A CG2 1 
ATOM   354  N N   . ASP A 1 47  ? -0.250  -5.723  11.369  1.00 29.90 ? 47  ASP A N   1 
ATOM   355  C CA  . ASP A 1 47  ? -0.574  -7.021  10.738  1.00 31.32 ? 47  ASP A CA  1 
ATOM   356  C C   . ASP A 1 47  ? -0.296  -6.982  9.244   1.00 26.51 ? 47  ASP A C   1 
ATOM   357  O O   . ASP A 1 47  ? 0.259   -7.908  8.623   1.00 32.76 ? 47  ASP A O   1 
ATOM   358  C CB  . ASP A 1 47  ? -2.060  -7.321  10.942  1.00 31.91 ? 47  ASP A CB  1 
ATOM   359  C CG  . ASP A 1 47  ? -2.460  -7.378  12.424  1.00 38.39 ? 47  ASP A CG  1 
ATOM   360  O OD1 . ASP A 1 47  ? -1.738  -8.026  13.205  1.00 38.22 ? 47  ASP A OD1 1 
ATOM   361  O OD2 . ASP A 1 47  ? -3.467  -6.742  12.812  1.00 36.23 ? 47  ASP A OD2 1 
ATOM   362  N N   . ILE A 1 48  ? -0.700  -5.896  8.650   1.00 26.74 ? 48  ILE A N   1 
ATOM   363  C CA  . ILE A 1 48  ? -0.428  -5.697  7.229   1.00 24.73 ? 48  ILE A CA  1 
ATOM   364  C C   . ILE A 1 48  ? 1.088   -5.561  6.991   1.00 25.87 ? 48  ILE A C   1 
ATOM   365  O O   . ILE A 1 48  ? 1.646   -6.211  6.110   1.00 27.51 ? 48  ILE A O   1 
ATOM   366  C CB  . ILE A 1 48  ? -1.209  -4.514  6.656   1.00 24.81 ? 48  ILE A CB  1 
ATOM   367  C CG1 . ILE A 1 48  ? -2.709  -4.797  6.718   1.00 23.32 ? 48  ILE A CG1 1 
ATOM   368  C CG2 . ILE A 1 48  ? -0.782  -4.330  5.196   1.00 24.77 ? 48  ILE A CG2 1 
ATOM   369  C CD1 . ILE A 1 48  ? -3.578  -3.632  6.309   1.00 24.50 ? 48  ILE A CD1 1 
ATOM   370  N N   . PHE A 1 49  ? 1.765   -4.787  7.828   1.00 27.93 ? 49  PHE A N   1 
ATOM   371  C CA  . PHE A 1 49  ? 3.252   -4.713  7.736   1.00 28.11 ? 49  PHE A CA  1 
ATOM   372  C C   . PHE A 1 49  ? 3.911   -6.092  7.805   1.00 26.57 ? 49  PHE A C   1 
ATOM   373  O O   . PHE A 1 49  ? 4.801   -6.450  6.986   1.00 27.89 ? 49  PHE A O   1 
ATOM   374  C CB  . PHE A 1 49  ? 3.809   -3.757  8.796   1.00 31.42 ? 49  PHE A CB  1 
ATOM   375  C CG  . PHE A 1 49  ? 5.301   -3.525  8.674   1.00 36.60 ? 49  PHE A CG  1 
ATOM   376  C CD1 . PHE A 1 49  ? 5.871   -3.089  7.439   1.00 34.19 ? 49  PHE A CD1 1 
ATOM   377  C CD2 . PHE A 1 49  ? 6.150   -3.737  9.765   1.00 37.02 ? 49  PHE A CD2 1 
ATOM   378  C CE1 . PHE A 1 49  ? 7.244   -2.910  7.296   1.00 35.55 ? 49  PHE A CE1 1 
ATOM   379  C CE2 . PHE A 1 49  ? 7.552   -3.523  9.626   1.00 37.41 ? 49  PHE A CE2 1 
ATOM   380  C CZ  . PHE A 1 49  ? 8.091   -3.139  8.405   1.00 33.54 ? 49  PHE A CZ  1 
ATOM   381  N N   . LYS A 1 50  ? 3.457   -6.889  8.754   1.00 26.39 ? 50  LYS A N   1 
ATOM   382  C CA  . LYS A 1 50  ? 4.027   -8.234  8.963   1.00 31.06 ? 50  LYS A CA  1 
ATOM   383  C C   . LYS A 1 50  ? 3.882   -9.069  7.727   1.00 26.73 ? 50  LYS A C   1 
ATOM   384  O O   . LYS A 1 50  ? 4.792   -9.839  7.294   1.00 27.11 ? 50  LYS A O   1 
ATOM   385  C CB  . LYS A 1 50  ? 3.348   -8.947  10.152  1.00 35.78 ? 50  LYS A CB  1 
ATOM   386  C CG  . LYS A 1 50  ? 3.897   -10.329 10.490  1.00 46.95 ? 50  LYS A CG  1 
ATOM   387  C CD  . LYS A 1 50  ? 2.860   -11.338 11.034  1.00 59.02 ? 50  LYS A CD  1 
ATOM   388  C CE  . LYS A 1 50  ? 1.823   -11.846 10.002  1.00 68.14 ? 50  LYS A CE  1 
ATOM   389  N NZ  . LYS A 1 50  ? 2.332   -12.703 8.875   1.00 65.90 ? 50  LYS A NZ  1 
ATOM   390  N N   . GLU A 1 51  ? 2.704   -8.986  7.129   1.00 28.90 ? 51  GLU A N   1 
ATOM   391  C CA  . GLU A 1 51  ? 2.445   -9.744  5.903   1.00 28.75 ? 51  GLU A CA  1 
ATOM   392  C C   . GLU A 1 51  ? 3.373   -9.327  4.750   1.00 27.32 ? 51  GLU A C   1 
ATOM   393  O O   . GLU A 1 51  ? 3.852   -10.154 3.987   1.00 29.75 ? 51  GLU A O   1 
ATOM   394  C CB  . GLU A 1 51  ? 0.977   -9.509  5.519   1.00 36.45 ? 51  GLU A CB  1 
ATOM   395  C CG  . GLU A 1 51  ? 0.299   -10.657 4.860   1.00 43.02 ? 51  GLU A CG  1 
ATOM   396  C CD  . GLU A 1 51  ? 0.102   -11.769 5.837   1.00 42.21 ? 51  GLU A CD  1 
ATOM   397  O OE1 . GLU A 1 51  ? -0.664  -11.597 6.840   1.00 46.10 ? 51  GLU A OE1 1 
ATOM   398  O OE2 . GLU A 1 51  ? 0.761   -12.783 5.571   1.00 47.02 ? 51  GLU A OE2 1 
ATOM   399  N N   . ILE A 1 52  ? 3.627   -8.026  4.628   1.00 29.03 ? 52  ILE A N   1 
ATOM   400  C CA  . ILE A 1 52  ? 4.567   -7.485  3.612   1.00 27.77 ? 52  ILE A CA  1 
ATOM   401  C C   . ILE A 1 52  ? 6.032   -7.913  3.873   1.00 29.05 ? 52  ILE A C   1 
ATOM   402  O O   . ILE A 1 52  ? 6.710   -8.446  2.981   1.00 28.77 ? 52  ILE A O   1 
ATOM   403  C CB  . ILE A 1 52  ? 4.441   -5.964  3.592   1.00 29.92 ? 52  ILE A CB  1 
ATOM   404  C CG1 . ILE A 1 52  ? 3.183   -5.600  2.824   1.00 33.44 ? 52  ILE A CG1 1 
ATOM   405  C CG2 . ILE A 1 52  ? 5.626   -5.333  2.900   1.00 31.87 ? 52  ILE A CG2 1 
ATOM   406  C CD1 . ILE A 1 52  ? 2.816   -4.147  2.895   1.00 33.53 ? 52  ILE A CD1 1 
ATOM   407  N N   . VAL A 1 53  ? 6.506   -7.737  5.115   1.00 31.88 ? 53  VAL A N   1 
ATOM   408  C CA  . VAL A 1 53  ? 7.842   -8.301  5.523   1.00 31.71 ? 53  VAL A CA  1 
ATOM   409  C C   . VAL A 1 53  ? 7.998   -9.784  5.135   1.00 35.34 ? 53  VAL A C   1 
ATOM   410  O O   . VAL A 1 53  ? 8.955   -10.205 4.420   1.00 35.87 ? 53  VAL A O   1 
ATOM   411  C CB  . VAL A 1 53  ? 8.090   -8.092  7.027   1.00 31.54 ? 53  VAL A CB  1 
ATOM   412  C CG1 . VAL A 1 53  ? 9.383   -8.775  7.488   1.00 34.96 ? 53  VAL A CG1 1 
ATOM   413  C CG2 . VAL A 1 53  ? 8.160   -6.597  7.293   1.00 32.10 ? 53  VAL A CG2 1 
ATOM   414  N N   . GLU A 1 54  ? 7.006   -10.552 5.536   1.00 34.06 ? 54  GLU A N   1 
ATOM   415  C CA  . GLU A 1 54  ? 6.982   -11.966 5.223   1.00 36.12 ? 54  GLU A CA  1 
ATOM   416  C C   . GLU A 1 54  ? 6.956   -12.248 3.733   1.00 36.69 ? 54  GLU A C   1 
ATOM   417  O O   . GLU A 1 54  ? 7.647   -13.141 3.257   1.00 33.92 ? 54  GLU A O   1 
ATOM   418  C CB  . GLU A 1 54  ? 5.775   -12.551 5.925   1.00 42.31 ? 54  GLU A CB  1 
ATOM   419  C CG  . GLU A 1 54  ? 5.683   -14.043 6.011   1.00 53.69 ? 54  GLU A CG  1 
ATOM   420  C CD  . GLU A 1 54  ? 4.511   -14.394 6.911   1.00 61.57 ? 54  GLU A CD  1 
ATOM   421  O OE1 . GLU A 1 54  ? 4.711   -14.412 8.153   1.00 61.06 ? 54  GLU A OE1 1 
ATOM   422  O OE2 . GLU A 1 54  ? 3.378   -14.539 6.376   1.00 69.47 ? 54  GLU A OE2 1 
ATOM   423  N N   . ALA A 1 55  ? 6.189   -11.485 2.945   1.00 34.13 ? 55  ALA A N   1 
ATOM   424  C CA  . ALA A 1 55  ? 6.279   -11.647 1.492   1.00 32.38 ? 55  ALA A CA  1 
ATOM   425  C C   . ALA A 1 55  ? 7.719   -11.401 1.018   1.00 33.67 ? 55  ALA A C   1 
ATOM   426  O O   . ALA A 1 55  ? 8.273   -12.139 0.159   1.00 34.98 ? 55  ALA A O   1 
ATOM   427  C CB  . ALA A 1 55  ? 5.292   -10.699 0.733   1.00 33.21 ? 55  ALA A CB  1 
ATOM   428  N N   . SER A 1 56  ? 8.327   -10.350 1.543   1.00 32.45 ? 56  SER A N   1 
ATOM   429  C CA  . SER A 1 56  ? 9.681   -10.008 1.084   1.00 35.04 ? 56  SER A CA  1 
ATOM   430  C C   . SER A 1 56  ? 10.703  -11.114 1.430   1.00 36.71 ? 56  SER A C   1 
ATOM   431  O O   . SER A 1 56  ? 11.605  -11.406 0.628   1.00 35.49 ? 56  SER A O   1 
ATOM   432  C CB  . SER A 1 56  ? 10.132  -8.661  1.627   1.00 35.31 ? 56  SER A CB  1 
ATOM   433  O OG  . SER A 1 56  ? 10.425  -8.707  2.995   1.00 32.65 ? 56  SER A OG  1 
ATOM   434  N N   . THR A 1 57  ? 10.484  -11.802 2.543   1.00 39.35 ? 57  THR A N   1 
ATOM   435  C CA  . THR A 1 57  ? 11.351  -12.933 2.914   1.00 42.93 ? 57  THR A CA  1 
ATOM   436  C C   . THR A 1 57  ? 11.129  -14.148 2.030   1.00 43.62 ? 57  THR A C   1 
ATOM   437  O O   . THR A 1 57  ? 12.046  -14.905 1.813   1.00 47.88 ? 57  THR A O   1 
ATOM   438  C CB  . THR A 1 57  ? 11.188  -13.328 4.385   1.00 45.57 ? 57  THR A CB  1 
ATOM   439  O OG1 . THR A 1 57  ? 9.941   -13.992 4.543   1.00 50.53 ? 57  THR A OG1 1 
ATOM   440  C CG2 . THR A 1 57  ? 11.233  -12.091 5.322   1.00 42.33 ? 57  THR A CG2 1 
ATOM   441  N N   . ARG A 1 58  ? 9.947   -14.339 1.458   1.00 47.22 ? 58  ARG A N   1 
ATOM   442  C CA  . ARG A 1 58  ? 9.791   -15.397 0.425   1.00 41.91 ? 58  ARG A CA  1 
ATOM   443  C C   . ARG A 1 58  ? 10.428  -14.968 -0.859  1.00 41.16 ? 58  ARG A C   1 
ATOM   444  O O   . ARG A 1 58  ? 10.330  -15.695 -1.836  1.00 36.41 ? 58  ARG A O   1 
ATOM   445  C CB  . ARG A 1 58  ? 8.316   -15.667 0.042   1.00 47.25 ? 58  ARG A CB  1 
ATOM   446  C CG  . ARG A 1 58  ? 7.320   -15.860 1.147   1.00 47.67 ? 58  ARG A CG  1 
ATOM   447  C CD  . ARG A 1 58  ? 5.999   -16.383 0.565   1.00 51.38 ? 58  ARG A CD  1 
ATOM   448  N NE  . ARG A 1 58  ? 5.252   -15.437 -0.307  1.00 46.31 ? 58  ARG A NE  1 
ATOM   449  C CZ  . ARG A 1 58  ? 4.394   -14.514 0.143   1.00 44.42 ? 58  ARG A CZ  1 
ATOM   450  N NH1 . ARG A 1 58  ? 4.178   -14.343 1.449   1.00 42.59 ? 58  ARG A NH1 1 
ATOM   451  N NH2 . ARG A 1 58  ? 3.756   -13.709 -0.726  1.00 45.40 ? 58  ARG A NH2 1 
ATOM   452  N N   . GLY A 1 59  ? 10.995  -13.764 -0.958  1.00 37.47 ? 59  GLY A N   1 
ATOM   453  C CA  . GLY A 1 59  ? 11.531  -13.335 -2.274  1.00 39.20 ? 59  GLY A CA  1 
ATOM   454  C C   . GLY A 1 59  ? 10.732  -12.376 -3.159  1.00 40.19 ? 59  GLY A C   1 
ATOM   455  O O   . GLY A 1 59  ? 11.182  -12.048 -4.270  1.00 39.65 ? 59  GLY A O   1 
ATOM   456  N N   . VAL A 1 60  ? 9.598   -11.861 -2.675  1.00 36.88 ? 60  VAL A N   1 
ATOM   457  C CA  . VAL A 1 60  ? 8.791   -10.947 -3.468  1.00 31.86 ? 60  VAL A CA  1 
ATOM   458  C C   . VAL A 1 60  ? 9.453   -9.555  -3.389  1.00 32.20 ? 60  VAL A C   1 
ATOM   459  O O   . VAL A 1 60  ? 9.803   -9.096  -2.302  1.00 30.18 ? 60  VAL A O   1 
ATOM   460  C CB  . VAL A 1 60  ? 7.334   -10.897 -2.893  1.00 35.68 ? 60  VAL A CB  1 
ATOM   461  C CG1 . VAL A 1 60  ? 6.523   -9.809  -3.591  1.00 36.12 ? 60  VAL A CG1 1 
ATOM   462  C CG2 . VAL A 1 60  ? 6.636   -12.258 -2.976  1.00 35.23 ? 60  VAL A CG2 1 
ATOM   463  N N   . SER A 1 61  ? 9.616   -8.872  -4.518  1.00 29.40 ? 61  SER A N   1 
ATOM   464  C CA  . SER A 1 61  ? 10.083  -7.476  -4.501  1.00 32.79 ? 61  SER A CA  1 
ATOM   465  C C   . SER A 1 61  ? 8.960   -6.536  -4.038  1.00 32.84 ? 61  SER A C   1 
ATOM   466  O O   . SER A 1 61  ? 7.853   -6.522  -4.643  1.00 30.91 ? 61  SER A O   1 
ATOM   467  C CB  . SER A 1 61  ? 10.501  -7.025  -5.888  1.00 35.11 ? 61  SER A CB  1 
ATOM   468  O OG  . SER A 1 61  ? 11.520  -7.839  -6.396  1.00 39.83 ? 61  SER A OG  1 
ATOM   469  N N   . VAL A 1 62  ? 9.242   -5.735  -3.018  1.00 29.64 ? 62  VAL A N   1 
ATOM   470  C CA  . VAL A 1 62  ? 8.255   -4.810  -2.458  1.00 31.19 ? 62  VAL A CA  1 
ATOM   471  C C   . VAL A 1 62  ? 8.694   -3.349  -2.611  1.00 30.18 ? 62  VAL A C   1 
ATOM   472  O O   . VAL A 1 62  ? 9.768   -2.961  -2.096  1.00 31.19 ? 62  VAL A O   1 
ATOM   473  C CB  . VAL A 1 62  ? 8.029   -5.100  -0.994  1.00 28.68 ? 62  VAL A CB  1 
ATOM   474  C CG1 . VAL A 1 62  ? 6.981   -4.168  -0.451  1.00 31.47 ? 62  VAL A CG1 1 
ATOM   475  C CG2 . VAL A 1 62  ? 7.657   -6.548  -0.783  1.00 30.11 ? 62  VAL A CG2 1 
ATOM   476  N N   . TYR A 1 63  ? 7.903   -2.564  -3.364  1.00 23.61 ? 63  TYR A N   1 
ATOM   477  C CA  . TYR A 1 63  ? 8.151   -1.165  -3.546  1.00 27.53 ? 63  TYR A CA  1 
ATOM   478  C C   . TYR A 1 63  ? 7.013   -0.420  -2.849  1.00 27.10 ? 63  TYR A C   1 
ATOM   479  O O   . TYR A 1 63  ? 5.835   -0.617  -3.215  1.00 24.28 ? 63  TYR A O   1 
ATOM   480  C CB  . TYR A 1 63  ? 8.202   -0.772  -5.021  1.00 31.32 ? 63  TYR A CB  1 
ATOM   481  C CG  . TYR A 1 63  ? 9.238   -1.530  -5.806  1.00 32.50 ? 63  TYR A CG  1 
ATOM   482  C CD1 . TYR A 1 63  ? 8.911   -2.749  -6.442  1.00 33.25 ? 63  TYR A CD1 1 
ATOM   483  C CD2 . TYR A 1 63  ? 10.538  -1.046  -5.925  1.00 35.09 ? 63  TYR A CD2 1 
ATOM   484  C CE1 . TYR A 1 63  ? 9.836   -3.456  -7.170  1.00 35.87 ? 63  TYR A CE1 1 
ATOM   485  C CE2 . TYR A 1 63  ? 11.501  -1.763  -6.662  1.00 36.02 ? 63  TYR A CE2 1 
ATOM   486  C CZ  . TYR A 1 63  ? 11.125  -2.957  -7.287  1.00 37.76 ? 63  TYR A CZ  1 
ATOM   487  O OH  . TYR A 1 63  ? 12.043  -3.704  -7.972  1.00 47.96 ? 63  TYR A OH  1 
ATOM   488  N N   . ILE A 1 64  ? 7.358   0.445   -1.899  1.00 23.32 ? 64  ILE A N   1 
ATOM   489  C CA  . ILE A 1 64  ? 6.357   1.212   -1.175  1.00 24.46 ? 64  ILE A CA  1 
ATOM   490  C C   . ILE A 1 64  ? 6.589   2.695   -1.352  1.00 23.44 ? 64  ILE A C   1 
ATOM   491  O O   . ILE A 1 64  ? 7.713   3.196   -1.149  1.00 26.23 ? 64  ILE A O   1 
ATOM   492  C CB  . ILE A 1 64  ? 6.414   0.891   0.342   1.00 25.69 ? 64  ILE A CB  1 
ATOM   493  C CG1 . ILE A 1 64  ? 6.359   -0.604  0.575   1.00 26.31 ? 64  ILE A CG1 1 
ATOM   494  C CG2 . ILE A 1 64  ? 5.369   1.691   1.101   1.00 27.26 ? 64  ILE A CG2 1 
ATOM   495  C CD1 . ILE A 1 64  ? 6.418   -0.981  2.044   1.00 31.25 ? 64  ILE A CD1 1 
ATOM   496  N N   . LEU A 1 65  ? 5.524   3.428   -1.662  1.00 23.02 ? 65  LEU A N   1 
ATOM   497  C CA  . LEU A 1 65  ? 5.567   4.894   -1.740  1.00 24.39 ? 65  LEU A CA  1 
ATOM   498  C C   . LEU A 1 65  ? 4.598   5.471   -0.745  1.00 24.54 ? 65  LEU A C   1 
ATOM   499  O O   . LEU A 1 65  ? 3.404   5.157   -0.813  1.00 23.99 ? 65  LEU A O   1 
ATOM   500  C CB  . LEU A 1 65  ? 5.176   5.334   -3.131  1.00 24.16 ? 65  LEU A CB  1 
ATOM   501  C CG  . LEU A 1 65  ? 6.102   4.862   -4.236  1.00 27.92 ? 65  LEU A CG  1 
ATOM   502  C CD1 . LEU A 1 65  ? 5.592   5.305   -5.604  1.00 30.66 ? 65  LEU A CD1 1 
ATOM   503  C CD2 . LEU A 1 65  ? 7.475   5.473   -4.037  1.00 27.77 ? 65  LEU A CD2 1 
ATOM   504  N N   . LEU A 1 66  ? 5.100   6.276   0.190   1.00 23.70 ? 66  LEU A N   1 
ATOM   505  C CA  . LEU A 1 66  ? 4.333   6.896   1.251   1.00 23.86 ? 66  LEU A CA  1 
ATOM   506  C C   . LEU A 1 66  ? 4.321   8.378   1.146   1.00 26.36 ? 66  LEU A C   1 
ATOM   507  O O   . LEU A 1 66  ? 5.331   8.985   0.704   1.00 26.04 ? 66  LEU A O   1 
ATOM   508  C CB  . LEU A 1 66  ? 4.936   6.509   2.618   1.00 26.49 ? 66  LEU A CB  1 
ATOM   509  C CG  . LEU A 1 66  ? 4.925   5.003   2.862   1.00 28.04 ? 66  LEU A CG  1 
ATOM   510  C CD1 . LEU A 1 66  ? 5.689   4.648   4.152   1.00 32.05 ? 66  LEU A CD1 1 
ATOM   511  C CD2 . LEU A 1 66  ? 3.480   4.471   2.887   1.00 26.82 ? 66  LEU A CD2 1 
ATOM   512  N N   . ASP A 1 67  ? 3.193   8.985   1.561   1.00 24.03 ? 67  ASP A N   1 
ATOM   513  C CA  . ASP A 1 67  ? 3.128   10.413  1.637   1.00 26.67 ? 67  ASP A CA  1 
ATOM   514  C C   . ASP A 1 67  ? 4.233   10.933  2.596   1.00 27.06 ? 67  ASP A C   1 
ATOM   515  O O   . ASP A 1 67  ? 4.379   10.441  3.764   1.00 26.70 ? 67  ASP A O   1 
ATOM   516  C CB  . ASP A 1 67  ? 1.782   10.844  2.142   1.00 27.62 ? 67  ASP A CB  1 
ATOM   517  C CG  . ASP A 1 67  ? 1.736   12.329  2.451   1.00 31.94 ? 67  ASP A CG  1 
ATOM   518  O OD1 . ASP A 1 67  ? 1.723   13.137  1.492   1.00 28.88 ? 67  ASP A OD1 1 
ATOM   519  O OD2 . ASP A 1 67  ? 1.757   12.659  3.655   1.00 30.50 ? 67  ASP A OD2 1 
ATOM   520  N N   . GLU A 1 68  ? 4.973   11.948  2.144   1.00 27.07 ? 68  GLU A N   1 
ATOM   521  C CA  . GLU A 1 68  ? 6.063   12.446  2.952   1.00 30.09 ? 68  GLU A CA  1 
ATOM   522  C C   . GLU A 1 68  ? 5.644   12.984  4.313   1.00 26.47 ? 68  GLU A C   1 
ATOM   523  O O   . GLU A 1 68  ? 6.268   12.649  5.306   1.00 27.51 ? 68  GLU A O   1 
ATOM   524  C CB  . GLU A 1 68  ? 6.889   13.479  2.210   1.00 31.95 ? 68  GLU A CB  1 
ATOM   525  C CG  . GLU A 1 68  ? 8.044   14.051  3.026   1.00 34.31 ? 68  GLU A CG  1 
ATOM   526  C CD  . GLU A 1 68  ? 8.687   15.204  2.264   1.00 45.04 ? 68  GLU A CD  1 
ATOM   527  O OE1 . GLU A 1 68  ? 9.370   14.899  1.298   1.00 42.97 ? 68  GLU A OE1 1 
ATOM   528  O OE2 . GLU A 1 68  ? 8.398   16.397  2.542   1.00 54.35 ? 68  GLU A OE2 1 
ATOM   529  N N   . SER A 1 69  ? 4.601   13.796  4.372   1.00 29.23 ? 69  SER A N   1 
ATOM   530  C CA  . SER A 1 69  ? 4.209   14.428  5.628   1.00 30.29 ? 69  SER A CA  1 
ATOM   531  C C   . SER A 1 69  ? 3.802   13.425  6.742   1.00 33.19 ? 69  SER A C   1 
ATOM   532  O O   . SER A 1 69  ? 3.826   13.758  7.878   1.00 33.43 ? 69  SER A O   1 
ATOM   533  C CB  . SER A 1 69  ? 3.081   15.443  5.363   1.00 30.46 ? 69  SER A CB  1 
ATOM   534  O OG  . SER A 1 69  ? 1.836   14.708  5.329   1.00 31.25 ? 69  SER A OG  1 
ATOM   535  N N   . ASN A 1 70  ? 3.421   12.205  6.413   1.00 33.63 ? 70  ASN A N   1 
ATOM   536  C CA  . ASN A 1 70  ? 3.019   11.175  7.404   1.00 33.18 ? 70  ASN A CA  1 
ATOM   537  C C   . ASN A 1 70  ? 4.018   10.058  7.525   1.00 27.69 ? 70  ASN A C   1 
ATOM   538  O O   . ASN A 1 70  ? 3.765   9.077   8.239   1.00 26.46 ? 70  ASN A O   1 
ATOM   539  C CB  . ASN A 1 70  ? 1.669   10.545  6.965   1.00 35.08 ? 70  ASN A CB  1 
ATOM   540  C CG  . ASN A 1 70  ? 0.510   11.492  7.135   1.00 39.99 ? 70  ASN A CG  1 
ATOM   541  O OD1 . ASN A 1 70  ? -0.261  11.753  6.171   1.00 51.05 ? 70  ASN A OD1 1 
ATOM   542  N ND2 . ASN A 1 70  ? 0.347   11.997  8.362   1.00 37.70 ? 70  ASN A ND2 1 
ATOM   543  N N   . PHE A 1 71  ? 5.125   10.139  6.801   1.00 25.83 ? 71  PHE A N   1 
ATOM   544  C CA  . PHE A 1 71  ? 6.126   9.063   6.806   1.00 27.06 ? 71  PHE A CA  1 
ATOM   545  C C   . PHE A 1 71  ? 6.581   8.653   8.233   1.00 29.85 ? 71  PHE A C   1 
ATOM   546  O O   . PHE A 1 71  ? 6.845   7.456   8.498   1.00 29.66 ? 71  PHE A O   1 
ATOM   547  C CB  . PHE A 1 71  ? 7.348   9.516   6.002   1.00 27.85 ? 71  PHE A CB  1 
ATOM   548  C CG  . PHE A 1 71  ? 8.465   8.528   6.001   1.00 30.05 ? 71  PHE A CG  1 
ATOM   549  C CD1 . PHE A 1 71  ? 8.431   7.430   5.193   1.00 25.59 ? 71  PHE A CD1 1 
ATOM   550  C CD2 . PHE A 1 71  ? 9.541   8.667   6.867   1.00 31.98 ? 71  PHE A CD2 1 
ATOM   551  C CE1 . PHE A 1 71  ? 9.418   6.456   5.256   1.00 26.78 ? 71  PHE A CE1 1 
ATOM   552  C CE2 . PHE A 1 71  ? 10.588  7.722   6.874   1.00 29.71 ? 71  PHE A CE2 1 
ATOM   553  C CZ  . PHE A 1 71  ? 10.530  6.614   6.049   1.00 29.82 ? 71  PHE A CZ  1 
ATOM   554  N N   . ASN A 1 72  ? 6.759   9.650   9.108   1.00 30.16 ? 72  ASN A N   1 
ATOM   555  C CA  . ASN A 1 72  ? 7.232   9.400   10.524  1.00 32.90 ? 72  ASN A CA  1 
ATOM   556  C C   . ASN A 1 72  ? 6.334   8.384   11.253  1.00 29.35 ? 72  ASN A C   1 
ATOM   557  O O   . ASN A 1 72  ? 6.814   7.627   12.090  1.00 28.42 ? 72  ASN A O   1 
ATOM   558  C CB  . ASN A 1 72  ? 7.271   10.696  11.354  1.00 34.83 ? 72  ASN A CB  1 
ATOM   559  C CG  . ASN A 1 72  ? 5.866   11.373  11.474  1.00 45.94 ? 72  ASN A CG  1 
ATOM   560  O OD1 . ASN A 1 72  ? 5.196   11.716  10.436  1.00 44.80 ? 72  ASN A OD1 1 
ATOM   561  N ND2 . ASN A 1 72  ? 5.407   11.578  12.746  1.00 44.14 ? 72  ASN A ND2 1 
ATOM   562  N N   . HIS A 1 73  ? 5.035   8.355   10.935  1.00 29.08 ? 73  HIS A N   1 
ATOM   563  C CA  . HIS A 1 73  ? 4.151   7.383   11.558  1.00 29.42 ? 73  HIS A CA  1 
ATOM   564  C C   . HIS A 1 73  ? 4.493   5.952   11.161  1.00 28.67 ? 73  HIS A C   1 
ATOM   565  O O   . HIS A 1 73  ? 4.421   5.039   11.969  1.00 31.60 ? 73  HIS A O   1 
ATOM   566  C CB  . HIS A 1 73  ? 2.713   7.717   11.264  1.00 30.77 ? 73  HIS A CB  1 
ATOM   567  C CG  . HIS A 1 73  ? 2.285   9.048   11.788  1.00 34.42 ? 73  HIS A CG  1 
ATOM   568  N ND1 . HIS A 1 73  ? 2.349   9.378   13.120  1.00 35.74 ? 73  HIS A ND1 1 
ATOM   569  C CD2 . HIS A 1 73  ? 1.765   10.126  11.162  1.00 35.54 ? 73  HIS A CD2 1 
ATOM   570  C CE1 . HIS A 1 73  ? 1.865   10.588  13.295  1.00 36.88 ? 73  HIS A CE1 1 
ATOM   571  N NE2 . HIS A 1 73  ? 1.536   11.080  12.116  1.00 36.10 ? 73  HIS A NE2 1 
ATOM   572  N N   . PHE A 1 74  ? 4.907   5.740   9.915   1.00 27.03 ? 74  PHE A N   1 
ATOM   573  C CA  . PHE A 1 74  ? 5.342   4.408   9.473   1.00 24.98 ? 74  PHE A CA  1 
ATOM   574  C C   . PHE A 1 74  ? 6.685   4.080   10.129  1.00 29.38 ? 74  PHE A C   1 
ATOM   575  O O   . PHE A 1 74  ? 6.923   2.959   10.560  1.00 26.38 ? 74  PHE A O   1 
ATOM   576  C CB  . PHE A 1 74  ? 5.488   4.417   7.941   1.00 26.24 ? 74  PHE A CB  1 
ATOM   577  C CG  . PHE A 1 74  ? 6.181   3.220   7.364   1.00 25.14 ? 74  PHE A CG  1 
ATOM   578  C CD1 . PHE A 1 74  ? 5.516   2.032   7.219   1.00 25.75 ? 74  PHE A CD1 1 
ATOM   579  C CD2 . PHE A 1 74  ? 7.525   3.311   6.904   1.00 23.38 ? 74  PHE A CD2 1 
ATOM   580  C CE1 . PHE A 1 74  ? 6.126   0.927   6.635   1.00 25.93 ? 74  PHE A CE1 1 
ATOM   581  C CE2 . PHE A 1 74  ? 8.144   2.221   6.356   1.00 24.03 ? 74  PHE A CE2 1 
ATOM   582  C CZ  . PHE A 1 74  ? 7.478   1.013   6.245   1.00 25.36 ? 74  PHE A CZ  1 
ATOM   583  N N   . LEU A 1 75  ? 7.584   5.057   10.171  1.00 32.11 ? 75  LEU A N   1 
ATOM   584  C CA  . LEU A 1 75  ? 8.906   4.830   10.773  1.00 33.47 ? 75  LEU A CA  1 
ATOM   585  C C   . LEU A 1 75  ? 8.755   4.430   12.230  1.00 28.90 ? 75  LEU A C   1 
ATOM   586  O O   . LEU A 1 75  ? 9.299   3.418   12.621  1.00 31.24 ? 75  LEU A O   1 
ATOM   587  C CB  . LEU A 1 75  ? 9.808   6.074   10.664  1.00 38.41 ? 75  LEU A CB  1 
ATOM   588  C CG  . LEU A 1 75  ? 11.287  5.671   10.620  1.00 48.68 ? 75  LEU A CG  1 
ATOM   589  C CD1 . LEU A 1 75  ? 11.584  4.901   9.315   1.00 47.97 ? 75  LEU A CD1 1 
ATOM   590  C CD2 . LEU A 1 75  ? 12.217  6.877   10.788  1.00 52.55 ? 75  LEU A CD2 1 
ATOM   591  N N   . ASN A 1 76  ? 7.952   5.172   12.973  1.00 30.35 ? 76  ASN A N   1 
ATOM   592  C CA  . ASN A 1 76  ? 7.642   4.830   14.408  1.00 32.04 ? 76  ASN A CA  1 
ATOM   593  C C   . ASN A 1 76  ? 7.133   3.425   14.513  1.00 34.87 ? 76  ASN A C   1 
ATOM   594  O O   . ASN A 1 76  ? 7.546   2.698   15.428  1.00 32.68 ? 76  ASN A O   1 
ATOM   595  C CB  . ASN A 1 76  ? 6.648   5.788   15.055  1.00 29.75 ? 76  ASN A CB  1 
ATOM   596  C CG  . ASN A 1 76  ? 7.197   7.197   15.190  1.00 33.90 ? 76  ASN A CG  1 
ATOM   597  O OD1 . ASN A 1 76  ? 6.461   8.177   15.255  1.00 34.11 ? 76  ASN A OD1 1 
ATOM   598  N ND2 . ASN A 1 76  ? 8.489   7.298   15.217  1.00 28.42 ? 76  ASN A ND2 1 
ATOM   599  N N   . MET A 1 77  ? 6.287   3.003   13.558  1.00 30.36 ? 77  MET A N   1 
ATOM   600  C CA  . MET A 1 77  ? 5.693   1.665   13.647  1.00 30.51 ? 77  MET A CA  1 
ATOM   601  C C   . MET A 1 77  ? 6.705   0.602   13.375  1.00 27.94 ? 77  MET A C   1 
ATOM   602  O O   . MET A 1 77  ? 6.715   -0.417  14.083  1.00 26.42 ? 77  MET A O   1 
ATOM   603  C CB  . MET A 1 77  ? 4.447   1.510   12.770  1.00 35.40 ? 77  MET A CB  1 
ATOM   604  C CG  . MET A 1 77  ? 3.856   0.118   12.802  1.00 35.99 ? 77  MET A CG  1 
ATOM   605  S SD  . MET A 1 77  ? 4.712   -1.001  11.723  1.00 37.72 ? 77  MET A SD  1 
ATOM   606  C CE  . MET A 1 77  ? 4.073   -0.471  10.101  1.00 38.18 ? 77  MET A CE  1 
ATOM   607  N N   . THR A 1 78  ? 7.602   0.811   12.411  1.00 28.50 ? 78  THR A N   1 
ATOM   608  C CA  . THR A 1 78  ? 8.633   -0.208  12.132  1.00 30.60 ? 78  THR A CA  1 
ATOM   609  C C   . THR A 1 78  ? 9.642   -0.319  13.317  1.00 34.66 ? 78  THR A C   1 
ATOM   610  O O   . THR A 1 78  ? 10.121  -1.421  13.663  1.00 33.54 ? 78  THR A O   1 
ATOM   611  C CB  . THR A 1 78  ? 9.420   0.038   10.815  1.00 32.79 ? 78  THR A CB  1 
ATOM   612  O OG1 . THR A 1 78  ? 10.024  1.328   10.825  1.00 32.52 ? 78  THR A OG1 1 
ATOM   613  C CG2 . THR A 1 78  ? 8.475   -0.057  9.585   1.00 36.86 ? 78  THR A CG2 1 
ATOM   614  N N   . GLU A 1 79  ? 9.945   0.839   13.909  1.00 38.08 ? 79  GLU A N   1 
ATOM   615  C CA  . GLU A 1 79  ? 10.844  0.909   15.072  1.00 43.18 ? 79  GLU A CA  1 
ATOM   616  C C   . GLU A 1 79  ? 10.300  0.074   16.220  1.00 37.20 ? 79  GLU A C   1 
ATOM   617  O O   . GLU A 1 79  ? 10.997  -0.763  16.752  1.00 40.07 ? 79  GLU A O   1 
ATOM   618  C CB  . GLU A 1 79  ? 10.987  2.330   15.586  1.00 43.27 ? 79  GLU A CB  1 
ATOM   619  C CG  . GLU A 1 79  ? 11.996  3.152   14.842  1.00 47.75 ? 79  GLU A CG  1 
ATOM   620  C CD  . GLU A 1 79  ? 12.823  4.023   15.788  1.00 44.21 ? 79  GLU A CD  1 
ATOM   621  O OE1 . GLU A 1 79  ? 14.007  4.142   15.478  1.00 49.05 ? 79  GLU A OE1 1 
ATOM   622  O OE2 . GLU A 1 79  ? 12.293  4.532   16.824  1.00 40.94 ? 79  GLU A OE2 1 
ATOM   623  N N   . LYS A 1 80  ? 9.038   0.311   16.531  1.00 37.79 ? 80  LYS A N   1 
ATOM   624  C CA  . LYS A 1 80  ? 8.333   -0.370  17.593  1.00 40.62 ? 80  LYS A CA  1 
ATOM   625  C C   . LYS A 1 80  ? 8.287   -1.862  17.351  1.00 38.44 ? 80  LYS A C   1 
ATOM   626  O O   . LYS A 1 80  ? 8.339   -2.606  18.289  1.00 35.67 ? 80  LYS A O   1 
ATOM   627  C CB  . LYS A 1 80  ? 6.930   0.220   17.794  1.00 44.45 ? 80  LYS A CB  1 
ATOM   628  C CG  . LYS A 1 80  ? 6.386   -0.067  19.147  1.00 47.54 ? 80  LYS A CG  1 
ATOM   629  C CD  . LYS A 1 80  ? 4.960   0.382   19.328  1.00 48.90 ? 80  LYS A CD  1 
ATOM   630  C CE  . LYS A 1 80  ? 4.282   -0.478  20.415  1.00 52.73 ? 80  LYS A CE  1 
ATOM   631  N NZ  . LYS A 1 80  ? 4.110   0.293   21.668  1.00 57.00 ? 80  LYS A NZ  1 
ATOM   632  N N   . GLN A 1 81  ? 8.249   -2.301  16.095  1.00 41.69 ? 81  GLN A N   1 
ATOM   633  C CA  . GLN A 1 81  ? 8.226   -3.730  15.746  1.00 38.59 ? 81  GLN A CA  1 
ATOM   634  C C   . GLN A 1 81  ? 9.621   -4.261  15.605  1.00 39.98 ? 81  GLN A C   1 
ATOM   635  O O   . GLN A 1 81  ? 9.801   -5.404  15.235  1.00 39.79 ? 81  GLN A O   1 
ATOM   636  C CB  . GLN A 1 81  ? 7.442   -3.959  14.424  1.00 41.95 ? 81  GLN A CB  1 
ATOM   637  C CG  . GLN A 1 81  ? 5.976   -3.599  14.573  1.00 43.73 ? 81  GLN A CG  1 
ATOM   638  C CD  . GLN A 1 81  ? 5.281   -4.503  15.579  1.00 40.39 ? 81  GLN A CD  1 
ATOM   639  O OE1 . GLN A 1 81  ? 5.497   -5.673  15.561  1.00 46.48 ? 81  GLN A OE1 1 
ATOM   640  N NE2 . GLN A 1 81  ? 4.520   -3.945  16.487  1.00 39.86 ? 81  GLN A NE2 1 
ATOM   641  N N   . GLY A 1 82  ? 10.616  -3.430  15.870  1.00 37.47 ? 82  GLY A N   1 
ATOM   642  C CA  . GLY A 1 82  ? 11.984  -3.825  15.804  1.00 44.41 ? 82  GLY A CA  1 
ATOM   643  C C   . GLY A 1 82  ? 12.302  -4.456  14.494  1.00 46.85 ? 82  GLY A C   1 
ATOM   644  O O   . GLY A 1 82  ? 12.705  -5.607  14.456  1.00 50.24 ? 82  GLY A O   1 
ATOM   645  N N   . CYS A 1 83  ? 12.075  -3.710  13.415  1.00 49.53 ? 83  CYS A N   1 
ATOM   646  C CA  . CYS A 1 83  ? 12.027  -4.314  12.089  1.00 53.49 ? 83  CYS A CA  1 
ATOM   647  C C   . CYS A 1 83  ? 12.252  -3.284  11.018  1.00 58.70 ? 83  CYS A C   1 
ATOM   648  O O   . CYS A 1 83  ? 11.397  -3.069  10.148  1.00 63.74 ? 83  CYS A O   1 
ATOM   649  C CB  . CYS A 1 83  ? 10.675  -5.025  11.881  1.00 58.14 ? 83  CYS A CB  1 
ATOM   650  S SG  . CYS A 1 83  ? 10.689  -6.192  10.525  1.00 65.91 ? 83  CYS A SG  1 
ATOM   651  N N   . SER A 1 84  ? 13.428  -2.673  11.095  1.00 57.95 ? 84  SER A N   1 
ATOM   652  C CA  . SER A 1 84  ? 13.879  -1.651  10.169  1.00 61.47 ? 84  SER A CA  1 
ATOM   653  C C   . SER A 1 84  ? 13.820  -2.031  8.679   1.00 58.07 ? 84  SER A C   1 
ATOM   654  O O   . SER A 1 84  ? 14.497  -2.962  8.184   1.00 56.57 ? 84  SER A O   1 
ATOM   655  C CB  . SER A 1 84  ? 15.319  -1.227  10.455  1.00 57.93 ? 84  SER A CB  1 
ATOM   656  O OG  . SER A 1 84  ? 15.789  -0.564  9.295   1.00 60.42 ? 84  SER A OG  1 
ATOM   657  N N   . VAL A 1 85  ? 13.070  -1.222  7.953   1.00 55.82 ? 85  VAL A N   1 
ATOM   658  C CA  . VAL A 1 85  ? 12.879  -1.433  6.523   1.00 52.23 ? 85  VAL A CA  1 
ATOM   659  C C   . VAL A 1 85  ? 14.203  -1.300  5.717   1.00 45.13 ? 85  VAL A C   1 
ATOM   660  O O   . VAL A 1 85  ? 14.427  -2.022  4.780   1.00 38.84 ? 85  VAL A O   1 
ATOM   661  C CB  . VAL A 1 85  ? 11.753  -0.502  6.033   1.00 52.64 ? 85  VAL A CB  1 
ATOM   662  C CG1 . VAL A 1 85  ? 12.306  0.808   5.472   1.00 51.18 ? 85  VAL A CG1 1 
ATOM   663  C CG2 . VAL A 1 85  ? 10.876  -1.251  5.061   1.00 56.26 ? 85  VAL A CG2 1 
ATOM   664  N N   . GLN A 1 86  ? 15.110  -0.449  6.173   1.00 47.42 ? 86  GLN A N   1 
ATOM   665  C CA  . GLN A 1 86  ? 16.476  -0.340  5.593   1.00 52.98 ? 86  GLN A CA  1 
ATOM   666  C C   . GLN A 1 86  ? 17.301  -1.605  5.575   1.00 53.70 ? 86  GLN A C   1 
ATOM   667  O O   . GLN A 1 86  ? 18.034  -1.838  4.634   1.00 67.18 ? 86  GLN A O   1 
ATOM   668  C CB  . GLN A 1 86  ? 17.264  0.685   6.382   1.00 60.16 ? 86  GLN A CB  1 
ATOM   669  C CG  . GLN A 1 86  ? 16.733  2.084   6.206   1.00 60.90 ? 86  GLN A CG  1 
ATOM   670  C CD  . GLN A 1 86  ? 17.725  3.069   6.717   1.00 61.88 ? 86  GLN A CD  1 
ATOM   671  O OE1 . GLN A 1 86  ? 18.592  3.523   5.963   1.00 63.25 ? 86  GLN A OE1 1 
ATOM   672  N NE2 . GLN A 1 86  ? 17.646  3.372   8.011   1.00 59.08 ? 86  GLN A NE2 1 
ATOM   673  N N   . ARG A 1 87  ? 17.187  -2.410  6.622   1.00 58.71 ? 87  ARG A N   1 
ATOM   674  C CA  . ARG A 1 87  ? 17.789  -3.744  6.652   1.00 62.50 ? 87  ARG A CA  1 
ATOM   675  C C   . ARG A 1 87  ? 17.162  -4.779  5.688   1.00 62.39 ? 87  ARG A C   1 
ATOM   676  O O   . ARG A 1 87  ? 17.791  -5.803  5.399   1.00 63.47 ? 87  ARG A O   1 
ATOM   677  C CB  . ARG A 1 87  ? 17.699  -4.343  8.074   1.00 68.18 ? 87  ARG A CB  1 
ATOM   678  C CG  . ARG A 1 87  ? 18.643  -3.797  9.144   1.00 72.83 ? 87  ARG A CG  1 
ATOM   679  C CD  . ARG A 1 87  ? 18.213  -4.254  10.550  1.00 83.59 ? 87  ARG A CD  1 
ATOM   680  N NE  . ARG A 1 87  ? 17.610  -5.612  10.586  1.00 87.96 ? 87  ARG A NE  1 
ATOM   681  C CZ  . ARG A 1 87  ? 16.298  -5.914  10.547  1.00 86.24 ? 87  ARG A CZ  1 
ATOM   682  N NH1 . ARG A 1 87  ? 15.351  -4.981  10.472  1.00 82.96 ? 87  ARG A NH1 1 
ATOM   683  N NH2 . ARG A 1 87  ? 15.921  -7.186  10.570  1.00 84.93 ? 87  ARG A NH2 1 
ATOM   684  N N   . LEU A 1 88  ? 15.927  -4.579  5.232   1.00 52.66 ? 88  LEU A N   1 
ATOM   685  C CA  . LEU A 1 88  ? 15.253  -5.663  4.505   1.00 52.13 ? 88  LEU A CA  1 
ATOM   686  C C   . LEU A 1 88  ? 15.496  -5.449  3.037   1.00 48.48 ? 88  LEU A C   1 
ATOM   687  O O   . LEU A 1 88  ? 15.063  -4.437  2.479   1.00 48.91 ? 88  LEU A O   1 
ATOM   688  C CB  . LEU A 1 88  ? 13.776  -5.731  4.883   1.00 52.95 ? 88  LEU A CB  1 
ATOM   689  C CG  . LEU A 1 88  ? 13.603  -6.259  6.328   1.00 55.95 ? 88  LEU A CG  1 
ATOM   690  C CD1 . LEU A 1 88  ? 12.544  -5.468  7.067   1.00 63.18 ? 88  LEU A CD1 1 
ATOM   691  C CD2 . LEU A 1 88  ? 13.260  -7.742  6.359   1.00 55.67 ? 88  LEU A CD2 1 
ATOM   692  N N   . ARG A 1 89  ? 16.212  -6.401  2.448   1.00 43.29 ? 89  ARG A N   1 
ATOM   693  C CA  . ARG A 1 89  ? 16.830  -6.271  1.125   1.00 47.56 ? 89  ARG A CA  1 
ATOM   694  C C   . ARG A 1 89  ? 15.817  -6.271  -0.042  1.00 40.66 ? 89  ARG A C   1 
ATOM   695  O O   . ARG A 1 89  ? 16.133  -5.783  -1.161  1.00 41.14 ? 89  ARG A O   1 
ATOM   696  C CB  . ARG A 1 89  ? 17.858  -7.426  0.905   1.00 43.86 ? 89  ARG A CB  1 
ATOM   697  N N   . ASN A 1 90  ? 14.661  -6.895  0.177   1.00 36.60 ? 90  ASN A N   1 
ATOM   698  C CA  . ASN A 1 90  ? 13.641  -6.958  -0.879  1.00 37.10 ? 90  ASN A CA  1 
ATOM   699  C C   . ASN A 1 90  ? 12.565  -5.850  -0.713  1.00 37.44 ? 90  ASN A C   1 
ATOM   700  O O   . ASN A 1 90  ? 11.594  -5.858  -1.451  1.00 41.90 ? 90  ASN A O   1 
ATOM   701  C CB  . ASN A 1 90  ? 12.994  -8.344  -0.944  1.00 38.27 ? 90  ASN A CB  1 
ATOM   702  C CG  . ASN A 1 90  ? 13.914  -9.414  -1.516  1.00 40.14 ? 90  ASN A CG  1 
ATOM   703  O OD1 . ASN A 1 90  ? 14.773  -9.165  -2.380  1.00 43.38 ? 90  ASN A OD1 1 
ATOM   704  N ND2 . ASN A 1 90  ? 13.708  -10.620 -1.066  1.00 40.08 ? 90  ASN A ND2 1 
ATOM   705  N N   . ILE A 1 91  ? 12.755  -4.893  0.200   1.00 34.17 ? 91  ILE A N   1 
ATOM   706  C CA  . ILE A 1 91  ? 11.799  -3.782  0.354   1.00 38.31 ? 91  ILE A CA  1 
ATOM   707  C C   . ILE A 1 91  ? 12.483  -2.435  0.066   1.00 38.46 ? 91  ILE A C   1 
ATOM   708  O O   . ILE A 1 91  ? 13.506  -2.151  0.654   1.00 36.98 ? 91  ILE A O   1 
ATOM   709  C CB  . ILE A 1 91  ? 11.182  -3.778  1.770   1.00 38.07 ? 91  ILE A CB  1 
ATOM   710  C CG1 . ILE A 1 91  ? 10.476  -5.095  2.061   1.00 35.03 ? 91  ILE A CG1 1 
ATOM   711  C CG2 . ILE A 1 91  ? 10.221  -2.583  2.017   1.00 37.39 ? 91  ILE A CG2 1 
ATOM   712  C CD1 . ILE A 1 91  ? 9.928   -5.164  3.476   1.00 38.26 ? 91  ILE A CD1 1 
ATOM   713  N N   . ARG A 1 92  ? 11.917  -1.637  -0.838  1.00 32.29 ? 92  ARG A N   1 
ATOM   714  C CA  . ARG A 1 92  ? 12.265  -0.222  -1.030  1.00 33.62 ? 92  ARG A CA  1 
ATOM   715  C C   . ARG A 1 92  ? 11.141  0.706   -0.614  1.00 29.46 ? 92  ARG A C   1 
ATOM   716  O O   . ARG A 1 92  ? 10.008  0.573   -1.094  1.00 27.08 ? 92  ARG A O   1 
ATOM   717  C CB  . ARG A 1 92  ? 12.509  0.107   -2.514  1.00 43.61 ? 92  ARG A CB  1 
ATOM   718  C CG  . ARG A 1 92  ? 13.794  -0.338  -3.094  1.00 58.92 ? 92  ARG A CG  1 
ATOM   719  C CD  . ARG A 1 92  ? 15.003  0.418   -2.519  1.00 73.13 ? 92  ARG A CD  1 
ATOM   720  N NE  . ARG A 1 92  ? 16.121  -0.522  -2.500  1.00 76.60 ? 92  ARG A NE  1 
ATOM   721  C CZ  . ARG A 1 92  ? 16.747  -0.969  -3.589  1.00 79.99 ? 92  ARG A CZ  1 
ATOM   722  N NH1 . ARG A 1 92  ? 16.443  -0.513  -4.817  1.00 77.24 ? 92  ARG A NH1 1 
ATOM   723  N NH2 . ARG A 1 92  ? 17.708  -1.872  -3.448  1.00 80.34 ? 92  ARG A NH2 1 
ATOM   724  N N   . VAL A 1 93  ? 11.474  1.729   0.162   1.00 30.19 ? 93  VAL A N   1 
ATOM   725  C CA  . VAL A 1 93  ? 10.514  2.679   0.615   1.00 27.34 ? 93  VAL A CA  1 
ATOM   726  C C   . VAL A 1 93  ? 11.011  4.076   0.215   1.00 32.45 ? 93  VAL A C   1 
ATOM   727  O O   . VAL A 1 93  ? 12.154  4.475   0.572   1.00 29.07 ? 93  VAL A O   1 
ATOM   728  C CB  . VAL A 1 93  ? 10.322  2.596   2.137   1.00 32.61 ? 93  VAL A CB  1 
ATOM   729  C CG1 . VAL A 1 93  ? 9.221   3.534   2.605   1.00 30.79 ? 93  VAL A CG1 1 
ATOM   730  C CG2 . VAL A 1 93  ? 10.053  1.164   2.575   1.00 32.64 ? 93  VAL A CG2 1 
ATOM   731  N N   . ARG A 1 94  ? 10.146  4.819   -0.505  1.00 26.18 ? 94  ARG A N   1 
ATOM   732  C CA  . ARG A 1 94  ? 10.425  6.225   -0.888  1.00 26.90 ? 94  ARG A CA  1 
ATOM   733  C C   . ARG A 1 94  ? 9.187   7.063   -0.609  1.00 25.53 ? 94  ARG A C   1 
ATOM   734  O O   . ARG A 1 94  ? 8.126   6.520   -0.367  1.00 27.19 ? 94  ARG A O   1 
ATOM   735  C CB  . ARG A 1 94  ? 10.876  6.348   -2.325  1.00 28.06 ? 94  ARG A CB  1 
ATOM   736  C CG  . ARG A 1 94  ? 12.142  5.576   -2.636  1.00 29.91 ? 94  ARG A CG  1 
ATOM   737  C CD  . ARG A 1 94  ? 12.396  5.542   -4.130  1.00 32.17 ? 94  ARG A CD  1 
ATOM   738  N NE  . ARG A 1 94  ? 12.788  6.876   -4.575  1.00 30.05 ? 94  ARG A NE  1 
ATOM   739  C CZ  . ARG A 1 94  ? 14.032  7.323   -4.761  1.00 33.33 ? 94  ARG A CZ  1 
ATOM   740  N NH1 . ARG A 1 94  ? 15.102  6.517   -4.581  1.00 31.82 ? 94  ARG A NH1 1 
ATOM   741  N NH2 . ARG A 1 94  ? 14.203  8.586   -5.167  1.00 27.36 ? 94  ARG A NH2 1 
ATOM   742  N N   . THR A 1 95  ? 9.352   8.370   -0.487  1.00 25.13 ? 95  THR A N   1 
ATOM   743  C CA  . THR A 1 95  ? 8.283   9.223   -0.101  1.00 28.60 ? 95  THR A CA  1 
ATOM   744  C C   . THR A 1 95  ? 7.842   10.101  -1.296  1.00 26.40 ? 95  THR A C   1 
ATOM   745  O O   . THR A 1 95  ? 8.657   10.420  -2.172  1.00 27.10 ? 95  THR A O   1 
ATOM   746  C CB  . THR A 1 95  ? 8.632   10.138  1.112   1.00 31.71 ? 95  THR A CB  1 
ATOM   747  O OG1 . THR A 1 95  ? 9.706   11.020  0.773   1.00 31.63 ? 95  THR A OG1 1 
ATOM   748  C CG2 . THR A 1 95  ? 8.947   9.353   2.355   1.00 30.07 ? 95  THR A CG2 1 
ATOM   749  N N   . VAL A 1 96  ? 6.594   10.555  -1.255  1.00 23.09 ? 96  VAL A N   1 
ATOM   750  C CA  . VAL A 1 96  ? 6.072   11.454  -2.260  1.00 23.95 ? 96  VAL A CA  1 
ATOM   751  C C   . VAL A 1 96  ? 5.362   12.616  -1.586  1.00 24.37 ? 96  VAL A C   1 
ATOM   752  O O   . VAL A 1 96  ? 4.685   12.436  -0.580  1.00 24.18 ? 96  VAL A O   1 
ATOM   753  C CB  . VAL A 1 96  ? 5.152   10.674  -3.240  1.00 26.84 ? 96  VAL A CB  1 
ATOM   754  C CG1 . VAL A 1 96  ? 4.735   11.549  -4.380  1.00 28.43 ? 96  VAL A CG1 1 
ATOM   755  C CG2 . VAL A 1 96  ? 5.850   9.415   -3.801  1.00 26.09 ? 96  VAL A CG2 1 
ATOM   756  N N   . LYS A 1 97  ? 5.547   13.819  -2.106  1.00 25.89 ? 97  LYS A N   1 
ATOM   757  C CA  . LYS A 1 97  ? 4.858   14.995  -1.603  1.00 30.33 ? 97  LYS A CA  1 
ATOM   758  C C   . LYS A 1 97  ? 4.186   15.774  -2.699  1.00 31.03 ? 97  LYS A C   1 
ATOM   759  O O   . LYS A 1 97  ? 4.567   15.668  -3.874  1.00 33.30 ? 97  LYS A O   1 
ATOM   760  C CB  . LYS A 1 97  ? 5.782   15.908  -0.778  1.00 37.66 ? 97  LYS A CB  1 
ATOM   761  C CG  . LYS A 1 97  ? 6.786   16.795  -1.502  1.00 46.95 ? 97  LYS A CG  1 
ATOM   762  C CD  . LYS A 1 97  ? 7.364   17.868  -0.532  1.00 51.63 ? 97  LYS A CD  1 
ATOM   763  C CE  . LYS A 1 97  ? 7.967   19.064  -1.269  1.00 61.91 ? 97  LYS A CE  1 
ATOM   764  N NZ  . LYS A 1 97  ? 6.996   20.083  -1.792  1.00 63.71 ? 97  LYS A NZ  1 
ATOM   765  N N   . GLY A 1 98  ? 3.218   16.599  -2.290  1.00 29.98 ? 98  GLY A N   1 
ATOM   766  C CA  . GLY A 1 98  ? 2.549   17.553  -3.218  1.00 31.83 ? 98  GLY A CA  1 
ATOM   767  C C   . GLY A 1 98  ? 3.287   18.904  -3.276  1.00 35.39 ? 98  GLY A C   1 
ATOM   768  O O   . GLY A 1 98  ? 4.452   18.991  -2.884  1.00 35.05 ? 98  GLY A O   1 
ATOM   769  N N   . GLN A 1 99  ? 2.570   19.956  -3.662  1.00 35.81 ? 99  GLN A N   1 
ATOM   770  C CA  . GLN A 1 99  ? 3.111   21.346  -3.741  1.00 38.96 ? 99  GLN A CA  1 
ATOM   771  C C   . GLN A 1 99  ? 2.795   22.042  -2.407  1.00 43.33 ? 99  GLN A C   1 
ATOM   772  O O   . GLN A 1 99  ? 1.623   22.073  -1.994  1.00 38.47 ? 99  GLN A O   1 
ATOM   773  C CB  . GLN A 1 99  ? 2.453   22.070  -4.936  1.00 39.77 ? 99  GLN A CB  1 
ATOM   774  C CG  . GLN A 1 99  ? 3.296   23.107  -5.657  1.00 46.06 ? 99  GLN A CG  1 
ATOM   775  C CD  . GLN A 1 99  ? 2.662   23.731  -6.919  1.00 45.79 ? 99  GLN A CD  1 
ATOM   776  O OE1 . GLN A 1 99  ? 2.467   24.941  -6.961  1.00 51.96 ? 99  GLN A OE1 1 
ATOM   777  N NE2 . GLN A 1 99  ? 2.403   22.928  -7.953  1.00 38.31 ? 99  GLN A NE2 1 
ATOM   778  N N   . ASP A 1 100 ? 3.796   22.624  -1.736  1.00 51.84 ? 100 ASP A N   1 
ATOM   779  C CA  . ASP A 1 100 ? 3.553   23.350  -0.438  1.00 56.35 ? 100 ASP A CA  1 
ATOM   780  C C   . ASP A 1 100 ? 3.082   24.794  -0.601  1.00 57.15 ? 100 ASP A C   1 
ATOM   781  O O   . ASP A 1 100 ? 3.102   25.305  -1.723  1.00 42.98 ? 100 ASP A O   1 
ATOM   782  C CB  . ASP A 1 100 ? 4.796   23.373  0.415   1.00 56.59 ? 100 ASP A CB  1 
ATOM   783  C CG  . ASP A 1 100 ? 5.289   22.011  0.727   1.00 59.76 ? 100 ASP A CG  1 
ATOM   784  O OD1 . ASP A 1 100 ? 4.456   21.101  0.998   1.00 59.05 ? 100 ASP A OD1 1 
ATOM   785  O OD2 . ASP A 1 100 ? 6.526   21.850  0.697   1.00 64.52 ? 100 ASP A OD2 1 
ATOM   786  N N   . TYR A 1 101 ? 2.584   25.394  0.504   1.00 64.35 ? 101 TYR A N   1 
ATOM   787  C CA  . TYR A 1 101 ? 2.205   26.846  0.585   1.00 69.31 ? 101 TYR A CA  1 
ATOM   788  C C   . TYR A 1 101 ? 2.489   27.454  1.963   1.00 67.03 ? 101 TYR A C   1 
ATOM   789  O O   . TYR A 1 101 ? 1.905   27.029  2.963   1.00 64.20 ? 101 TYR A O   1 
ATOM   790  C CB  . TYR A 1 101 ? 0.732   27.074  0.223   1.00 71.65 ? 101 TYR A CB  1 
ATOM   791  C CG  . TYR A 1 101 ? 0.470   26.761  -1.225  1.00 79.31 ? 101 TYR A CG  1 
ATOM   792  C CD1 . TYR A 1 101 ? 0.454   27.758  -2.191  1.00 77.42 ? 101 TYR A CD1 1 
ATOM   793  C CD2 . TYR A 1 101 ? 0.292   25.441  -1.638  1.00 82.61 ? 101 TYR A CD2 1 
ATOM   794  C CE1 . TYR A 1 101 ? 0.241   27.451  -3.527  1.00 74.61 ? 101 TYR A CE1 1 
ATOM   795  C CE2 . TYR A 1 101 ? 0.105   25.118  -2.966  1.00 80.11 ? 101 TYR A CE2 1 
ATOM   796  C CZ  . TYR A 1 101 ? 0.068   26.121  -3.916  1.00 82.20 ? 101 TYR A CZ  1 
ATOM   797  O OH  . TYR A 1 101 ? -0.148  25.771  -5.244  1.00 78.26 ? 101 TYR A OH  1 
ATOM   798  N N   . PHE A 1 109 ? 2.016   25.271  4.909   1.00 68.49 ? 109 PHE A N   1 
ATOM   799  C CA  . PHE A 1 109 ? 1.032   24.258  4.468   1.00 76.43 ? 109 PHE A CA  1 
ATOM   800  C C   . PHE A 1 109 ? 1.583   23.182  3.484   1.00 62.22 ? 109 PHE A C   1 
ATOM   801  O O   . PHE A 1 109 ? 1.955   23.483  2.339   1.00 66.28 ? 109 PHE A O   1 
ATOM   802  C CB  . PHE A 1 109 ? -0.228  24.909  3.859   1.00 75.67 ? 109 PHE A CB  1 
ATOM   803  C CG  . PHE A 1 109 ? -1.213  23.904  3.321   1.00 81.20 ? 109 PHE A CG  1 
ATOM   804  C CD1 . PHE A 1 109 ? -1.890  23.036  4.199   1.00 76.83 ? 109 PHE A CD1 1 
ATOM   805  C CD2 . PHE A 1 109 ? -1.444  23.787  1.941   1.00 78.04 ? 109 PHE A CD2 1 
ATOM   806  C CE1 . PHE A 1 109 ? -2.791  22.092  3.715   1.00 73.89 ? 109 PHE A CE1 1 
ATOM   807  C CE2 . PHE A 1 109 ? -2.339  22.841  1.461   1.00 70.89 ? 109 PHE A CE2 1 
ATOM   808  C CZ  . PHE A 1 109 ? -3.012  21.995  2.347   1.00 73.01 ? 109 PHE A CZ  1 
ATOM   809  N N   . HIS A 1 110 ? 1.563   21.939  3.948   1.00 57.81 ? 110 HIS A N   1 
ATOM   810  C CA  . HIS A 1 110 ? 2.166   20.785  3.259   1.00 56.37 ? 110 HIS A CA  1 
ATOM   811  C C   . HIS A 1 110 ? 1.219   20.195  2.193   1.00 43.47 ? 110 HIS A C   1 
ATOM   812  O O   . HIS A 1 110 ? 0.143   19.705  2.525   1.00 41.81 ? 110 HIS A O   1 
ATOM   813  C CB  . HIS A 1 110 ? 2.510   19.668  4.275   1.00 58.69 ? 110 HIS A CB  1 
ATOM   814  C CG  . HIS A 1 110 ? 3.392   20.108  5.414   1.00 70.58 ? 110 HIS A CG  1 
ATOM   815  N ND1 . HIS A 1 110 ? 3.376   19.487  6.646   1.00 67.81 ? 110 HIS A ND1 1 
ATOM   816  C CD2 . HIS A 1 110 ? 4.298   21.114  5.511   1.00 75.14 ? 110 HIS A CD2 1 
ATOM   817  C CE1 . HIS A 1 110 ? 4.239   20.086  7.450   1.00 79.03 ? 110 HIS A CE1 1 
ATOM   818  N NE2 . HIS A 1 110 ? 4.810   21.077  6.787   1.00 77.59 ? 110 HIS A NE2 1 
ATOM   819  N N   . GLY A 1 111 ? 1.604   20.248  0.921   1.00 40.73 ? 111 GLY A N   1 
ATOM   820  C CA  . GLY A 1 111 ? 0.870   19.477  -0.128  1.00 36.16 ? 111 GLY A CA  1 
ATOM   821  C C   . GLY A 1 111 ? 1.181   18.015  -0.008  1.00 30.70 ? 111 GLY A C   1 
ATOM   822  O O   . GLY A 1 111 ? 2.322   17.649  0.237   1.00 30.05 ? 111 GLY A O   1 
ATOM   823  N N   . LYS A 1 112 ? 0.197   17.138  -0.231  1.00 30.98 ? 112 LYS A N   1 
ATOM   824  C CA  . LYS A 1 112 ? 0.337   15.712  0.128   1.00 31.80 ? 112 LYS A CA  1 
ATOM   825  C C   . LYS A 1 112 ? 0.075   14.836  -1.122  1.00 25.68 ? 112 LYS A C   1 
ATOM   826  O O   . LYS A 1 112 ? -0.523  15.285  -2.079  1.00 21.54 ? 112 LYS A O   1 
ATOM   827  C CB  . LYS A 1 112 ? -0.682  15.341  1.194   1.00 35.06 ? 112 LYS A CB  1 
ATOM   828  C CG  . LYS A 1 112 ? -0.507  15.810  2.641   1.00 41.63 ? 112 LYS A CG  1 
ATOM   829  C CD  . LYS A 1 112 ? -1.724  15.274  3.421   1.00 46.61 ? 112 LYS A CD  1 
ATOM   830  C CE  . LYS A 1 112 ? -1.789  15.605  4.889   1.00 61.61 ? 112 LYS A CE  1 
ATOM   831  N NZ  . LYS A 1 112 ? -0.638  15.121  5.713   1.00 73.38 ? 112 LYS A NZ  1 
ATOM   832  N N   . MET A 1 113 ? 0.625   13.632  -1.136  1.00 23.09 ? 113 MET A N   1 
ATOM   833  C CA  . MET A 1 113 ? 0.209   12.625  -2.075  1.00 23.86 ? 113 MET A CA  1 
ATOM   834  C C   . MET A 1 113 ? -1.078  12.006  -1.499  1.00 24.91 ? 113 MET A C   1 
ATOM   835  O O   . MET A 1 113 ? -1.045  11.164  -0.602  1.00 24.19 ? 113 MET A O   1 
ATOM   836  C CB  . MET A 1 113 ? 1.275   11.544  -2.198  1.00 26.62 ? 113 MET A CB  1 
ATOM   837  C CG  . MET A 1 113 ? 0.958   10.524  -3.275  1.00 25.69 ? 113 MET A CG  1 
ATOM   838  S SD  . MET A 1 113 ? 1.962   9.021   -3.206  1.00 29.23 ? 113 MET A SD  1 
ATOM   839  C CE  . MET A 1 113 ? 1.543   8.289   -1.627  1.00 34.53 ? 113 MET A CE  1 
ATOM   840  N N   . GLU A 1 114 ? -2.218  12.406  -2.041  1.00 25.41 ? 114 GLU A N   1 
ATOM   841  C CA  . GLU A 1 114 ? -3.500  11.817  -1.712  1.00 25.58 ? 114 GLU A CA  1 
ATOM   842  C C   . GLU A 1 114 ? -3.819  10.743  -2.774  1.00 29.96 ? 114 GLU A C   1 
ATOM   843  O O   . GLU A 1 114 ? -4.547  10.953  -3.734  1.00 33.76 ? 114 GLU A O   1 
ATOM   844  C CB  . GLU A 1 114 ? -4.552  12.902  -1.700  1.00 28.48 ? 114 GLU A CB  1 
ATOM   845  C CG  . GLU A 1 114 ? -4.310  13.938  -0.629  1.00 30.71 ? 114 GLU A CG  1 
ATOM   846  C CD  . GLU A 1 114 ? -4.653  13.450  0.792   1.00 34.08 ? 114 GLU A CD  1 
ATOM   847  O OE1 . GLU A 1 114 ? -5.409  12.493  0.945   1.00 47.25 ? 114 GLU A OE1 1 
ATOM   848  O OE2 . GLU A 1 114 ? -4.161  14.020  1.758   1.00 44.24 ? 114 GLU A OE2 1 
ATOM   849  N N   A GLN A 1 115 ? -3.246  9.569   -2.606  0.48 32.88 ? 115 GLN A N   1 
ATOM   850  N N   B GLN A 1 115 ? -3.210  9.596   -2.582  0.52 26.98 ? 115 GLN A N   1 
ATOM   851  C CA  A GLN A 1 115 ? -3.360  8.513   -3.598  0.48 34.51 ? 115 GLN A CA  1 
ATOM   852  C CA  B GLN A 1 115 ? -3.320  8.479   -3.493  0.52 24.74 ? 115 GLN A CA  1 
ATOM   853  C C   A GLN A 1 115 ? -2.981  7.290   -2.789  0.48 33.49 ? 115 GLN A C   1 
ATOM   854  C C   B GLN A 1 115 ? -3.042  7.285   -2.621  0.52 27.71 ? 115 GLN A C   1 
ATOM   855  O O   A GLN A 1 115 ? -2.010  7.345   -2.035  0.48 30.85 ? 115 GLN A O   1 
ATOM   856  O O   B GLN A 1 115 ? -2.228  7.334   -1.679  0.52 24.62 ? 115 GLN A O   1 
ATOM   857  C CB  A GLN A 1 115 ? -2.394  8.757   -4.792  0.48 39.10 ? 115 GLN A CB  1 
ATOM   858  C CB  B GLN A 1 115 ? -2.304  8.588   -4.651  0.52 21.79 ? 115 GLN A CB  1 
ATOM   859  C CG  A GLN A 1 115 ? -3.076  8.819   -6.165  0.48 43.43 ? 115 GLN A CG  1 
ATOM   860  C CG  B GLN A 1 115 ? -2.180  7.380   -5.583  0.52 18.97 ? 115 GLN A CG  1 
ATOM   861  C CD  A GLN A 1 115 ? -2.168  9.241   -7.337  0.48 49.74 ? 115 GLN A CD  1 
ATOM   862  C CD  B GLN A 1 115 ? -3.391  7.208   -6.470  0.52 17.32 ? 115 GLN A CD  1 
ATOM   863  O OE1 A GLN A 1 115 ? -1.745  10.412  -7.470  0.48 43.30 ? 115 GLN A OE1 1 
ATOM   864  O OE1 B GLN A 1 115 ? -3.344  7.514   -7.649  0.52 16.34 ? 115 GLN A OE1 1 
ATOM   865  N NE2 A GLN A 1 115 ? -1.920  8.281   -8.241  0.48 47.81 ? 115 GLN A NE2 1 
ATOM   866  N NE2 B GLN A 1 115 ? -4.497  6.774   -5.889  0.52 15.57 ? 115 GLN A NE2 1 
ATOM   867  N N   . LYS A 1 116 ? -3.787  6.230   -2.866  1.00 29.07 ? 116 LYS A N   1 
ATOM   868  C CA  . LYS A 1 116 ? -3.420  4.953   -2.306  1.00 28.21 ? 116 LYS A CA  1 
ATOM   869  C C   . LYS A 1 116 ? -3.944  3.825   -3.136  1.00 25.12 ? 116 LYS A C   1 
ATOM   870  O O   . LYS A 1 116 ? -5.036  3.891   -3.675  1.00 28.18 ? 116 LYS A O   1 
ATOM   871  C CB  . LYS A 1 116 ? -3.966  4.745   -0.900  1.00 32.01 ? 116 LYS A CB  1 
ATOM   872  C CG  . LYS A 1 116 ? -5.315  5.286   -0.638  1.00 30.37 ? 116 LYS A CG  1 
ATOM   873  C CD  . LYS A 1 116 ? -5.550  5.226   0.839   1.00 32.52 ? 116 LYS A CD  1 
ATOM   874  C CE  . LYS A 1 116 ? -6.909  5.719   1.215   1.00 30.80 ? 116 LYS A CE  1 
ATOM   875  N NZ  . LYS A 1 116 ? -6.942  7.157   1.338   1.00 30.21 ? 116 LYS A NZ  1 
ATOM   876  N N   . PHE A 1 117 ? -3.135  2.788   -3.192  1.00 23.82 ? 117 PHE A N   1 
ATOM   877  C CA  . PHE A 1 117 ? -3.491  1.600   -3.885  1.00 21.52 ? 117 PHE A CA  1 
ATOM   878  C C   . PHE A 1 117 ? -2.488  0.529   -3.712  1.00 22.40 ? 117 PHE A C   1 
ATOM   879  O O   . PHE A 1 117 ? -1.343  0.856   -3.459  1.00 23.61 ? 117 PHE A O   1 
ATOM   880  C CB  . PHE A 1 117 ? -3.856  1.816   -5.365  1.00 21.40 ? 117 PHE A CB  1 
ATOM   881  C CG  . PHE A 1 117 ? -2.752  2.283   -6.260  1.00 20.67 ? 117 PHE A CG  1 
ATOM   882  C CD1 . PHE A 1 117 ? -1.868  1.369   -6.803  1.00 22.11 ? 117 PHE A CD1 1 
ATOM   883  C CD2 . PHE A 1 117 ? -2.691  3.573   -6.640  1.00 21.64 ? 117 PHE A CD2 1 
ATOM   884  C CE1 . PHE A 1 117 ? -0.886  1.773   -7.706  1.00 25.70 ? 117 PHE A CE1 1 
ATOM   885  C CE2 . PHE A 1 117 ? -1.697  4.020   -7.533  1.00 26.23 ? 117 PHE A CE2 1 
ATOM   886  C CZ  . PHE A 1 117 ? -0.805  3.110   -8.068  1.00 24.76 ? 117 PHE A CZ  1 
ATOM   887  N N   . LEU A 1 118 ? -2.927  -0.741  -3.914  1.00 20.84 ? 118 LEU A N   1 
ATOM   888  C CA  . LEU A 1 118 ? -2.060  -1.925  -3.824  1.00 21.75 ? 118 LEU A CA  1 
ATOM   889  C C   . LEU A 1 118 ? -2.157  -2.660  -5.143  1.00 23.33 ? 118 LEU A C   1 
ATOM   890  O O   . LEU A 1 118 ? -3.258  -3.007  -5.578  1.00 24.77 ? 118 LEU A O   1 
ATOM   891  C CB  . LEU A 1 118 ? -2.573  -2.802  -2.702  1.00 22.25 ? 118 LEU A CB  1 
ATOM   892  C CG  . LEU A 1 118 ? -1.969  -4.207  -2.582  1.00 23.09 ? 118 LEU A CG  1 
ATOM   893  C CD1 . LEU A 1 118 ? -0.494  -4.072  -2.196  1.00 23.56 ? 118 LEU A CD1 1 
ATOM   894  C CD2 . LEU A 1 118 ? -2.735  -5.015  -1.548  1.00 26.33 ? 118 LEU A CD2 1 
ATOM   895  N N   . LEU A 1 119 ? -1.013  -2.943  -5.721  1.00 23.02 ? 119 LEU A N   1 
ATOM   896  C CA  . LEU A 1 119 ? -0.855  -3.506  -7.020  1.00 25.35 ? 119 LEU A CA  1 
ATOM   897  C C   . LEU A 1 119 ? 0.041   -4.727  -6.852  1.00 26.30 ? 119 LEU A C   1 
ATOM   898  O O   . LEU A 1 119 ? 1.203   -4.552  -6.553  1.00 24.08 ? 119 LEU A O   1 
ATOM   899  C CB  . LEU A 1 119 ? -0.249  -2.409  -7.981  1.00 26.38 ? 119 LEU A CB  1 
ATOM   900  C CG  . LEU A 1 119 ? 0.255   -2.911  -9.358  1.00 27.71 ? 119 LEU A CG  1 
ATOM   901  C CD1 . LEU A 1 119 ? -0.825  -3.474  -10.232 1.00 28.65 ? 119 LEU A CD1 1 
ATOM   902  C CD2 . LEU A 1 119 ? 0.971   -1.868  -10.157 1.00 31.32 ? 119 LEU A CD2 1 
ATOM   903  N N   . VAL A 1 120 ? -0.511  -5.934  -7.042  1.00 26.77 ? 120 VAL A N   1 
ATOM   904  C CA  . VAL A 1 120 ? 0.185   -7.183  -6.830  1.00 27.81 ? 120 VAL A CA  1 
ATOM   905  C C   . VAL A 1 120 ? 0.405   -7.921  -8.158  1.00 31.47 ? 120 VAL A C   1 
ATOM   906  O O   . VAL A 1 120 ? -0.540  -8.162  -8.934  1.00 28.27 ? 120 VAL A O   1 
ATOM   907  C CB  . VAL A 1 120 ? -0.591  -8.079  -5.863  1.00 27.80 ? 120 VAL A CB  1 
ATOM   908  C CG1 . VAL A 1 120 ? 0.162   -9.376  -5.636  1.00 30.11 ? 120 VAL A CG1 1 
ATOM   909  C CG2 . VAL A 1 120 ? -0.768  -7.343  -4.527  1.00 29.03 ? 120 VAL A CG2 1 
ATOM   910  N N   . ASP A 1 121 ? 1.676   -8.255  -8.414  1.00 33.98 ? 121 ASP A N   1 
ATOM   911  C CA  . ASP A 1 121 ? 2.116   -9.038  -9.598  1.00 31.74 ? 121 ASP A CA  1 
ATOM   912  C C   . ASP A 1 121 ? 1.665   -8.490  -10.938 1.00 32.06 ? 121 ASP A C   1 
ATOM   913  O O   . ASP A 1 121 ? 1.385   -9.264  -11.825 1.00 32.37 ? 121 ASP A O   1 
ATOM   914  C CB  . ASP A 1 121 ? 1.709   -10.526 -9.434  1.00 30.49 ? 121 ASP A CB  1 
ATOM   915  C CG  . ASP A 1 121 ? 2.480   -11.210 -8.281  1.00 33.47 ? 121 ASP A CG  1 
ATOM   916  O OD1 . ASP A 1 121 ? 3.606   -10.751 -7.948  1.00 32.73 ? 121 ASP A OD1 1 
ATOM   917  O OD2 . ASP A 1 121 ? 1.972   -12.160 -7.664  1.00 33.75 ? 121 ASP A OD2 1 
ATOM   918  N N   . CYS A 1 122 ? 1.521   -7.177  -11.078 1.00 30.24 ? 122 CYS A N   1 
ATOM   919  C CA  . CYS A 1 122 ? 0.855   -6.582  -12.257 1.00 33.17 ? 122 CYS A CA  1 
ATOM   920  C C   . CYS A 1 122 ? -0.420  -7.275  -12.694 1.00 30.09 ? 122 CYS A C   1 
ATOM   921  O O   . CYS A 1 122 ? -0.718  -7.334  -13.837 1.00 31.27 ? 122 CYS A O   1 
ATOM   922  C CB  . CYS A 1 122 ? 1.817   -6.504  -13.456 1.00 43.80 ? 122 CYS A CB  1 
ATOM   923  S SG  . CYS A 1 122 ? 3.067   -5.285  -13.122 1.00 65.50 ? 122 CYS A SG  1 
ATOM   924  N N   . GLN A 1 123 ? -1.203  -7.731  -11.735 1.00 31.29 ? 123 GLN A N   1 
ATOM   925  C CA  . GLN A 1 123 ? -2.286  -8.617  -12.009 1.00 33.40 ? 123 GLN A CA  1 
ATOM   926  C C   . GLN A 1 123 ? -3.590  -8.170  -11.320 1.00 30.61 ? 123 GLN A C   1 
ATOM   927  O O   . GLN A 1 123 ? -4.674  -8.370  -11.870 1.00 25.74 ? 123 GLN A O   1 
ATOM   928  C CB  . GLN A 1 123 ? -1.857  -10.056 -11.585 1.00 33.98 ? 123 GLN A CB  1 
ATOM   929  C CG  . GLN A 1 123 ? -3.028  -11.012 -11.569 1.00 35.66 ? 123 GLN A CG  1 
ATOM   930  C CD  . GLN A 1 123 ? -2.675  -12.414 -11.200 1.00 40.82 ? 123 GLN A CD  1 
ATOM   931  O OE1 . GLN A 1 123 ? -3.539  -13.185 -10.734 1.00 45.66 ? 123 GLN A OE1 1 
ATOM   932  N NE2 . GLN A 1 123 ? -1.457  -12.772 -11.420 1.00 33.97 ? 123 GLN A NE2 1 
ATOM   933  N N   . LYS A 1 124 ? -3.476  -7.649  -10.090 1.00 28.07 ? 124 LYS A N   1 
ATOM   934  C CA  . LYS A 1 124 ? -4.632  -7.275  -9.308  1.00 27.80 ? 124 LYS A CA  1 
ATOM   935  C C   . LYS A 1 124 ? -4.408  -5.994  -8.492  1.00 24.42 ? 124 LYS A C   1 
ATOM   936  O O   . LYS A 1 124 ? -3.325  -5.839  -7.891  1.00 23.27 ? 124 LYS A O   1 
ATOM   937  C CB  . LYS A 1 124 ? -4.892  -8.393  -8.387  1.00 28.36 ? 124 LYS A CB  1 
ATOM   938  C CG  . LYS A 1 124 ? -6.247  -8.308  -7.732  1.00 35.06 ? 124 LYS A CG  1 
ATOM   939  C CD  . LYS A 1 124 ? -6.470  -9.522  -6.863  1.00 38.02 ? 124 LYS A CD  1 
ATOM   940  C CE  . LYS A 1 124 ? -7.386  -10.500 -7.561  1.00 46.59 ? 124 LYS A CE  1 
ATOM   941  N NZ  . LYS A 1 124 ? -7.353  -11.770 -6.775  1.00 46.69 ? 124 LYS A NZ  1 
ATOM   942  N N   . VAL A 1 125 ? -5.396  -5.087  -8.502  1.00 23.01 ? 125 VAL A N   1 
ATOM   943  C CA  . VAL A 1 125 ? -5.284  -3.794  -7.799  1.00 23.88 ? 125 VAL A CA  1 
ATOM   944  C C   . VAL A 1 125 ? -6.395  -3.709  -6.778  1.00 22.49 ? 125 VAL A C   1 
ATOM   945  O O   . VAL A 1 125 ? -7.567  -4.048  -7.083  1.00 19.95 ? 125 VAL A O   1 
ATOM   946  C CB  . VAL A 1 125 ? -5.328  -2.555  -8.769  1.00 25.55 ? 125 VAL A CB  1 
ATOM   947  C CG1 . VAL A 1 125 ? -5.463  -1.224  -8.011  1.00 25.82 ? 125 VAL A CG1 1 
ATOM   948  C CG2 . VAL A 1 125 ? -4.100  -2.514  -9.640  1.00 26.01 ? 125 VAL A CG2 1 
ATOM   949  N N   . MET A 1 126 ? -6.046  -3.309  -5.542  1.00 21.34 ? 126 MET A N   1 
ATOM   950  C CA  . MET A 1 126 ? -7.067  -2.822  -4.605  1.00 22.28 ? 126 MET A CA  1 
ATOM   951  C C   . MET A 1 126 ? -6.966  -1.312  -4.586  1.00 21.89 ? 126 MET A C   1 
ATOM   952  O O   . MET A 1 126 ? -5.922  -0.734  -4.262  1.00 22.45 ? 126 MET A O   1 
ATOM   953  C CB  . MET A 1 126 ? -6.998  -3.426  -3.227  1.00 23.23 ? 126 MET A CB  1 
ATOM   954  C CG  . MET A 1 126 ? -7.988  -2.820  -2.279  1.00 24.19 ? 126 MET A CG  1 
ATOM   955  S SD  . MET A 1 126 ? -7.854  -3.479  -0.621  1.00 24.24 ? 126 MET A SD  1 
ATOM   956  C CE  . MET A 1 126 ? -8.283  -5.201  -0.789  1.00 24.45 ? 126 MET A CE  1 
ATOM   957  N N   . TYR A 1 127 ? -8.058  -0.678  -4.951  1.00 20.37 ? 127 TYR A N   1 
ATOM   958  C CA  . TYR A 1 127 ? -8.139  0.757   -5.058  1.00 21.71 ? 127 TYR A CA  1 
ATOM   959  C C   . TYR A 1 127 ? -9.346  1.307   -4.298  1.00 21.87 ? 127 TYR A C   1 
ATOM   960  O O   . TYR A 1 127 ? -10.495 1.006   -4.631  1.00 22.35 ? 127 TYR A O   1 
ATOM   961  C CB  . TYR A 1 127 ? -8.243  1.199   -6.528  1.00 21.26 ? 127 TYR A CB  1 
ATOM   962  C CG  . TYR A 1 127 ? -8.423  2.677   -6.733  1.00 24.72 ? 127 TYR A CG  1 
ATOM   963  C CD1 . TYR A 1 127 ? -7.420  3.574   -6.362  1.00 26.16 ? 127 TYR A CD1 1 
ATOM   964  C CD2 . TYR A 1 127 ? -9.588  3.207   -7.285  1.00 27.55 ? 127 TYR A CD2 1 
ATOM   965  C CE1 . TYR A 1 127 ? -7.544  4.923   -6.549  1.00 25.19 ? 127 TYR A CE1 1 
ATOM   966  C CE2 . TYR A 1 127 ? -9.753  4.607   -7.438  1.00 28.54 ? 127 TYR A CE2 1 
ATOM   967  C CZ  . TYR A 1 127 ? -8.717  5.446   -7.064  1.00 26.27 ? 127 TYR A CZ  1 
ATOM   968  O OH  . TYR A 1 127 ? -8.833  6.803   -7.170  1.00 25.93 ? 127 TYR A OH  1 
ATOM   969  N N   . GLY A 1 128 ? -9.115  2.246   -3.373  1.00 20.47 ? 128 GLY A N   1 
ATOM   970  C CA  . GLY A 1 128 ? -10.243 2.788   -2.610  1.00 19.69 ? 128 GLY A CA  1 
ATOM   971  C C   . GLY A 1 128 ? -9.813  3.655   -1.461  1.00 22.65 ? 128 GLY A C   1 
ATOM   972  O O   . GLY A 1 128 ? -8.637  4.125   -1.439  1.00 22.87 ? 128 GLY A O   1 
ATOM   973  N N   . SER A 1 129 ? -10.732 3.805   -0.505  1.00 20.59 ? 129 SER A N   1 
ATOM   974  C CA  . SER A 1 129 ? -10.594 4.765   0.634   1.00 24.25 ? 129 SER A CA  1 
ATOM   975  C C   . SER A 1 129 ? -10.010 4.168   1.922   1.00 24.85 ? 129 SER A C   1 
ATOM   976  O O   . SER A 1 129 ? -9.886  4.857   2.902   1.00 29.86 ? 129 SER A O   1 
ATOM   977  C CB  . SER A 1 129 ? -11.912 5.433   0.903   1.00 21.73 ? 129 SER A CB  1 
ATOM   978  O OG  . SER A 1 129 ? -12.967 4.488   1.232   1.00 24.67 ? 129 SER A OG  1 
ATOM   979  N N   . TYR A 1 130 ? -9.557  2.923   1.877   1.00 24.22 ? 130 TYR A N   1 
ATOM   980  C CA  . TYR A 1 130 ? -9.065  2.243   3.048   1.00 24.36 ? 130 TYR A CA  1 
ATOM   981  C C   . TYR A 1 130 ? -7.541  2.524   3.239   1.00 26.06 ? 130 TYR A C   1 
ATOM   982  O O   . TYR A 1 130 ? -6.733  2.113   2.404   1.00 26.45 ? 130 TYR A O   1 
ATOM   983  C CB  . TYR A 1 130 ? -9.332  0.743   2.891   1.00 24.05 ? 130 TYR A CB  1 
ATOM   984  C CG  . TYR A 1 130 ? -9.097  -0.068  4.130   1.00 23.65 ? 130 TYR A CG  1 
ATOM   985  C CD1 . TYR A 1 130 ? -7.800  -0.466  4.515   1.00 23.12 ? 130 TYR A CD1 1 
ATOM   986  C CD2 . TYR A 1 130 ? -10.168 -0.469  4.932   1.00 23.90 ? 130 TYR A CD2 1 
ATOM   987  C CE1 . TYR A 1 130 ? -7.609  -1.268  5.661   1.00 24.02 ? 130 TYR A CE1 1 
ATOM   988  C CE2 . TYR A 1 130 ? -9.967  -1.268  6.031   1.00 24.50 ? 130 TYR A CE2 1 
ATOM   989  C CZ  . TYR A 1 130 ? -8.682  -1.635  6.419   1.00 24.65 ? 130 TYR A CZ  1 
ATOM   990  O OH  . TYR A 1 130 ? -8.488  -2.371  7.584   1.00 26.93 ? 130 TYR A OH  1 
ATOM   991  N N   . SER A 1 131 ? -7.185  3.214   4.323   1.00 24.97 ? 131 SER A N   1 
ATOM   992  C CA  . SER A 1 131 ? -5.787  3.437   4.719   1.00 23.79 ? 131 SER A CA  1 
ATOM   993  C C   . SER A 1 131 ? -5.355  2.340   5.705   1.00 22.65 ? 131 SER A C   1 
ATOM   994  O O   . SER A 1 131 ? -6.166  1.795   6.452   1.00 21.14 ? 131 SER A O   1 
ATOM   995  C CB  . SER A 1 131 ? -5.554  4.838   5.303   1.00 20.82 ? 131 SER A CB  1 
ATOM   996  O OG  . SER A 1 131 ? -5.831  5.859   4.371   1.00 24.78 ? 131 SER A OG  1 
ATOM   997  N N   . TYR A 1 132 ? -4.069  2.003   5.662   1.00 21.62 ? 132 TYR A N   1 
ATOM   998  C CA  . TYR A 1 132 ? -3.553  0.947   6.432   1.00 23.79 ? 132 TYR A CA  1 
ATOM   999  C C   . TYR A 1 132 ? -3.249  1.401   7.880   1.00 28.60 ? 132 TYR A C   1 
ATOM   1000 O O   . TYR A 1 132 ? -2.056  1.500   8.308   1.00 27.68 ? 132 TYR A O   1 
ATOM   1001 C CB  . TYR A 1 132 ? -2.307  0.401   5.804   1.00 24.98 ? 132 TYR A CB  1 
ATOM   1002 C CG  . TYR A 1 132 ? -2.469  -0.330  4.519   1.00 25.77 ? 132 TYR A CG  1 
ATOM   1003 C CD1 . TYR A 1 132 ? -3.723  -0.458  3.854   1.00 24.25 ? 132 TYR A CD1 1 
ATOM   1004 C CD2 . TYR A 1 132 ? -1.355  -0.881  3.904   1.00 24.26 ? 132 TYR A CD2 1 
ATOM   1005 C CE1 . TYR A 1 132 ? -3.830  -1.159  2.654   1.00 22.91 ? 132 TYR A CE1 1 
ATOM   1006 C CE2 . TYR A 1 132 ? -1.475  -1.533  2.681   1.00 24.08 ? 132 TYR A CE2 1 
ATOM   1007 C CZ  . TYR A 1 132 ? -2.734  -1.674  2.067   1.00 23.91 ? 132 TYR A CZ  1 
ATOM   1008 O OH  . TYR A 1 132 ? -2.811  -2.322  0.842   1.00 25.84 ? 132 TYR A OH  1 
ATOM   1009 N N   . MET A 1 133 ? -4.333  1.578   8.633   1.00 26.43 ? 133 MET A N   1 
ATOM   1010 C CA  . MET A 1 133 ? -4.310  2.000   10.015  1.00 29.53 ? 133 MET A CA  1 
ATOM   1011 C C   . MET A 1 133 ? -5.353  1.222   10.800  1.00 29.65 ? 133 MET A C   1 
ATOM   1012 O O   . MET A 1 133 ? -6.362  0.804   10.213  1.00 24.62 ? 133 MET A O   1 
ATOM   1013 C CB  . MET A 1 133 ? -4.714  3.476   10.103  1.00 31.41 ? 133 MET A CB  1 
ATOM   1014 C CG  . MET A 1 133 ? -3.956  4.383   9.157   1.00 31.83 ? 133 MET A CG  1 
ATOM   1015 S SD  . MET A 1 133 ? -4.769  5.996   9.025   1.00 37.45 ? 133 MET A SD  1 
ATOM   1016 C CE  . MET A 1 133 ? -4.443  6.547   10.706  1.00 34.28 ? 133 MET A CE  1 
ATOM   1017 N N   . TRP A 1 134 ? -5.109  1.108   12.114  1.00 27.99 ? 134 TRP A N   1 
ATOM   1018 C CA  . TRP A 1 134 ? -6.042  0.484   13.105  1.00 33.51 ? 134 TRP A CA  1 
ATOM   1019 C C   . TRP A 1 134 ? -7.475  1.051   12.908  1.00 27.26 ? 134 TRP A C   1 
ATOM   1020 O O   . TRP A 1 134 ? -8.467  0.343   12.953  1.00 27.87 ? 134 TRP A O   1 
ATOM   1021 C CB  . TRP A 1 134 ? -5.521  0.696   14.604  1.00 39.72 ? 134 TRP A CB  1 
ATOM   1022 C CG  . TRP A 1 134 ? -6.432  1.555   15.377  1.00 52.80 ? 134 TRP A CG  1 
ATOM   1023 C CD1 . TRP A 1 134 ? -6.584  2.918   15.257  1.00 64.67 ? 134 TRP A CD1 1 
ATOM   1024 C CD2 . TRP A 1 134 ? -7.456  1.116   16.283  1.00 55.41 ? 134 TRP A CD2 1 
ATOM   1025 N NE1 . TRP A 1 134 ? -7.638  3.352   16.046  1.00 68.74 ? 134 TRP A NE1 1 
ATOM   1026 C CE2 . TRP A 1 134 ? -8.193  2.275   16.679  1.00 59.92 ? 134 TRP A CE2 1 
ATOM   1027 C CE3 . TRP A 1 134 ? -7.805  -0.136  16.816  1.00 55.82 ? 134 TRP A CE3 1 
ATOM   1028 C CZ2 . TRP A 1 134 ? -9.256  2.224   17.597  1.00 64.14 ? 134 TRP A CZ2 1 
ATOM   1029 C CZ3 . TRP A 1 134 ? -8.853  -0.191  17.742  1.00 65.40 ? 134 TRP A CZ3 1 
ATOM   1030 C CH2 . TRP A 1 134 ? -9.576  0.988   18.121  1.00 63.80 ? 134 TRP A CH2 1 
ATOM   1031 N N   . SER A 1 135 ? -7.577  2.346   12.721  1.00 24.49 ? 135 SER A N   1 
ATOM   1032 C CA  . SER A 1 135 ? -8.855  2.994   12.685  1.00 27.86 ? 135 SER A CA  1 
ATOM   1033 C C   . SER A 1 135 ? -9.761  2.610   11.483  1.00 28.64 ? 135 SER A C   1 
ATOM   1034 O O   . SER A 1 135 ? -11.005 2.729   11.562  1.00 27.20 ? 135 SER A O   1 
ATOM   1035 C CB  . SER A 1 135 ? -8.626  4.496   12.723  1.00 28.76 ? 135 SER A CB  1 
ATOM   1036 O OG  . SER A 1 135 ? -7.968  4.905   11.533  1.00 27.80 ? 135 SER A OG  1 
ATOM   1037 N N   . PHE A 1 136 ? -9.167  2.168   10.375  1.00 26.55 ? 136 PHE A N   1 
ATOM   1038 C CA  . PHE A 1 136 ? -9.974  1.662   9.255   1.00 25.77 ? 136 PHE A CA  1 
ATOM   1039 C C   . PHE A 1 136 ? -10.509 0.271   9.473   1.00 29.42 ? 136 PHE A C   1 
ATOM   1040 O O   . PHE A 1 136 ? -11.485 -0.127  8.817   1.00 28.79 ? 136 PHE A O   1 
ATOM   1041 C CB  . PHE A 1 136 ? -9.202  1.753   7.940   1.00 26.63 ? 136 PHE A CB  1 
ATOM   1042 C CG  . PHE A 1 136 ? -9.156  3.146   7.406   1.00 23.81 ? 136 PHE A CG  1 
ATOM   1043 C CD1 . PHE A 1 136 ? -8.245  4.060   7.901   1.00 23.78 ? 136 PHE A CD1 1 
ATOM   1044 C CD2 . PHE A 1 136 ? -10.092 3.565   6.475   1.00 22.52 ? 136 PHE A CD2 1 
ATOM   1045 C CE1 . PHE A 1 136 ? -8.236  5.407   7.441   1.00 23.19 ? 136 PHE A CE1 1 
ATOM   1046 C CE2 . PHE A 1 136 ? -10.092 4.887   6.004   1.00 23.45 ? 136 PHE A CE2 1 
ATOM   1047 C CZ  . PHE A 1 136 ? -9.160  5.789   6.503   1.00 24.33 ? 136 PHE A CZ  1 
ATOM   1048 N N   . GLU A 1 137 ? -9.877  -0.498  10.345  1.00 27.08 ? 137 GLU A N   1 
ATOM   1049 C CA  . GLU A 1 137 ? -10.406 -1.796  10.754  1.00 30.61 ? 137 GLU A CA  1 
ATOM   1050 C C   . GLU A 1 137 ? -11.519 -1.575  11.804  1.00 31.95 ? 137 GLU A C   1 
ATOM   1051 O O   . GLU A 1 137 ? -12.492 -2.251  11.799  1.00 36.12 ? 137 GLU A O   1 
ATOM   1052 C CB  . GLU A 1 137 ? -9.264  -2.671  11.340  1.00 35.22 ? 137 GLU A CB  1 
ATOM   1053 C CG  . GLU A 1 137 ? -9.660  -4.095  11.696  1.00 40.83 ? 137 GLU A CG  1 
ATOM   1054 C CD  . GLU A 1 137 ? -8.560  -4.889  12.428  1.00 45.25 ? 137 GLU A CD  1 
ATOM   1055 O OE1 . GLU A 1 137 ? -7.506  -4.364  12.809  1.00 48.06 ? 137 GLU A OE1 1 
ATOM   1056 O OE2 . GLU A 1 137 ? -8.741  -6.087  12.634  1.00 48.13 ? 137 GLU A OE2 1 
ATOM   1057 N N   . LYS A 1 138 ? -11.380 -0.628  12.705  1.00 32.66 ? 138 LYS A N   1 
ATOM   1058 C CA  . LYS A 1 138 ? -12.321 -0.525  13.826  1.00 35.35 ? 138 LYS A CA  1 
ATOM   1059 C C   . LYS A 1 138 ? -13.343 0.537   13.789  1.00 35.72 ? 138 LYS A C   1 
ATOM   1060 O O   . LYS A 1 138 ? -14.318 0.447   14.512  1.00 36.01 ? 138 LYS A O   1 
ATOM   1061 C CB  . LYS A 1 138 ? -11.566 -0.226  15.124  1.00 38.26 ? 138 LYS A CB  1 
ATOM   1062 C CG  . LYS A 1 138 ? -10.518 -1.241  15.484  1.00 44.80 ? 138 LYS A CG  1 
ATOM   1063 C CD  . LYS A 1 138 ? -10.938 -2.684  15.394  1.00 44.71 ? 138 LYS A CD  1 
ATOM   1064 C CE  . LYS A 1 138 ? -9.888  -3.487  16.119  1.00 53.24 ? 138 LYS A CE  1 
ATOM   1065 N NZ  . LYS A 1 138 ? -10.305 -4.907  16.118  1.00 61.90 ? 138 LYS A NZ  1 
ATOM   1066 N N   . ALA A 1 139 ? -13.070 1.619   13.090  1.00 33.07 ? 139 ALA A N   1 
ATOM   1067 C CA  . ALA A 1 139 ? -13.872 2.813   13.298  1.00 32.36 ? 139 ALA A CA  1 
ATOM   1068 C C   . ALA A 1 139 ? -14.507 3.372   12.044  1.00 31.95 ? 139 ALA A C   1 
ATOM   1069 O O   . ALA A 1 139 ? -15.643 3.857   12.100  1.00 31.34 ? 139 ALA A O   1 
ATOM   1070 C CB  . ALA A 1 139 ? -13.043 3.883   13.976  1.00 31.79 ? 139 ALA A CB  1 
ATOM   1071 N N   . HIS A 1 140 ? -13.780 3.372   10.921  1.00 25.97 ? 140 HIS A N   1 
ATOM   1072 C CA  . HIS A 1 140 ? -14.202 4.182   9.801   1.00 27.94 ? 140 HIS A CA  1 
ATOM   1073 C C   . HIS A 1 140 ? -15.070 3.345   8.864   1.00 24.40 ? 140 HIS A C   1 
ATOM   1074 O O   . HIS A 1 140 ? -14.905 2.134   8.795   1.00 25.37 ? 140 HIS A O   1 
ATOM   1075 C CB  . HIS A 1 140 ? -12.983 4.754   9.063   1.00 29.25 ? 140 HIS A CB  1 
ATOM   1076 C CG  . HIS A 1 140 ? -12.175 5.726   9.868   1.00 30.41 ? 140 HIS A CG  1 
ATOM   1077 N ND1 . HIS A 1 140 ? -12.729 6.594   10.804  1.00 29.01 ? 140 HIS A ND1 1 
ATOM   1078 C CD2 . HIS A 1 140 ? -10.852 5.998   9.837   1.00 30.48 ? 140 HIS A CD2 1 
ATOM   1079 C CE1 . HIS A 1 140 ? -11.769 7.356   11.306  1.00 31.95 ? 140 HIS A CE1 1 
ATOM   1080 N NE2 . HIS A 1 140 ? -10.609 6.985   10.763  1.00 29.48 ? 140 HIS A NE2 1 
ATOM   1081 N N   . LEU A 1 141 ? -15.935 4.018   8.121   1.00 23.76 ? 141 LEU A N   1 
ATOM   1082 C CA  . LEU A 1 141 ? -16.627 3.429   6.962   1.00 25.04 ? 141 LEU A CA  1 
ATOM   1083 C C   . LEU A 1 141 ? -15.769 3.675   5.729   1.00 25.26 ? 141 LEU A C   1 
ATOM   1084 O O   . LEU A 1 141 ? -15.283 4.805   5.520   1.00 25.02 ? 141 LEU A O   1 
ATOM   1085 C CB  . LEU A 1 141 ? -17.952 4.091   6.721   1.00 24.34 ? 141 LEU A CB  1 
ATOM   1086 C CG  . LEU A 1 141 ? -18.905 4.141   7.943   1.00 29.47 ? 141 LEU A CG  1 
ATOM   1087 C CD1 . LEU A 1 141 ? -20.157 4.818   7.464   1.00 31.76 ? 141 LEU A CD1 1 
ATOM   1088 C CD2 . LEU A 1 141 ? -19.150 2.771   8.568   1.00 29.43 ? 141 LEU A CD2 1 
ATOM   1089 N N   . SER A 1 142 ? -15.616 2.651   4.917   1.00 23.58 ? 142 SER A N   1 
ATOM   1090 C CA  . SER A 1 142 ? -14.789 2.731   3.693   1.00 22.72 ? 142 SER A CA  1 
ATOM   1091 C C   . SER A 1 142 ? -15.226 1.683   2.642   1.00 21.79 ? 142 SER A C   1 
ATOM   1092 O O   . SER A 1 142 ? -16.081 0.832   2.871   1.00 20.51 ? 142 SER A O   1 
ATOM   1093 C CB  . SER A 1 142 ? -13.298 2.585   4.006   1.00 24.68 ? 142 SER A CB  1 
ATOM   1094 O OG  . SER A 1 142 ? -12.978 1.287   4.458   1.00 24.30 ? 142 SER A OG  1 
ATOM   1095 N N   . MET A 1 143 ? -14.651 1.831   1.477   1.00 20.38 ? 143 MET A N   1 
ATOM   1096 C CA  . MET A 1 143 ? -14.971 1.005   0.324   1.00 23.69 ? 143 MET A CA  1 
ATOM   1097 C C   . MET A 1 143 ? -13.729 0.867   -0.531  1.00 22.89 ? 143 MET A C   1 
ATOM   1098 O O   . MET A 1 143 ? -12.904 1.787   -0.640  1.00 22.69 ? 143 MET A O   1 
ATOM   1099 C CB  . MET A 1 143 ? -16.105 1.626   -0.466  1.00 22.02 ? 143 MET A CB  1 
ATOM   1100 C CG  . MET A 1 143 ? -16.609 0.724   -1.600  1.00 26.03 ? 143 MET A CG  1 
ATOM   1101 S SD  . MET A 1 143 ? -17.699 1.538   -2.809  1.00 29.87 ? 143 MET A SD  1 
ATOM   1102 C CE  . MET A 1 143 ? -16.447 2.324   -3.814  1.00 33.43 ? 143 MET A CE  1 
ATOM   1103 N N   . VAL A 1 144 ? -13.605 -0.267  -1.206  1.00 23.90 ? 144 VAL A N   1 
ATOM   1104 C CA  . VAL A 1 144 ? -12.529 -0.429  -2.214  1.00 21.60 ? 144 VAL A CA  1 
ATOM   1105 C C   . VAL A 1 144 ? -13.103 -1.191  -3.429  1.00 22.13 ? 144 VAL A C   1 
ATOM   1106 O O   . VAL A 1 144 ? -14.155 -1.782  -3.329  1.00 24.45 ? 144 VAL A O   1 
ATOM   1107 C CB  . VAL A 1 144 ? -11.306 -1.211  -1.659  1.00 21.46 ? 144 VAL A CB  1 
ATOM   1108 C CG1 . VAL A 1 144 ? -10.571 -0.399  -0.611  1.00 23.25 ? 144 VAL A CG1 1 
ATOM   1109 C CG2 . VAL A 1 144 ? -11.698 -2.599  -1.120  1.00 20.09 ? 144 VAL A CG2 1 
ATOM   1110 N N   . GLN A 1 145 ? -12.374 -1.122  -4.521  1.00 20.80 ? 145 GLN A N   1 
ATOM   1111 C CA  . GLN A 1 145 ? -12.497 -1.912  -5.727  1.00 22.20 ? 145 GLN A CA  1 
ATOM   1112 C C   . GLN A 1 145 ? -11.375 -2.925  -5.807  1.00 22.58 ? 145 GLN A C   1 
ATOM   1113 O O   . GLN A 1 145 ? -10.228 -2.579  -5.497  1.00 22.00 ? 145 GLN A O   1 
ATOM   1114 C CB  . GLN A 1 145 ? -12.295 -0.989  -6.928  1.00 22.74 ? 145 GLN A CB  1 
ATOM   1115 C CG  . GLN A 1 145 ? -13.320 0.128   -7.076  1.00 23.48 ? 145 GLN A CG  1 
ATOM   1116 C CD  . GLN A 1 145 ? -13.045 1.004   -8.317  1.00 22.94 ? 145 GLN A CD  1 
ATOM   1117 O OE1 . GLN A 1 145 ? -11.962 0.996   -8.839  1.00 27.95 ? 145 GLN A OE1 1 
ATOM   1118 N NE2 . GLN A 1 145 ? -13.991 1.772   -8.727  1.00 24.31 ? 145 GLN A NE2 1 
ATOM   1119 N N   . ILE A 1 146 ? -11.690 -4.177  -6.161  1.00 21.48 ? 146 ILE A N   1 
ATOM   1120 C CA  . ILE A 1 146 ? -10.731 -5.108  -6.614  1.00 22.99 ? 146 ILE A CA  1 
ATOM   1121 C C   . ILE A 1 146 ? -10.807 -5.097  -8.150  1.00 24.38 ? 146 ILE A C   1 
ATOM   1122 O O   . ILE A 1 146 ? -11.849 -5.416  -8.709  1.00 23.57 ? 146 ILE A O   1 
ATOM   1123 C CB  . ILE A 1 146 ? -11.032 -6.521  -6.146  1.00 25.06 ? 146 ILE A CB  1 
ATOM   1124 C CG1 . ILE A 1 146 ? -11.188 -6.593  -4.627  1.00 24.71 ? 146 ILE A CG1 1 
ATOM   1125 C CG2 . ILE A 1 146 ? -9.928  -7.451  -6.644  1.00 25.36 ? 146 ILE A CG2 1 
ATOM   1126 C CD1 . ILE A 1 146 ? -9.975  -6.027  -3.884  1.00 26.60 ? 146 ILE A CD1 1 
ATOM   1127 N N   . ILE A 1 147 ? -9.702  -4.755  -8.791  1.00 24.46 ? 147 ILE A N   1 
ATOM   1128 C CA  . ILE A 1 147 ? -9.611  -4.543  -10.253 1.00 25.07 ? 147 ILE A CA  1 
ATOM   1129 C C   . ILE A 1 147 ? -8.643  -5.565  -10.843 1.00 26.47 ? 147 ILE A C   1 
ATOM   1130 O O   . ILE A 1 147 ? -7.547  -5.758  -10.324 1.00 22.31 ? 147 ILE A O   1 
ATOM   1131 C CB  . ILE A 1 147 ? -9.055  -3.195  -10.532 1.00 25.71 ? 147 ILE A CB  1 
ATOM   1132 C CG1 . ILE A 1 147 ? -9.872  -2.117  -9.782  1.00 23.98 ? 147 ILE A CG1 1 
ATOM   1133 C CG2 . ILE A 1 147 ? -8.989  -2.847  -12.028 1.00 24.78 ? 147 ILE A CG2 1 
ATOM   1134 C CD1 . ILE A 1 147 ? -9.244  -0.766  -9.958  1.00 24.88 ? 147 ILE A CD1 1 
ATOM   1135 N N   . THR A 1 148 ? -9.052  -6.169  -11.952 1.00 23.74 ? 148 THR A N   1 
ATOM   1136 C CA  . THR A 1 148 ? -8.210  -7.041  -12.763 1.00 25.61 ? 148 THR A CA  1 
ATOM   1137 C C   . THR A 1 148 ? -8.510  -6.730  -14.201 1.00 26.72 ? 148 THR A C   1 
ATOM   1138 O O   . THR A 1 148 ? -9.577  -6.155  -14.518 1.00 25.08 ? 148 THR A O   1 
ATOM   1139 C CB  . THR A 1 148 ? -8.566  -8.509  -12.544 1.00 24.64 ? 148 THR A CB  1 
ATOM   1140 O OG1 . THR A 1 148 ? -9.966  -8.672  -12.743 1.00 26.57 ? 148 THR A OG1 1 
ATOM   1141 C CG2 . THR A 1 148 ? -8.222  -8.975  -11.104 1.00 26.55 ? 148 THR A CG2 1 
ATOM   1142 N N   . GLY A 1 149 ? -7.584  -7.083  -15.084 1.00 26.86 ? 149 GLY A N   1 
ATOM   1143 C CA  . GLY A 1 149 ? -7.774  -6.798  -16.506 1.00 28.36 ? 149 GLY A CA  1 
ATOM   1144 C C   . GLY A 1 149 ? -7.021  -5.580  -16.969 1.00 28.28 ? 149 GLY A C   1 
ATOM   1145 O O   . GLY A 1 149 ? -6.041  -5.147  -16.343 1.00 25.85 ? 149 GLY A O   1 
ATOM   1146 N N   . GLN A 1 150 ? -7.530  -4.973  -18.026 1.00 30.67 ? 150 GLN A N   1 
ATOM   1147 C CA  . GLN A 1 150 ? -6.875  -3.912  -18.760 1.00 30.82 ? 150 GLN A CA  1 
ATOM   1148 C C   . GLN A 1 150 ? -6.482  -2.734  -17.858 1.00 29.84 ? 150 GLN A C   1 
ATOM   1149 O O   . GLN A 1 150 ? -5.345  -2.230  -17.945 1.00 28.89 ? 150 GLN A O   1 
ATOM   1150 C CB  . GLN A 1 150 ? -7.830  -3.389  -19.843 1.00 35.68 ? 150 GLN A CB  1 
ATOM   1151 C CG  . GLN A 1 150 ? -7.200  -2.412  -20.801 1.00 44.62 ? 150 GLN A CG  1 
ATOM   1152 C CD  . GLN A 1 150 ? -6.079  -3.073  -21.535 1.00 56.77 ? 150 GLN A CD  1 
ATOM   1153 O OE1 . GLN A 1 150 ? -6.286  -4.088  -22.238 1.00 70.56 ? 150 GLN A OE1 1 
ATOM   1154 N NE2 . GLN A 1 150 ? -4.868  -2.545  -21.351 1.00 66.52 ? 150 GLN A NE2 1 
ATOM   1155 N N   . LEU A 1 151 ? -7.425  -2.279  -17.014 1.00 25.65 ? 151 LEU A N   1 
ATOM   1156 C CA  . LEU A 1 151 ? -7.186  -1.086  -16.177 1.00 24.43 ? 151 LEU A CA  1 
ATOM   1157 C C   . LEU A 1 151 ? -5.946  -1.265  -15.223 1.00 23.36 ? 151 LEU A C   1 
ATOM   1158 O O   . LEU A 1 151 ? -5.294  -0.296  -14.852 1.00 22.67 ? 151 LEU A O   1 
ATOM   1159 C CB  . LEU A 1 151 ? -8.476  -0.737  -15.406 1.00 27.53 ? 151 LEU A CB  1 
ATOM   1160 C CG  . LEU A 1 151 ? -8.381  0.527   -14.579 1.00 29.60 ? 151 LEU A CG  1 
ATOM   1161 C CD1 . LEU A 1 151 ? -8.030  1.701   -15.463 1.00 28.39 ? 151 LEU A CD1 1 
ATOM   1162 C CD2 . LEU A 1 151 ? -9.705  0.683   -13.849 1.00 31.38 ? 151 LEU A CD2 1 
ATOM   1163 N N   . VAL A 1 152 ? -5.577  -2.491  -14.910 1.00 21.27 ? 152 VAL A N   1 
ATOM   1164 C CA  . VAL A 1 152 ? -4.421  -2.750  -14.085 1.00 22.87 ? 152 VAL A CA  1 
ATOM   1165 C C   . VAL A 1 152 ? -3.153  -2.184  -14.698 1.00 26.51 ? 152 VAL A C   1 
ATOM   1166 O O   . VAL A 1 152 ? -2.289  -1.638  -13.975 1.00 23.85 ? 152 VAL A O   1 
ATOM   1167 C CB  . VAL A 1 152 ? -4.261  -4.245  -13.774 1.00 24.01 ? 152 VAL A CB  1 
ATOM   1168 C CG1 . VAL A 1 152 ? -2.964  -4.483  -12.974 1.00 23.91 ? 152 VAL A CG1 1 
ATOM   1169 C CG2 . VAL A 1 152 ? -5.436  -4.761  -12.945 1.00 23.74 ? 152 VAL A CG2 1 
ATOM   1170 N N   . GLU A 1 153 ? -3.065  -2.211  -16.038 1.00 27.79 ? 153 GLU A N   1 
ATOM   1171 C CA  . GLU A 1 153 ? -1.895  -1.636  -16.720 1.00 29.48 ? 153 GLU A CA  1 
ATOM   1172 C C   . GLU A 1 153 ? -1.844  -0.173  -16.488 1.00 24.59 ? 153 GLU A C   1 
ATOM   1173 O O   . GLU A 1 153 ? -0.768  0.368   -16.354 1.00 24.86 ? 153 GLU A O   1 
ATOM   1174 C CB  . GLU A 1 153 ? -1.889  -1.893  -18.241 1.00 34.72 ? 153 GLU A CB  1 
ATOM   1175 C CG  . GLU A 1 153 ? -2.085  -3.373  -18.580 1.00 42.93 ? 153 GLU A CG  1 
ATOM   1176 C CD  . GLU A 1 153 ? -2.218  -3.594  -20.073 1.00 49.90 ? 153 GLU A CD  1 
ATOM   1177 O OE1 . GLU A 1 153 ? -1.869  -2.654  -20.845 1.00 48.67 ? 153 GLU A OE1 1 
ATOM   1178 O OE2 . GLU A 1 153 ? -2.708  -4.693  -20.423 1.00 53.14 ? 153 GLU A OE2 1 
ATOM   1179 N N   . SER A 1 154 ? -2.978  0.512   -16.369 1.00 24.90 ? 154 SER A N   1 
ATOM   1180 C CA  . SER A 1 154 ? -2.909  1.985   -16.039 1.00 25.80 ? 154 SER A CA  1 
ATOM   1181 C C   . SER A 1 154 ? -2.395  2.270   -14.598 1.00 28.12 ? 154 SER A C   1 
ATOM   1182 O O   . SER A 1 154 ? -1.753  3.342   -14.323 1.00 26.12 ? 154 SER A O   1 
ATOM   1183 C CB  . SER A 1 154 ? -4.280  2.614   -16.238 1.00 27.73 ? 154 SER A CB  1 
ATOM   1184 O OG  . SER A 1 154 ? -4.681  2.493   -17.578 1.00 28.86 ? 154 SER A OG  1 
ATOM   1185 N N   . PHE A 1 155 ? -2.701  1.357   -13.670 1.00 25.21 ? 155 PHE A N   1 
ATOM   1186 C CA  . PHE A 1 155 ? -2.215  1.527   -12.283 1.00 25.79 ? 155 PHE A CA  1 
ATOM   1187 C C   . PHE A 1 155 ? -0.719  1.268   -12.272 1.00 27.92 ? 155 PHE A C   1 
ATOM   1188 O O   . PHE A 1 155 ? 0.027   1.934   -11.559 1.00 27.16 ? 155 PHE A O   1 
ATOM   1189 C CB  . PHE A 1 155 ? -2.961  0.639   -11.286 1.00 24.53 ? 155 PHE A CB  1 
ATOM   1190 C CG  . PHE A 1 155 ? -4.264  1.209   -10.857 1.00 26.65 ? 155 PHE A CG  1 
ATOM   1191 C CD1 . PHE A 1 155 ? -4.349  1.995   -9.701  1.00 25.26 ? 155 PHE A CD1 1 
ATOM   1192 C CD2 . PHE A 1 155 ? -5.413  0.977   -11.592 1.00 25.51 ? 155 PHE A CD2 1 
ATOM   1193 C CE1 . PHE A 1 155 ? -5.551  2.571   -9.311  1.00 24.65 ? 155 PHE A CE1 1 
ATOM   1194 C CE2 . PHE A 1 155 ? -6.620  1.571   -11.197 1.00 28.40 ? 155 PHE A CE2 1 
ATOM   1195 C CZ  . PHE A 1 155 ? -6.701  2.352   -10.054 1.00 22.64 ? 155 PHE A CZ  1 
ATOM   1196 N N   . ASP A 1 156 ? -0.288  0.262   -13.030 1.00 24.97 ? 156 ASP A N   1 
ATOM   1197 C CA  . ASP A 1 156 ? 1.150   0.034   -13.202 1.00 28.55 ? 156 ASP A CA  1 
ATOM   1198 C C   . ASP A 1 156 ? 1.917   1.291   -13.685 1.00 29.22 ? 156 ASP A C   1 
ATOM   1199 O O   . ASP A 1 156 ? 2.922   1.665   -13.084 1.00 26.81 ? 156 ASP A O   1 
ATOM   1200 C CB  . ASP A 1 156 ? 1.445   -1.153  -14.119 1.00 29.96 ? 156 ASP A CB  1 
ATOM   1201 C CG  . ASP A 1 156 ? 2.980   -1.394  -14.248 1.00 41.25 ? 156 ASP A CG  1 
ATOM   1202 O OD1 . ASP A 1 156 ? 3.664   -1.564  -13.210 1.00 47.14 ? 156 ASP A OD1 1 
ATOM   1203 O OD2 . ASP A 1 156 ? 3.512   -1.337  -15.359 1.00 46.91 ? 156 ASP A OD2 1 
ATOM   1204 N N   . GLU A 1 157 ? 1.434   1.931   -14.752 1.00 27.49 ? 157 GLU A N   1 
ATOM   1205 C CA  . GLU A 1 157 ? 2.011   3.136   -15.292 1.00 31.40 ? 157 GLU A CA  1 
ATOM   1206 C C   . GLU A 1 157 ? 1.978   4.286   -14.239 1.00 30.77 ? 157 GLU A C   1 
ATOM   1207 O O   . GLU A 1 157 ? 2.929   5.061   -14.157 1.00 29.46 ? 157 GLU A O   1 
ATOM   1208 C CB  . GLU A 1 157 ? 1.284   3.528   -16.625 1.00 36.19 ? 157 GLU A CB  1 
ATOM   1209 C CG  . GLU A 1 157 ? 1.458   4.969   -17.132 1.00 38.98 ? 157 GLU A CG  1 
ATOM   1210 C CD  . GLU A 1 157 ? 0.674   5.244   -18.462 1.00 53.22 ? 157 GLU A CD  1 
ATOM   1211 O OE1 . GLU A 1 157 ? 0.942   4.585   -19.475 1.00 52.44 ? 157 GLU A OE1 1 
ATOM   1212 O OE2 . GLU A 1 157 ? -0.241  6.106   -18.522 1.00 55.20 ? 157 GLU A OE2 1 
ATOM   1213 N N   . GLU A 1 158 ? 0.900   4.406   -13.443 1.00 29.38 ? 158 GLU A N   1 
ATOM   1214 C CA  . GLU A 1 158 ? 0.820   5.498   -12.452 1.00 28.73 ? 158 GLU A CA  1 
ATOM   1215 C C   . GLU A 1 158 ? 1.830   5.253   -11.341 1.00 27.29 ? 158 GLU A C   1 
ATOM   1216 O O   . GLU A 1 158 ? 2.431   6.232   -10.792 1.00 27.64 ? 158 GLU A O   1 
ATOM   1217 C CB  . GLU A 1 158 ? -0.542  5.594   -11.853 1.00 30.68 ? 158 GLU A CB  1 
ATOM   1218 C CG  . GLU A 1 158 ? -0.708  6.597   -10.690 1.00 33.60 ? 158 GLU A CG  1 
ATOM   1219 C CD  . GLU A 1 158 ? -0.405  8.089   -10.970 1.00 40.02 ? 158 GLU A CD  1 
ATOM   1220 O OE1 . GLU A 1 158 ? -0.069  8.521   -12.090 1.00 40.00 ? 158 GLU A OE1 1 
ATOM   1221 O OE2 . GLU A 1 158 ? -0.551  8.882   -10.008 1.00 48.46 ? 158 GLU A OE2 1 
ATOM   1222 N N   . PHE A 1 159 ? 1.996   3.980   -10.991 1.00 24.68 ? 159 PHE A N   1 
ATOM   1223 C CA  . PHE A 1 159 ? 2.984   3.601   -9.966  1.00 22.86 ? 159 PHE A CA  1 
ATOM   1224 C C   . PHE A 1 159 ? 4.387   4.018   -10.400 1.00 26.71 ? 159 PHE A C   1 
ATOM   1225 O O   . PHE A 1 159 ? 5.145   4.596   -9.629  1.00 25.65 ? 159 PHE A O   1 
ATOM   1226 C CB  . PHE A 1 159 ? 3.000   2.115   -9.643  1.00 23.51 ? 159 PHE A CB  1 
ATOM   1227 C CG  . PHE A 1 159 ? 3.889   1.823   -8.458  1.00 24.67 ? 159 PHE A CG  1 
ATOM   1228 C CD1 . PHE A 1 159 ? 3.436   2.113   -7.148  1.00 22.98 ? 159 PHE A CD1 1 
ATOM   1229 C CD2 . PHE A 1 159 ? 5.211   1.426   -8.633  1.00 24.94 ? 159 PHE A CD2 1 
ATOM   1230 C CE1 . PHE A 1 159 ? 4.250   1.921   -6.042  1.00 23.40 ? 159 PHE A CE1 1 
ATOM   1231 C CE2 . PHE A 1 159 ? 6.040   1.274   -7.525  1.00 23.54 ? 159 PHE A CE2 1 
ATOM   1232 C CZ  . PHE A 1 159 ? 5.574   1.504   -6.244  1.00 23.01 ? 159 PHE A CZ  1 
ATOM   1233 N N   . ARG A 1 160 ? 4.728   3.753   -11.648 1.00 26.87 ? 160 ARG A N   1 
ATOM   1234 C CA  . ARG A 1 160 ? 6.053   4.115   -12.154 1.00 28.82 ? 160 ARG A CA  1 
ATOM   1235 C C   . ARG A 1 160 ? 6.216   5.610   -12.246 1.00 26.89 ? 160 ARG A C   1 
ATOM   1236 O O   . ARG A 1 160 ? 7.272   6.163   -11.964 1.00 26.90 ? 160 ARG A O   1 
ATOM   1237 C CB  . ARG A 1 160 ? 6.244   3.485   -13.524 1.00 29.91 ? 160 ARG A CB  1 
ATOM   1238 C CG  . ARG A 1 160 ? 6.373   1.997   -13.482 1.00 33.30 ? 160 ARG A CG  1 
ATOM   1239 C CD  . ARG A 1 160 ? 6.565   1.482   -14.909 1.00 38.99 ? 160 ARG A CD  1 
ATOM   1240 N NE  . ARG A 1 160 ? 6.256   0.080   -14.886 1.00 46.09 ? 160 ARG A NE  1 
ATOM   1241 C CZ  . ARG A 1 160 ? 7.116   -0.916  -14.654 1.00 54.70 ? 160 ARG A CZ  1 
ATOM   1242 N NH1 . ARG A 1 160 ? 6.653   -2.160  -14.639 1.00 62.87 ? 160 ARG A NH1 1 
ATOM   1243 N NH2 . ARG A 1 160 ? 8.424   -0.710  -14.477 1.00 59.66 ? 160 ARG A NH2 1 
ATOM   1244 N N   . THR A 1 161 ? 5.158   6.280   -12.629 1.00 27.14 ? 161 THR A N   1 
ATOM   1245 C CA  . THR A 1 161 ? 5.179   7.750   -12.687 1.00 28.40 ? 161 THR A CA  1 
ATOM   1246 C C   . THR A 1 161 ? 5.444   8.322   -11.247 1.00 28.93 ? 161 THR A C   1 
ATOM   1247 O O   . THR A 1 161 ? 6.301   9.200   -11.045 1.00 29.06 ? 161 THR A O   1 
ATOM   1248 C CB  . THR A 1 161 ? 3.839   8.223   -13.215 1.00 30.90 ? 161 THR A CB  1 
ATOM   1249 O OG1 . THR A 1 161 ? 3.648   7.653   -14.512 1.00 35.41 ? 161 THR A OG1 1 
ATOM   1250 C CG2 . THR A 1 161 ? 3.800   9.697   -13.309 1.00 32.93 ? 161 THR A CG2 1 
ATOM   1251 N N   . LEU A 1 162 ? 4.700   7.823   -10.260 1.00 26.23 ? 162 LEU A N   1 
ATOM   1252 C CA  . LEU A 1 162 ? 4.857   8.258   -8.862  1.00 26.16 ? 162 LEU A CA  1 
ATOM   1253 C C   . LEU A 1 162 ? 6.236   7.944   -8.324  1.00 23.42 ? 162 LEU A C   1 
ATOM   1254 O O   . LEU A 1 162 ? 6.840   8.776   -7.651  1.00 25.93 ? 162 LEU A O   1 
ATOM   1255 C CB  . LEU A 1 162 ? 3.801   7.618   -7.913  1.00 27.71 ? 162 LEU A CB  1 
ATOM   1256 C CG  . LEU A 1 162 ? 2.374   8.131   -8.109  1.00 28.95 ? 162 LEU A CG  1 
ATOM   1257 C CD1 . LEU A 1 162 ? 1.349   7.294   -7.354  1.00 31.45 ? 162 LEU A CD1 1 
ATOM   1258 C CD2 . LEU A 1 162 ? 2.246   9.599   -7.735  1.00 29.88 ? 162 LEU A CD2 1 
ATOM   1259 N N   . TYR A 1 163 ? 6.715   6.761   -8.640  1.00 21.37 ? 163 TYR A N   1 
ATOM   1260 C CA  . TYR A 1 163 ? 8.021   6.324   -8.230  1.00 26.03 ? 163 TYR A CA  1 
ATOM   1261 C C   . TYR A 1 163 ? 9.132   7.257   -8.752  1.00 28.09 ? 163 TYR A C   1 
ATOM   1262 O O   . TYR A 1 163 ? 10.076  7.661   -8.004  1.00 24.59 ? 163 TYR A O   1 
ATOM   1263 C CB  . TYR A 1 163 ? 8.271   4.896   -8.711  1.00 25.76 ? 163 TYR A CB  1 
ATOM   1264 C CG  . TYR A 1 163 ? 9.350   4.206   -7.928  1.00 31.06 ? 163 TYR A CG  1 
ATOM   1265 C CD1 . TYR A 1 163 ? 10.720  4.338   -8.259  1.00 36.21 ? 163 TYR A CD1 1 
ATOM   1266 C CD2 . TYR A 1 163 ? 9.019   3.452   -6.833  1.00 35.16 ? 163 TYR A CD2 1 
ATOM   1267 C CE1 . TYR A 1 163 ? 11.701  3.669   -7.512  1.00 37.73 ? 163 TYR A CE1 1 
ATOM   1268 C CE2 . TYR A 1 163 ? 9.975   2.812   -6.088  1.00 37.29 ? 163 TYR A CE2 1 
ATOM   1269 C CZ  . TYR A 1 163 ? 11.306  2.912   -6.415  1.00 36.58 ? 163 TYR A CZ  1 
ATOM   1270 O OH  . TYR A 1 163 ? 12.160  2.226   -5.583  1.00 45.69 ? 163 TYR A OH  1 
ATOM   1271 N N   . ALA A 1 164 ? 8.969   7.666   -9.995  1.00 30.92 ? 164 ALA A N   1 
ATOM   1272 C CA  . ALA A 1 164 ? 9.893   8.650   -10.590 1.00 31.49 ? 164 ALA A CA  1 
ATOM   1273 C C   . ALA A 1 164 ? 9.932   9.987   -9.874  1.00 33.20 ? 164 ALA A C   1 
ATOM   1274 O O   . ALA A 1 164 ? 11.006  10.626  -9.770  1.00 36.16 ? 164 ALA A O   1 
ATOM   1275 C CB  . ALA A 1 164 ? 9.559   8.842   -12.048 1.00 34.14 ? 164 ALA A CB  1 
ATOM   1276 N N   . ARG A 1 165 ? 8.800   10.425  -9.334  1.00 31.45 ? 165 ARG A N   1 
ATOM   1277 C CA  . ARG A 1 165 ? 8.829   11.632  -8.555  1.00 30.16 ? 165 ARG A CA  1 
ATOM   1278 C C   . ARG A 1 165 ? 9.012   11.484  -7.026  1.00 30.72 ? 165 ARG A C   1 
ATOM   1279 O O   . ARG A 1 165 ? 8.703   12.442  -6.259  1.00 33.23 ? 165 ARG A O   1 
ATOM   1280 C CB  . ARG A 1 165 ? 7.612   12.471  -8.907  1.00 33.26 ? 165 ARG A CB  1 
ATOM   1281 C CG  . ARG A 1 165 ? 6.318   12.029  -8.374  1.00 34.72 ? 165 ARG A CG  1 
ATOM   1282 C CD  . ARG A 1 165 ? 5.569   13.215  -7.782  1.00 44.82 ? 165 ARG A CD  1 
ATOM   1283 N NE  . ARG A 1 165 ? 4.949   14.038  -8.793  1.00 39.48 ? 165 ARG A NE  1 
ATOM   1284 C CZ  . ARG A 1 165 ? 4.614   15.308  -8.665  1.00 39.15 ? 165 ARG A CZ  1 
ATOM   1285 N NH1 . ARG A 1 165 ? 4.802   16.008  -7.536  1.00 40.13 ? 165 ARG A NH1 1 
ATOM   1286 N NH2 . ARG A 1 165 ? 4.023   15.869  -9.703  1.00 42.12 ? 165 ARG A NH2 1 
ATOM   1287 N N   . SER A 1 166 ? 9.505   10.326  -6.579  1.00 27.16 ? 166 SER A N   1 
ATOM   1288 C CA  . SER A 1 166 ? 9.628   10.053  -5.134  1.00 26.66 ? 166 SER A CA  1 
ATOM   1289 C C   . SER A 1 166 ? 11.071  10.379  -4.649  1.00 30.12 ? 166 SER A C   1 
ATOM   1290 O O   . SER A 1 166 ? 11.983  10.459  -5.475  1.00 28.38 ? 166 SER A O   1 
ATOM   1291 C CB  . SER A 1 166 ? 9.240   8.623   -4.883  1.00 23.52 ? 166 SER A CB  1 
ATOM   1292 O OG  . SER A 1 166 ? 10.205  7.758   -5.349  1.00 22.98 ? 166 SER A OG  1 
ATOM   1293 N N   . CYS A 1 167 ? 11.263  10.573  -3.346  1.00 29.28 ? 167 CYS A N   1 
ATOM   1294 C CA  . CYS A 1 167 ? 12.579  10.907  -2.767  1.00 30.78 ? 167 CYS A CA  1 
ATOM   1295 C C   . CYS A 1 167 ? 12.965  9.843   -1.753  1.00 32.16 ? 167 CYS A C   1 
ATOM   1296 O O   . CYS A 1 167 ? 12.097  9.206   -1.149  1.00 26.12 ? 167 CYS A O   1 
ATOM   1297 C CB  . CYS A 1 167 ? 12.521  12.270  -2.082  1.00 29.73 ? 167 CYS A CB  1 
ATOM   1298 S SG  . CYS A 1 167 ? 12.000  13.644  -3.171  1.00 30.76 ? 167 CYS A SG  1 
ATOM   1299 N N   . VAL A 1 168 ? 14.272  9.656   -1.568  1.00 33.05 ? 168 VAL A N   1 
ATOM   1300 C CA  . VAL A 1 168 ? 14.803  8.810   -0.487  1.00 33.85 ? 168 VAL A CA  1 
ATOM   1301 C C   . VAL A 1 168 ? 14.444  9.489   0.781   1.00 34.03 ? 168 VAL A C   1 
ATOM   1302 O O   . VAL A 1 168 ? 14.605  10.704  0.895   1.00 35.85 ? 168 VAL A O   1 
ATOM   1303 C CB  . VAL A 1 168 ? 16.354  8.633   -0.550  1.00 41.64 ? 168 VAL A CB  1 
ATOM   1304 C CG1 . VAL A 1 168 ? 16.851  7.808   0.629   1.00 42.29 ? 168 VAL A CG1 1 
ATOM   1305 C CG2 . VAL A 1 168 ? 16.754  7.898   -1.839  1.00 42.41 ? 168 VAL A CG2 1 
ATOM   1306 N N   . PRO A 1 169 ? 13.859  8.764   1.733   1.00 35.06 ? 169 PRO A N   1 
ATOM   1307 C CA  . PRO A 1 169 ? 13.523  9.495   2.970   1.00 38.97 ? 169 PRO A CA  1 
ATOM   1308 C C   . PRO A 1 169 ? 14.780  9.993   3.738   1.00 40.65 ? 169 PRO A C   1 
ATOM   1309 O O   . PRO A 1 169 ? 15.857  9.319   3.711   1.00 38.66 ? 169 PRO A O   1 
ATOM   1310 C CB  . PRO A 1 169 ? 12.729  8.479   3.793   1.00 41.67 ? 169 PRO A CB  1 
ATOM   1311 C CG  . PRO A 1 169 ? 12.513  7.301   2.923   1.00 40.25 ? 169 PRO A CG  1 
ATOM   1312 C CD  . PRO A 1 169 ? 13.487  7.343   1.782   1.00 39.96 ? 169 PRO A CD  1 
ATOM   1313 N N   . SER A 1 170 ? 14.633  11.150  4.388   1.00 44.04 ? 170 SER A N   1 
ATOM   1314 C CA  . SER A 1 170 ? 15.737  11.854  5.058   1.00 52.31 ? 170 SER A CA  1 
ATOM   1315 C C   . SER A 1 170 ? 16.516  10.953  5.964   1.00 55.23 ? 170 SER A C   1 
ATOM   1316 O O   . SER A 1 170 ? 17.726  10.906  5.877   1.00 57.46 ? 170 SER A O   1 
ATOM   1317 C CB  . SER A 1 170 ? 15.197  13.010  5.897   1.00 59.97 ? 170 SER A CB  1 
ATOM   1318 O OG  . SER A 1 170 ? 13.903  13.399  5.459   1.00 67.07 ? 170 SER A OG  1 
ATOM   1319 N N   . SER A 1 171 ? 15.788  10.236  6.828   1.00 59.01 ? 171 SER A N   1 
ATOM   1320 C CA  . SER A 1 171 ? 16.346  9.275   7.777   1.00 60.22 ? 171 SER A CA  1 
ATOM   1321 C C   . SER A 1 171 ? 17.269  8.259   7.149   1.00 62.29 ? 171 SER A C   1 
ATOM   1322 O O   . SER A 1 171 ? 18.214  7.838   7.778   1.00 69.47 ? 171 SER A O   1 
ATOM   1323 C CB  . SER A 1 171 ? 15.214  8.513   8.491   1.00 63.13 ? 171 SER A CB  1 
ATOM   1324 O OG  . SER A 1 171 ? 14.174  9.399   8.899   1.00 70.59 ? 171 SER A OG  1 
ATOM   1325 N N   . PHE A 1 172 ? 16.990  7.842   5.920   1.00 69.87 ? 172 PHE A N   1 
ATOM   1326 C CA  . PHE A 1 172 ? 17.800  6.805   5.254   1.00 68.42 ? 172 PHE A CA  1 
ATOM   1327 C C   . PHE A 1 172 ? 19.131  7.341   4.687   1.00 78.12 ? 172 PHE A C   1 
ATOM   1328 O O   . PHE A 1 172 ? 19.188  8.461   4.146   1.00 75.97 ? 172 PHE A O   1 
ATOM   1329 C CB  . PHE A 1 172 ? 16.967  6.116   4.165   1.00 62.14 ? 172 PHE A CB  1 
ATOM   1330 C CG  . PHE A 1 172 ? 15.722  5.410   4.675   1.00 58.00 ? 172 PHE A CG  1 
ATOM   1331 C CD1 . PHE A 1 172 ? 15.373  5.371   6.035   1.00 58.88 ? 172 PHE A CD1 1 
ATOM   1332 C CD2 . PHE A 1 172 ? 14.924  4.702   3.782   1.00 57.57 ? 172 PHE A CD2 1 
ATOM   1333 C CE1 . PHE A 1 172 ? 14.248  4.684   6.467   1.00 57.59 ? 172 PHE A CE1 1 
ATOM   1334 C CE2 . PHE A 1 172 ? 13.799  4.013   4.212   1.00 55.29 ? 172 PHE A CE2 1 
ATOM   1335 C CZ  . PHE A 1 172 ? 13.461  3.999   5.556   1.00 56.26 ? 172 PHE A CZ  1 
ATOM   1336 N N   . ALA A 1 173 ? 20.188  6.530   4.825   1.00 88.63 ? 173 ALA A N   1 
ATOM   1337 C CA  . ALA A 1 173 ? 21.578  6.935   4.532   1.00 89.66 ? 173 ALA A CA  1 
ATOM   1338 C C   . ALA A 1 173 ? 22.502  5.717   4.497   1.00 88.89 ? 173 ALA A C   1 
ATOM   1339 O O   . ALA A 1 173 ? 22.896  5.258   3.428   1.00 94.32 ? 173 ALA A O   1 
ATOM   1340 C CB  . ALA A 1 173 ? 22.077  7.935   5.575   1.00 85.16 ? 173 ALA A CB  1 
HETATM 1341 C C1  . EDO B 2 .   ? -19.870 -4.944  -7.200  1.00 45.69 ? 201 EDO A C1  1 
HETATM 1342 O O1  . EDO B 2 .   ? -19.093 -5.988  -6.602  1.00 49.54 ? 201 EDO A O1  1 
HETATM 1343 C C2  . EDO B 2 .   ? -20.405 -5.405  -8.551  1.00 54.65 ? 201 EDO A C2  1 
HETATM 1344 O O2  . EDO B 2 .   ? -19.498 -5.059  -9.600  1.00 52.49 ? 201 EDO A O2  1 
HETATM 1345 C C1  . EDO C 2 .   ? -8.083  -12.207 -3.210  1.00 44.93 ? 202 EDO A C1  1 
HETATM 1346 O O1  . EDO C 2 .   ? -9.155  -12.753 -2.439  1.00 50.49 ? 202 EDO A O1  1 
HETATM 1347 C C2  . EDO C 2 .   ? -8.512  -10.830 -3.620  1.00 42.92 ? 202 EDO A C2  1 
HETATM 1348 O O2  . EDO C 2 .   ? -9.437  -10.954 -4.691  1.00 49.39 ? 202 EDO A O2  1 
HETATM 1349 C C4  B GQV D 3 .   ? -9.000  7.478   -1.867  0.50 40.89 ? 203 GQV A C4  1 
HETATM 1350 C C5  B GQV D 3 .   ? -10.451 7.781   -1.611  0.50 40.95 ? 203 GQV A C5  1 
HETATM 1351 O O1  B GQV D 3 .   ? -10.885 8.513   -0.695  0.50 41.93 ? 203 GQV A O1  1 
HETATM 1352 N N   B GQV D 3 .   ? -11.369 7.182   -2.527  0.50 39.82 ? 203 GQV A N   1 
HETATM 1353 C C   B GQV D 3 .   ? -12.828 7.416   -2.376  0.50 37.08 ? 203 GQV A C   1 
HETATM 1354 O O   B GQV D 3 .   ? -7.999  7.920   -1.053  0.50 39.40 ? 203 GQV A O   1 
HETATM 1355 C C3  B GQV D 3 .   ? -8.605  6.706   -2.914  0.50 40.47 ? 203 GQV A C3  1 
HETATM 1356 C C2  B GQV D 3 .   ? -9.601  6.150   -3.768  0.50 40.55 ? 203 GQV A C2  1 
HETATM 1357 C C1  B GQV D 3 .   ? -10.919 6.385   -3.577  0.50 39.42 ? 203 GQV A C1  1 
HETATM 1358 O O   . HOH E 4 .   ? 14.956  -1.558  2.460   1.00 55.70 ? 301 HOH A O   1 
HETATM 1359 O O   . HOH E 4 .   ? -21.296 -6.598  -2.173  1.00 53.73 ? 302 HOH A O   1 
HETATM 1360 O O   . HOH E 4 .   ? -7.052  -7.842  12.527  1.00 55.82 ? 303 HOH A O   1 
HETATM 1361 O O   . HOH E 4 .   ? -4.937  -1.910  -0.329  1.00 32.16 ? 304 HOH A O   1 
HETATM 1362 O O   . HOH E 4 .   ? -5.600  0.419   -18.546 1.00 60.24 ? 305 HOH A O   1 
HETATM 1363 O O   . HOH E 4 .   ? -8.050  7.386   11.419  1.00 42.45 ? 306 HOH A O   1 
HETATM 1364 O O   . HOH E 4 .   ? 12.986  11.507  -7.507  1.00 40.18 ? 307 HOH A O   1 
HETATM 1365 O O   . HOH E 4 .   ? -5.086  -8.366  -14.361 1.00 37.34 ? 308 HOH A O   1 
HETATM 1366 O O   . HOH E 4 .   ? 3.230   13.293  10.707  1.00 78.52 ? 309 HOH A O   1 
HETATM 1367 O O   . HOH E 4 .   ? 7.264   -16.215 -5.111  1.00 54.81 ? 310 HOH A O   1 
HETATM 1368 O O   . HOH E 4 .   ? -5.233  15.217  3.722   1.00 53.98 ? 311 HOH A O   1 
HETATM 1369 O O   . HOH E 4 .   ? -20.946 -1.290  4.763   1.00 29.36 ? 312 HOH A O   1 
HETATM 1370 O O   . HOH E 4 .   ? -11.762 -10.963 -5.737  1.00 50.94 ? 313 HOH A O   1 
HETATM 1371 O O   . HOH E 4 .   ? -6.667  8.141   5.229   1.00 42.15 ? 314 HOH A O   1 
HETATM 1372 O O   . HOH E 4 .   ? -1.393  12.092  -9.419  1.00 47.71 ? 315 HOH A O   1 
HETATM 1373 O O   . HOH E 4 .   ? -12.950 1.242   7.166   1.00 26.52 ? 316 HOH A O   1 
HETATM 1374 O O   . HOH E 4 .   ? -2.694  1.421   13.037  1.00 32.28 ? 317 HOH A O   1 
HETATM 1375 O O   . HOH E 4 .   ? 3.194   5.118   14.265  1.00 35.62 ? 318 HOH A O   1 
HETATM 1376 O O   . HOH E 4 .   ? -9.497  7.424   2.649   1.00 49.85 ? 319 HOH A O   1 
HETATM 1377 O O   . HOH E 4 .   ? -17.776 -14.106 6.276   1.00 35.28 ? 320 HOH A O   1 
HETATM 1378 O O   . HOH E 4 .   ? 4.459   18.453  -9.675  1.00 39.79 ? 321 HOH A O   1 
HETATM 1379 O O   . HOH E 4 .   ? -14.775 -5.047  5.394   1.00 24.43 ? 322 HOH A O   1 
HETATM 1380 O O   . HOH E 4 .   ? 16.212  5.440   16.087  1.00 60.46 ? 323 HOH A O   1 
HETATM 1381 O O   . HOH E 4 .   ? -6.205  -1.483  8.917   1.00 29.78 ? 324 HOH A O   1 
HETATM 1382 O O   . HOH E 4 .   ? -9.817  -9.960  -15.057 1.00 45.44 ? 325 HOH A O   1 
HETATM 1383 O O   . HOH E 4 .   ? 5.744   -16.012 -2.850  1.00 49.08 ? 326 HOH A O   1 
HETATM 1384 O O   . HOH E 4 .   ? 9.232   13.051  -0.902  1.00 27.56 ? 327 HOH A O   1 
HETATM 1385 O O   . HOH E 4 .   ? 9.532   -15.276 -4.357  1.00 64.22 ? 328 HOH A O   1 
HETATM 1386 O O   . HOH E 4 .   ? -14.917 -12.073 7.255   1.00 36.95 ? 329 HOH A O   1 
HETATM 1387 O O   . HOH E 4 .   ? 14.580  3.994   -0.485  1.00 42.32 ? 330 HOH A O   1 
HETATM 1388 O O   . HOH E 4 .   ? -11.600 -13.477 -1.548  1.00 42.54 ? 331 HOH A O   1 
HETATM 1389 O O   . HOH E 4 .   ? -6.898  -12.929 5.054   1.00 37.71 ? 332 HOH A O   1 
HETATM 1390 O O   . HOH E 4 .   ? -10.668 -7.668  9.338   1.00 41.94 ? 333 HOH A O   1 
HETATM 1391 O O   B HOH E 4 .   ? -5.541  9.047   -1.251  0.52 30.51 ? 334 HOH A O   1 
HETATM 1392 O O   A HOH E 4 .   ? -6.707  8.069   -6.053  0.48 7.23  ? 335 HOH A O   1 
HETATM 1393 O O   . HOH E 4 .   ? 3.104   8.334   4.915   1.00 28.63 ? 336 HOH A O   1 
HETATM 1394 O O   . HOH E 4 .   ? -12.520 -10.546 -0.689  1.00 26.80 ? 337 HOH A O   1 
HETATM 1395 O O   . HOH E 4 .   ? -14.829 -11.479 0.340   1.00 27.38 ? 338 HOH A O   1 
HETATM 1396 O O   . HOH E 4 .   ? -5.185  -12.432 -4.400  1.00 41.54 ? 339 HOH A O   1 
HETATM 1397 O O   . HOH E 4 .   ? 0.957   0.890   14.852  1.00 36.28 ? 340 HOH A O   1 
HETATM 1398 O O   . HOH E 4 .   ? 2.808   -12.594 3.299   1.00 31.86 ? 341 HOH A O   1 
HETATM 1399 O O   . HOH E 4 .   ? 3.601   15.070  2.011   1.00 30.77 ? 342 HOH A O   1 
HETATM 1400 O O   . HOH E 4 .   ? 17.540  7.494   -5.438  1.00 53.83 ? 343 HOH A O   1 
HETATM 1401 O O   . HOH E 4 .   ? 13.085  -13.867 -5.119  1.00 68.13 ? 344 HOH A O   1 
HETATM 1402 O O   . HOH E 4 .   ? -7.946  12.742  2.026   1.00 50.08 ? 345 HOH A O   1 
HETATM 1403 O O   . HOH E 4 .   ? -0.287  -10.179 12.236  1.00 70.80 ? 346 HOH A O   1 
HETATM 1404 O O   . HOH E 4 .   ? -2.114  5.515   13.053  1.00 47.08 ? 347 HOH A O   1 
HETATM 1405 O O   A HOH E 4 .   ? -6.514  6.473   -3.355  0.48 52.90 ? 348 HOH A O   1 
HETATM 1406 O O   . HOH E 4 .   ? 6.559   14.647  -5.525  1.00 33.19 ? 349 HOH A O   1 
HETATM 1407 O O   . HOH E 4 .   ? -17.026 -8.111  -4.262  1.00 48.66 ? 350 HOH A O   1 
HETATM 1408 O O   . HOH E 4 .   ? -1.940  5.689   -15.891 1.00 36.16 ? 351 HOH A O   1 
HETATM 1409 O O   . HOH E 4 .   ? 12.442  -4.162  -3.557  1.00 65.82 ? 352 HOH A O   1 
HETATM 1410 O O   . HOH E 4 .   ? 13.210  -8.391  2.532   1.00 51.85 ? 353 HOH A O   1 
HETATM 1411 O O   . HOH E 4 .   ? 6.951   12.369  8.273   1.00 38.57 ? 354 HOH A O   1 
HETATM 1412 O O   . HOH E 4 .   ? 10.685  16.074  -0.947  1.00 58.31 ? 355 HOH A O   1 
HETATM 1413 O O   . HOH E 4 .   ? 16.065  11.253  -3.163  1.00 29.99 ? 356 HOH A O   1 
HETATM 1414 O O   . HOH E 4 .   ? 2.832   -5.435  -9.161  1.00 35.74 ? 357 HOH A O   1 
HETATM 1415 O O   . HOH E 4 .   ? -3.272  -13.427 7.436   1.00 81.54 ? 358 HOH A O   1 
HETATM 1416 O O   . HOH E 4 .   ? -11.647 -7.855  -10.295 1.00 41.45 ? 359 HOH A O   1 
HETATM 1417 O O   . HOH E 4 .   ? 2.774   6.601   7.055   1.00 24.24 ? 360 HOH A O   1 
HETATM 1418 O O   . HOH E 4 .   ? -1.679  8.439   -19.555 1.00 52.25 ? 361 HOH A O   1 
HETATM 1419 O O   . HOH E 4 .   ? -16.842 -12.888 -1.017  1.00 29.99 ? 362 HOH A O   1 
HETATM 1420 O O   . HOH E 4 .   ? -14.219 -4.025  -19.600 1.00 52.44 ? 363 HOH A O   1 
HETATM 1421 O O   . HOH E 4 .   ? -16.867 -5.576  -13.664 1.00 35.01 ? 364 HOH A O   1 
HETATM 1422 O O   . HOH E 4 .   ? -4.639  11.497  3.668   1.00 59.10 ? 365 HOH A O   1 
HETATM 1423 O O   . HOH E 4 .   ? -11.401 -4.318  7.175   1.00 27.58 ? 366 HOH A O   1 
HETATM 1424 O O   . HOH E 4 .   ? 8.527   13.703  -3.539  1.00 32.83 ? 367 HOH A O   1 
HETATM 1425 O O   . HOH E 4 .   ? 6.401   22.524  -3.460  1.00 31.05 ? 368 HOH A O   1 
HETATM 1426 O O   . HOH E 4 .   ? 15.411  4.092   -2.781  1.00 37.33 ? 369 HOH A O   1 
HETATM 1427 O O   . HOH E 4 .   ? -2.702  -10.933 -5.170  1.00 44.29 ? 370 HOH A O   1 
HETATM 1428 O O   . HOH E 4 .   ? -1.822  -2.312  14.171  1.00 53.82 ? 371 HOH A O   1 
HETATM 1429 O O   . HOH E 4 .   ? 14.306  1.712   1.520   1.00 39.59 ? 372 HOH A O   1 
HETATM 1430 O O   . HOH E 4 .   ? -3.173  12.217  5.085   1.00 40.16 ? 373 HOH A O   1 
HETATM 1431 O O   A HOH E 4 .   ? -6.674  0.824   -0.491  0.50 24.93 ? 374 HOH A O   1 
HETATM 1432 O O   B HOH E 4 .   ? -6.461  2.149   -2.250  0.50 15.45 ? 374 HOH A O   1 
HETATM 1433 O O   . HOH E 4 .   ? 14.560  0.613   -7.107  1.00 63.15 ? 375 HOH A O   1 
HETATM 1434 O O   . HOH E 4 .   ? -11.453 -2.800  -20.397 1.00 60.88 ? 376 HOH A O   1 
HETATM 1435 O O   . HOH E 4 .   ? 2.366   19.711  -8.925  1.00 45.17 ? 377 HOH A O   1 
HETATM 1436 O O   A HOH E 4 .   ? -9.495  7.152   -2.657  0.48 40.51 ? 378 HOH A O   1 
HETATM 1437 O O   . HOH E 4 .   ? 4.998   5.403   -16.824 1.00 61.88 ? 379 HOH A O   1 
HETATM 1438 O O   . HOH E 4 .   ? -5.494  -6.757  -20.152 1.00 56.51 ? 380 HOH A O   1 
HETATM 1439 O O   . HOH E 4 .   ? 19.232  0.185   -6.769  1.00 79.29 ? 381 HOH A O   1 
HETATM 1440 O O   . HOH E 4 .   ? 4.450   -3.442  -10.361 1.00 44.61 ? 382 HOH A O   1 
HETATM 1441 O O   . HOH E 4 .   ? -17.110 0.661   11.230  1.00 46.37 ? 383 HOH A O   1 
HETATM 1442 O O   . HOH E 4 .   ? -5.877  -12.288 7.483   1.00 41.43 ? 384 HOH A O   1 
HETATM 1443 O O   . HOH E 4 .   ? -2.080  -11.966 -7.583  1.00 45.39 ? 385 HOH A O   1 
HETATM 1444 O O   . HOH E 4 .   ? -13.171 -9.974  -4.066  1.00 47.12 ? 386 HOH A O   1 
HETATM 1445 O O   . HOH E 4 .   ? -1.371  8.102   12.913  1.00 48.66 ? 387 HOH A O   1 
HETATM 1446 O O   . HOH E 4 .   ? 14.231  -3.919  -4.588  1.00 48.27 ? 388 HOH A O   1 
HETATM 1447 O O   . HOH E 4 .   ? -7.595  -9.234  9.613   1.00 32.88 ? 389 HOH A O   1 
HETATM 1448 O O   . HOH E 4 .   ? 7.172   -7.178  11.453  1.00 52.32 ? 390 HOH A O   1 
HETATM 1449 O O   . HOH E 4 .   ? 9.049   1.361   -10.182 1.00 40.68 ? 391 HOH A O   1 
# 
